data_6Q0W
#
_entry.id   6Q0W
#
_cell.length_a   93.973
_cell.length_b   81.799
_cell.length_c   260.978
_cell.angle_alpha   90
_cell.angle_beta   90
_cell.angle_gamma   90
#
_symmetry.space_group_name_H-M   'P 21 21 21'
#
loop_
_entity.id
_entity.type
_entity.pdbx_description
1 polymer 'DNA damage-binding protein 1'
2 polymer 'DDB1- and CUL4-associated factor 15'
3 polymer 'DDB1- and CUL4-associated factor 15'
4 polymer 'RNA-binding protein 39'
5 polymer 'DET1- and DDB1-associated protein 1'
6 non-polymer N~1~-(3-chloro-1H-indol-7-yl)benzene-1,4-disulfonamide
7 non-polymer 'ZINC ION'
8 water water
#
loop_
_entity_poly.entity_id
_entity_poly.type
_entity_poly.pdbx_seq_one_letter_code
_entity_poly.pdbx_strand_id
1 'polypeptide(L)'
;MGSSHHHHHHSAAHIVMVDAYKPTKGGRMSYNYVVTAQKPTAVNGCVTGHFTSAEDLNLLIAKNTRLEIYVVTAEGLRPV
KEVGMYGKIAVMELFRPKGESKDLLFILTAKYNACILEYKQSGESIDIITRAHGNVQDRIGRPSETGIIGIIDPECRMIG
LRLYDGLFKVIPLDRDNKELKAFNIRLEELHVIDVKFLYGCQAPTICFVYQDPQGRHVKTYEVSLREKEFNKGPWKQENV
EAEASMVIAVPEPFGGAIIIGQESITYHNGDKYLAIAPPIIKQSTIVCHNRVDPNGSRYLLGDMEGRLFMLLLEKEEQMD
GTVTLKDLRVELLGETSIAECLTYLDNGVVFVGSRLGDSQLVKLNVDSNEQGSYVVAMETFTNLGPIVDMCVVDLERQGQ
GQLVTCSGAFKEGSLRIIRNGIGGNGNSGEIQKLHIRTVPLYESPRKICYQEVSQCFGVLSSRIEVQDTSGGTTALRPSA
STQALSSSVSSSKLFSSSTAPHETSFGEEVEVHNLLIIDQHTFEVLHAHQFLQNEYALSLVSCKLGKDPNTYFIVGTAMV
YPEEAEPKQGRIVVFQYSDGKLQTVAEKEVKGAVYSMVEFNGKLLASINSTVRLYEWTTEKELRTECNHYNNIMALYLKT
KGDFILVGDLMRSVLLLAYKPMEGNFEEIARDFNPNWMSAVEILDDDNFLGAENAFNLFVCQKDSAATTDEERQHLQEVG
LFHLGEFVNVFCHGSLVMQNLGETSTPTQGSVLFGTVNGMIGLVTSLSESWYNLLLDMQNRLNKVIKSVGKIEHSFWRSF
HTERKTEPATGFIDGDLIESFLDISRPKMQEVVANLQYDDGSGMKREATADDLIKVVEELTRIH
;
A
2 'polypeptide(L)'
;MDWSHPQFEKSAVGLNDIFEAQKIEWHEGGGGSGENLYFQGGGRMGRRREHVLKQLERVKISGQLSPRLFRKLPPRVCVS
LKNIVDEDFLYAGHIFLGFSKCGRYVLSYTSSSGDDDFSFYIYHLYWWEFNVHSKLKLVRQVRLFQDEEIYSDLYLTVCE
WPSDASKVIVFGFNTRSANGMLMNMMMMSDENHRDIYVSTVAVPPPGRCAACQDASRAHPGDPNAQCLRHGFMLHTKYQV
VYPFPTFQPAFQLKKDQVVLLNTSYSLVACAVSVHS
;
B
3 'polypeptide(L)'
;MDWSHPQFEKSAVGLNDIFEAQKIEWHEGGGGSGENLYFQGGGRMEPGYVNYTKLYYVLESGEGTEPEDELEDDKISLPF
VVTDLRGRNLRPMRERTAVQGQYLTVEQLTLDFEYVINEVIRHDATWGHQFCSFSDYDIVILEVCPETNQVLINIGLLLL
AFPSPTEEGQLRPKTYHTSLKVAWDLNTGIFETVSVGDLTEVKGQTSGSVWSSYRKSCVDMVMKWLVPESSGRYVNRMTN
EALHKGCSLKVLADSERYTWIVL
;
C
4 'polypeptide(L)'
;MGSSHHHHHHSAVDENLYFQGGGRMRLYVGSLHFNITEDMLRGIFEPFGRIESIQLMMDSETGRSKGYGFITFSDSECAK
KALEQLNGFELAGRPMKVGHVTERTDA
;
D
5 'polypeptide(L)'
;MGSSHHHHHHSAVDENLYFQGGGRMADFLKGLPVYNKSNFSRFHADSVCKASNRRPSVYLPTREYPSEQIIVTEKTNILL
RYLHQQWDKKNAAKKRDQEQVELEGESSAPPRKVARTDSPDMHEDT
;
E
#
# COMPACT_ATOMS: atom_id res chain seq x y z
N MET A 29 15.58 23.72 14.18
CA MET A 29 14.48 22.81 14.50
C MET A 29 13.10 23.44 14.21
N SER A 30 12.19 22.65 13.63
CA SER A 30 10.85 23.09 13.26
C SER A 30 9.77 22.53 14.16
N TYR A 31 8.95 23.44 14.70
CA TYR A 31 7.83 23.10 15.57
C TYR A 31 6.55 23.60 14.92
N ASN A 32 5.60 22.68 14.70
CA ASN A 32 4.36 23.01 14.03
C ASN A 32 3.13 22.59 14.80
N TYR A 33 2.02 23.30 14.56
CA TYR A 33 0.74 23.11 15.19
C TYR A 33 -0.30 22.89 14.07
N VAL A 34 -1.01 21.76 14.12
CA VAL A 34 -2.04 21.41 13.13
C VAL A 34 -3.39 21.35 13.82
N VAL A 35 -4.39 22.08 13.28
CA VAL A 35 -5.74 22.12 13.85
C VAL A 35 -6.80 22.06 12.75
N THR A 36 -7.96 21.46 13.07
CA THR A 36 -9.08 21.33 12.15
C THR A 36 -9.89 22.62 12.15
N ALA A 37 -10.14 23.17 10.95
CA ALA A 37 -10.96 24.36 10.74
C ALA A 37 -12.36 23.86 10.36
N GLN A 38 -12.42 22.79 9.53
CA GLN A 38 -13.65 22.14 9.08
C GLN A 38 -13.45 20.62 9.12
N LYS A 39 -14.29 19.91 9.87
CA LYS A 39 -14.26 18.45 10.01
C LYS A 39 -14.57 17.78 8.66
N PRO A 40 -14.09 16.52 8.40
CA PRO A 40 -14.45 15.85 7.13
C PRO A 40 -15.96 15.76 6.96
N THR A 41 -16.44 16.06 5.73
CA THR A 41 -17.87 16.11 5.39
C THR A 41 -18.33 14.94 4.51
N ALA A 42 -17.39 14.27 3.81
CA ALA A 42 -17.69 13.13 2.93
C ALA A 42 -18.11 11.93 3.77
N VAL A 43 -19.12 11.17 3.30
CA VAL A 43 -19.55 9.99 4.05
C VAL A 43 -19.00 8.74 3.36
N ASN A 44 -18.31 7.90 4.15
CA ASN A 44 -17.70 6.67 3.66
C ASN A 44 -18.44 5.40 4.11
N GLY A 45 -19.41 5.57 5.01
CA GLY A 45 -20.21 4.46 5.52
C GLY A 45 -21.44 4.90 6.28
N CYS A 46 -22.51 4.08 6.20
CA CYS A 46 -23.76 4.31 6.91
C CYS A 46 -24.45 2.98 7.20
N VAL A 47 -24.87 2.77 8.46
CA VAL A 47 -25.55 1.54 8.90
C VAL A 47 -26.76 1.86 9.79
N THR A 48 -27.77 0.99 9.75
CA THR A 48 -28.97 1.09 10.58
C THR A 48 -29.03 -0.15 11.50
N GLY A 49 -29.60 0.04 12.69
CA GLY A 49 -29.75 -1.02 13.68
C GLY A 49 -30.30 -0.49 14.99
N HIS A 50 -30.18 -1.28 16.06
CA HIS A 50 -30.69 -0.93 17.39
C HIS A 50 -29.53 -0.92 18.37
N PHE A 51 -28.73 0.16 18.29
CA PHE A 51 -27.51 0.35 19.07
C PHE A 51 -27.69 1.10 20.38
N THR A 52 -28.45 2.22 20.39
CA THR A 52 -28.66 3.03 21.59
C THR A 52 -29.61 2.35 22.58
N SER A 53 -30.55 1.54 22.06
CA SER A 53 -31.54 0.75 22.81
C SER A 53 -32.18 -0.25 21.84
N ALA A 54 -32.84 -1.29 22.39
CA ALA A 54 -33.54 -2.32 21.60
C ALA A 54 -34.72 -1.72 20.81
N GLU A 55 -35.33 -0.66 21.35
CA GLU A 55 -36.49 0.04 20.79
C GLU A 55 -36.13 1.06 19.72
N ASP A 56 -35.00 1.78 19.90
CA ASP A 56 -34.56 2.81 18.96
C ASP A 56 -34.04 2.26 17.65
N LEU A 57 -34.42 2.91 16.55
CA LEU A 57 -33.88 2.62 15.23
C LEU A 57 -32.82 3.68 15.07
N ASN A 58 -31.57 3.27 14.86
CA ASN A 58 -30.46 4.19 14.75
C ASN A 58 -29.94 4.29 13.34
N LEU A 59 -29.31 5.43 13.04
CA LEU A 59 -28.55 5.66 11.83
C LEU A 59 -27.16 6.04 12.31
N LEU A 60 -26.15 5.29 11.87
CA LEU A 60 -24.75 5.55 12.19
C LEU A 60 -24.08 5.98 10.90
N ILE A 61 -23.34 7.09 10.93
CA ILE A 61 -22.64 7.63 9.77
C ILE A 61 -21.14 7.73 10.05
N ALA A 62 -20.30 7.19 9.15
CA ALA A 62 -18.85 7.29 9.27
C ALA A 62 -18.34 8.34 8.30
N LYS A 63 -17.67 9.37 8.83
CA LYS A 63 -17.08 10.47 8.07
C LYS A 63 -15.58 10.46 8.40
N ASN A 64 -14.89 9.43 7.88
CA ASN A 64 -13.47 9.16 8.08
C ASN A 64 -13.16 8.85 9.55
N THR A 65 -12.76 9.87 10.33
CA THR A 65 -12.42 9.72 11.75
C THR A 65 -13.64 9.91 12.64
N ARG A 66 -14.72 10.51 12.09
CA ARG A 66 -15.95 10.85 12.80
C ARG A 66 -17.04 9.80 12.70
N LEU A 67 -17.69 9.49 13.84
CA LEU A 67 -18.82 8.57 13.94
C LEU A 67 -20.00 9.37 14.49
N GLU A 68 -21.08 9.48 13.70
CA GLU A 68 -22.29 10.20 14.08
C GLU A 68 -23.38 9.20 14.41
N ILE A 69 -24.00 9.34 15.60
CA ILE A 69 -25.07 8.46 16.08
C ILE A 69 -26.37 9.26 16.13
N TYR A 70 -27.41 8.74 15.46
CA TYR A 70 -28.73 9.37 15.42
C TYR A 70 -29.80 8.37 15.80
N VAL A 71 -30.94 8.88 16.30
CA VAL A 71 -32.14 8.09 16.58
C VAL A 71 -33.15 8.52 15.52
N VAL A 72 -33.70 7.55 14.78
CA VAL A 72 -34.73 7.82 13.77
C VAL A 72 -36.01 8.08 14.57
N THR A 73 -36.38 9.37 14.69
CA THR A 73 -37.52 9.83 15.50
C THR A 73 -38.67 10.35 14.64
N ALA A 74 -39.81 10.70 15.28
CA ALA A 74 -41.02 11.27 14.65
C ALA A 74 -40.72 12.53 13.83
N GLU A 75 -39.72 13.33 14.27
CA GLU A 75 -39.28 14.55 13.62
C GLU A 75 -38.42 14.26 12.38
N GLY A 76 -37.61 13.20 12.45
CA GLY A 76 -36.72 12.77 11.38
C GLY A 76 -35.27 13.07 11.67
N LEU A 77 -34.54 12.08 12.23
CA LEU A 77 -33.13 12.12 12.62
C LEU A 77 -32.86 13.06 13.81
N ARG A 78 -32.72 12.46 15.00
CA ARG A 78 -32.42 13.15 16.24
C ARG A 78 -30.95 12.85 16.57
N PRO A 79 -30.04 13.86 16.55
CA PRO A 79 -28.63 13.55 16.87
C PRO A 79 -28.49 13.21 18.36
N VAL A 80 -27.75 12.12 18.69
CA VAL A 80 -27.60 11.76 20.10
C VAL A 80 -26.16 11.97 20.56
N LYS A 81 -25.17 11.55 19.73
CA LYS A 81 -23.76 11.77 20.03
C LYS A 81 -22.87 11.55 18.82
N GLU A 82 -21.84 12.40 18.72
CA GLU A 82 -20.83 12.35 17.68
C GLU A 82 -19.49 12.11 18.37
N VAL A 83 -18.80 11.05 17.97
CA VAL A 83 -17.51 10.70 18.55
C VAL A 83 -16.43 10.67 17.48
N GLY A 84 -15.27 11.16 17.85
CA GLY A 84 -14.09 11.14 16.99
C GLY A 84 -13.21 10.00 17.44
N MET A 85 -12.91 9.07 16.53
CA MET A 85 -12.05 7.93 16.82
C MET A 85 -10.63 8.28 16.43
N TYR A 86 -9.65 7.73 17.16
CA TYR A 86 -8.23 7.94 16.84
C TYR A 86 -7.84 6.96 15.73
N GLY A 87 -8.53 7.07 14.59
CA GLY A 87 -8.33 6.22 13.43
C GLY A 87 -9.30 6.50 12.29
N LYS A 88 -8.92 6.09 11.08
CA LYS A 88 -9.75 6.22 9.89
C LYS A 88 -10.68 5.00 9.88
N ILE A 89 -12.00 5.22 10.03
CA ILE A 89 -12.97 4.11 10.06
C ILE A 89 -13.01 3.36 8.72
N ALA A 90 -12.59 2.08 8.73
CA ALA A 90 -12.56 1.24 7.53
C ALA A 90 -13.73 0.27 7.50
N VAL A 91 -14.06 -0.33 8.65
CA VAL A 91 -15.18 -1.26 8.81
C VAL A 91 -16.10 -0.73 9.91
N MET A 92 -17.41 -0.73 9.66
CA MET A 92 -18.42 -0.29 10.62
C MET A 92 -19.64 -1.17 10.43
N GLU A 93 -19.84 -2.12 11.37
CA GLU A 93 -20.93 -3.08 11.30
C GLU A 93 -21.60 -3.31 12.63
N LEU A 94 -22.94 -3.30 12.63
CA LEU A 94 -23.74 -3.59 13.81
C LEU A 94 -24.05 -5.08 13.80
N PHE A 95 -24.01 -5.72 14.96
CA PHE A 95 -24.27 -7.16 15.11
C PHE A 95 -24.84 -7.46 16.48
N ARG A 96 -25.66 -8.52 16.59
CA ARG A 96 -26.22 -8.87 17.88
C ARG A 96 -25.95 -10.32 18.26
N PRO A 97 -24.89 -10.55 19.07
CA PRO A 97 -24.61 -11.91 19.54
C PRO A 97 -25.60 -12.33 20.63
N LYS A 98 -25.65 -13.64 20.96
CA LYS A 98 -26.56 -14.19 21.98
C LYS A 98 -26.33 -13.55 23.35
N GLY A 99 -27.44 -13.28 24.04
CA GLY A 99 -27.43 -12.67 25.37
C GLY A 99 -27.48 -11.16 25.38
N GLU A 100 -27.27 -10.50 24.21
CA GLU A 100 -27.32 -9.04 24.12
C GLU A 100 -28.73 -8.54 23.96
N SER A 101 -29.09 -7.51 24.72
CA SER A 101 -30.41 -6.90 24.64
C SER A 101 -30.48 -5.92 23.47
N LYS A 102 -29.31 -5.41 23.00
CA LYS A 102 -29.21 -4.47 21.88
C LYS A 102 -27.99 -4.83 21.01
N ASP A 103 -27.87 -4.19 19.83
CA ASP A 103 -26.77 -4.41 18.89
C ASP A 103 -25.46 -3.85 19.45
N LEU A 104 -24.36 -4.54 19.14
CA LEU A 104 -23.01 -4.12 19.48
C LEU A 104 -22.40 -3.60 18.17
N LEU A 105 -21.35 -2.78 18.28
CA LEU A 105 -20.73 -2.19 17.11
C LEU A 105 -19.32 -2.68 16.90
N PHE A 106 -19.02 -3.17 15.70
CA PHE A 106 -17.67 -3.57 15.35
C PHE A 106 -17.06 -2.49 14.48
N ILE A 107 -15.86 -2.04 14.86
CA ILE A 107 -15.11 -1.05 14.11
C ILE A 107 -13.69 -1.53 13.91
N LEU A 108 -13.21 -1.38 12.67
CA LEU A 108 -11.82 -1.63 12.30
C LEU A 108 -11.33 -0.36 11.63
N THR A 109 -10.16 0.15 12.07
CA THR A 109 -9.56 1.35 11.50
C THR A 109 -8.59 0.98 10.38
N ALA A 110 -8.10 1.98 9.61
CA ALA A 110 -7.13 1.79 8.54
C ALA A 110 -5.78 1.30 9.09
N LYS A 111 -5.49 1.60 10.39
CA LYS A 111 -4.27 1.16 11.09
C LYS A 111 -4.49 -0.19 11.81
N TYR A 112 -5.59 -0.90 11.46
CA TYR A 112 -5.96 -2.24 11.92
C TYR A 112 -6.34 -2.34 13.41
N ASN A 113 -6.83 -1.23 13.99
CA ASN A 113 -7.31 -1.22 15.37
C ASN A 113 -8.71 -1.79 15.33
N ALA A 114 -8.93 -2.95 15.96
CA ALA A 114 -10.24 -3.61 16.01
C ALA A 114 -10.86 -3.39 17.36
N CYS A 115 -12.18 -3.18 17.40
CA CYS A 115 -12.92 -2.99 18.65
C CYS A 115 -14.37 -3.36 18.53
N ILE A 116 -14.95 -3.82 19.65
CA ILE A 116 -16.37 -4.10 19.78
C ILE A 116 -16.88 -3.15 20.85
N LEU A 117 -17.83 -2.29 20.47
CA LEU A 117 -18.35 -1.23 21.31
C LEU A 117 -19.79 -1.42 21.71
N GLU A 118 -20.13 -0.99 22.93
CA GLU A 118 -21.48 -1.04 23.48
C GLU A 118 -21.91 0.36 23.93
N TYR A 119 -23.12 0.77 23.54
CA TYR A 119 -23.67 2.06 23.93
C TYR A 119 -24.37 1.85 25.27
N LYS A 120 -24.05 2.69 26.26
CA LYS A 120 -24.66 2.61 27.59
C LYS A 120 -25.18 3.97 28.02
N GLN A 121 -26.47 4.04 28.35
CA GLN A 121 -27.07 5.26 28.86
C GLN A 121 -27.66 5.02 30.25
N SER A 122 -27.32 5.90 31.20
CA SER A 122 -27.82 5.86 32.57
C SER A 122 -28.32 7.26 32.92
N GLY A 123 -29.63 7.46 32.70
CA GLY A 123 -30.31 8.73 32.90
C GLY A 123 -29.87 9.73 31.86
N GLU A 124 -29.06 10.73 32.29
CA GLU A 124 -28.52 11.77 31.41
C GLU A 124 -27.07 11.45 30.99
N SER A 125 -26.48 10.40 31.61
CA SER A 125 -25.10 9.98 31.33
C SER A 125 -25.02 8.98 30.17
N ILE A 126 -24.17 9.30 29.18
CA ILE A 126 -23.94 8.47 27.99
C ILE A 126 -22.48 8.03 27.92
N ASP A 127 -22.23 6.72 27.78
CA ASP A 127 -20.88 6.14 27.68
C ASP A 127 -20.79 5.07 26.59
N ILE A 128 -19.68 5.06 25.84
CA ILE A 128 -19.40 4.06 24.81
C ILE A 128 -18.35 3.14 25.40
N ILE A 129 -18.78 1.94 25.78
CA ILE A 129 -17.95 0.91 26.42
C ILE A 129 -17.19 0.07 25.38
N THR A 130 -15.89 -0.16 25.62
CA THR A 130 -15.07 -1.03 24.78
C THR A 130 -15.20 -2.43 25.38
N ARG A 131 -15.91 -3.32 24.68
CA ARG A 131 -16.15 -4.70 25.11
C ARG A 131 -14.93 -5.56 24.88
N ALA A 132 -14.21 -5.32 23.76
CA ALA A 132 -12.97 -5.99 23.36
C ALA A 132 -12.23 -5.13 22.34
N HIS A 133 -10.90 -5.20 22.34
CA HIS A 133 -10.05 -4.45 21.43
C HIS A 133 -8.69 -5.08 21.24
N GLY A 134 -8.04 -4.72 20.14
CA GLY A 134 -6.71 -5.20 19.79
C GLY A 134 -6.37 -4.87 18.36
N ASN A 135 -5.07 -4.87 18.05
CA ASN A 135 -4.60 -4.59 16.70
C ASN A 135 -4.48 -5.89 15.94
N VAL A 136 -5.11 -5.98 14.75
CA VAL A 136 -5.12 -7.23 13.97
C VAL A 136 -4.19 -7.19 12.74
N GLN A 137 -3.24 -6.25 12.72
CA GLN A 137 -2.27 -6.12 11.62
C GLN A 137 -1.33 -7.33 11.62
N ASP A 138 -0.94 -7.78 10.41
CA ASP A 138 0.04 -8.84 10.20
C ASP A 138 1.30 -8.17 9.67
N ARG A 139 2.49 -8.61 10.12
CA ARG A 139 3.76 -8.05 9.63
C ARG A 139 3.93 -8.41 8.14
N ILE A 140 3.57 -9.66 7.80
CA ILE A 140 3.58 -10.20 6.44
C ILE A 140 2.26 -9.79 5.74
N GLY A 141 2.13 -10.08 4.46
CA GLY A 141 0.91 -9.77 3.72
C GLY A 141 0.88 -8.36 3.17
N ARG A 142 0.42 -8.24 1.91
CA ARG A 142 0.31 -6.99 1.20
C ARG A 142 -1.13 -6.52 1.07
N PRO A 143 -1.43 -5.26 1.50
CA PRO A 143 -2.81 -4.74 1.39
C PRO A 143 -3.44 -4.96 0.03
N SER A 144 -4.70 -5.42 0.04
CA SER A 144 -5.46 -5.76 -1.15
C SER A 144 -5.90 -4.56 -1.99
N GLU A 145 -6.14 -4.82 -3.28
CA GLU A 145 -6.56 -3.85 -4.29
C GLU A 145 -7.93 -3.24 -3.96
N THR A 146 -8.94 -4.09 -3.68
CA THR A 146 -10.28 -3.59 -3.35
C THR A 146 -10.37 -3.21 -1.83
N GLY A 147 -9.20 -3.09 -1.18
CA GLY A 147 -9.04 -2.65 0.20
C GLY A 147 -9.54 -3.56 1.31
N ILE A 148 -9.69 -2.99 2.53
CA ILE A 148 -10.17 -3.73 3.70
C ILE A 148 -11.63 -4.12 3.55
N ILE A 149 -11.94 -5.41 3.79
CA ILE A 149 -13.29 -5.95 3.81
C ILE A 149 -13.49 -6.59 5.18
N GLY A 150 -14.54 -6.17 5.88
CA GLY A 150 -14.91 -6.69 7.19
C GLY A 150 -16.35 -7.18 7.17
N ILE A 151 -16.54 -8.45 7.48
CA ILE A 151 -17.86 -9.10 7.46
C ILE A 151 -18.15 -9.87 8.74
N ILE A 152 -19.43 -9.92 9.14
CA ILE A 152 -19.84 -10.64 10.33
C ILE A 152 -20.86 -11.71 9.97
N ASP A 153 -20.64 -12.92 10.48
CA ASP A 153 -21.50 -14.07 10.26
C ASP A 153 -22.92 -13.78 10.80
N PRO A 154 -24.02 -14.13 10.06
CA PRO A 154 -25.38 -13.83 10.56
C PRO A 154 -25.74 -14.44 11.93
N GLU A 155 -25.12 -15.58 12.30
CA GLU A 155 -25.32 -16.24 13.59
C GLU A 155 -24.32 -15.73 14.65
N CYS A 156 -23.50 -14.71 14.28
CA CYS A 156 -22.47 -14.09 15.13
C CYS A 156 -21.46 -15.09 15.67
N ARG A 157 -21.12 -16.11 14.86
CA ARG A 157 -20.15 -17.14 15.24
C ARG A 157 -18.72 -16.62 15.14
N MET A 158 -18.48 -15.63 14.23
CA MET A 158 -17.16 -15.06 13.97
C MET A 158 -17.21 -13.75 13.16
N ILE A 159 -16.07 -13.05 13.11
CA ILE A 159 -15.84 -11.87 12.27
C ILE A 159 -14.80 -12.32 11.25
N GLY A 160 -15.05 -12.01 9.98
CA GLY A 160 -14.15 -12.31 8.88
C GLY A 160 -13.53 -11.04 8.32
N LEU A 161 -12.22 -11.04 8.10
CA LEU A 161 -11.53 -9.87 7.56
C LEU A 161 -10.64 -10.22 6.38
N ARG A 162 -10.78 -9.46 5.30
CA ARG A 162 -9.92 -9.57 4.14
C ARG A 162 -9.07 -8.31 4.17
N LEU A 163 -7.86 -8.45 4.71
CA LEU A 163 -6.92 -7.34 4.85
C LEU A 163 -5.81 -7.42 3.82
N TYR A 164 -5.31 -8.63 3.57
CA TYR A 164 -4.20 -8.88 2.66
C TYR A 164 -4.52 -9.96 1.65
N ASP A 165 -3.82 -9.97 0.51
CA ASP A 165 -3.99 -10.98 -0.52
C ASP A 165 -3.45 -12.31 -0.02
N GLY A 166 -4.20 -13.38 -0.28
CA GLY A 166 -3.84 -14.74 0.10
C GLY A 166 -4.18 -15.17 1.51
N LEU A 167 -4.75 -14.27 2.33
CA LEU A 167 -5.12 -14.54 3.73
C LEU A 167 -6.55 -14.11 4.06
N PHE A 168 -7.24 -14.95 4.86
CA PHE A 168 -8.56 -14.65 5.39
C PHE A 168 -8.43 -14.69 6.93
N LYS A 169 -8.57 -13.53 7.60
CA LYS A 169 -8.46 -13.45 9.06
C LYS A 169 -9.79 -13.69 9.74
N VAL A 170 -9.79 -14.57 10.75
CA VAL A 170 -11.01 -14.91 11.48
C VAL A 170 -10.89 -14.61 12.96
N ILE A 171 -11.81 -13.79 13.48
CA ILE A 171 -11.91 -13.44 14.90
C ILE A 171 -13.11 -14.24 15.44
N PRO A 172 -12.87 -15.32 16.22
CA PRO A 172 -14.00 -16.08 16.78
C PRO A 172 -14.79 -15.23 17.78
N LEU A 173 -16.13 -15.23 17.68
CA LEU A 173 -16.96 -14.47 18.58
C LEU A 173 -17.42 -15.32 19.76
N ASP A 174 -16.50 -15.53 20.71
CA ASP A 174 -16.75 -16.29 21.94
C ASP A 174 -16.79 -15.30 23.11
N ARG A 175 -17.83 -15.39 23.95
CA ARG A 175 -17.97 -14.46 25.08
C ARG A 175 -17.35 -14.98 26.38
N ASP A 176 -17.28 -16.32 26.53
CA ASP A 176 -16.74 -16.95 27.73
C ASP A 176 -15.23 -17.25 27.64
N ASN A 177 -14.43 -16.27 27.18
CA ASN A 177 -12.97 -16.38 27.08
C ASN A 177 -12.28 -15.03 27.17
N LYS A 178 -11.21 -14.95 27.99
CA LYS A 178 -10.39 -13.75 28.25
C LYS A 178 -9.88 -13.05 26.99
N GLU A 179 -9.47 -13.82 25.97
CA GLU A 179 -8.95 -13.28 24.71
C GLU A 179 -9.59 -13.88 23.47
N LEU A 180 -9.88 -13.04 22.48
CA LEU A 180 -10.46 -13.44 21.21
C LEU A 180 -9.30 -13.75 20.27
N LYS A 181 -8.76 -14.98 20.37
CA LYS A 181 -7.62 -15.46 19.60
C LYS A 181 -7.92 -15.59 18.10
N ALA A 182 -7.55 -14.55 17.32
CA ALA A 182 -7.73 -14.48 15.88
C ALA A 182 -6.68 -15.28 15.13
N PHE A 183 -7.07 -15.88 14.01
CA PHE A 183 -6.16 -16.69 13.20
C PHE A 183 -6.35 -16.43 11.71
N ASN A 184 -5.33 -16.77 10.93
CA ASN A 184 -5.32 -16.61 9.48
C ASN A 184 -5.52 -17.94 8.78
N ILE A 185 -6.32 -17.95 7.73
CA ILE A 185 -6.52 -19.12 6.87
C ILE A 185 -5.99 -18.70 5.50
N ARG A 186 -5.13 -19.54 4.91
CA ARG A 186 -4.58 -19.28 3.57
C ARG A 186 -5.69 -19.39 2.54
N LEU A 187 -5.80 -18.37 1.71
CA LEU A 187 -6.76 -18.29 0.62
C LEU A 187 -5.96 -18.50 -0.67
N GLU A 188 -6.29 -19.57 -1.43
CA GLU A 188 -5.62 -19.90 -2.70
C GLU A 188 -5.88 -18.81 -3.75
N GLU A 189 -7.05 -18.15 -3.66
CA GLU A 189 -7.47 -17.09 -4.56
C GLU A 189 -6.86 -15.79 -4.05
N LEU A 190 -5.78 -15.34 -4.72
CA LEU A 190 -5.01 -14.16 -4.33
C LEU A 190 -5.67 -12.82 -4.64
N HIS A 191 -6.62 -12.77 -5.59
CA HIS A 191 -7.26 -11.51 -5.94
C HIS A 191 -8.78 -11.58 -5.75
N VAL A 192 -9.23 -11.36 -4.50
CA VAL A 192 -10.67 -11.43 -4.26
C VAL A 192 -11.26 -10.02 -4.42
N ILE A 193 -12.38 -9.94 -5.14
CA ILE A 193 -13.08 -8.69 -5.46
C ILE A 193 -14.01 -8.28 -4.33
N ASP A 194 -14.89 -9.19 -3.88
CA ASP A 194 -15.82 -8.96 -2.77
C ASP A 194 -16.15 -10.28 -2.11
N VAL A 195 -16.48 -10.25 -0.80
CA VAL A 195 -16.80 -11.43 0.02
C VAL A 195 -17.87 -11.11 1.07
N LYS A 196 -18.76 -12.08 1.37
CA LYS A 196 -19.82 -11.97 2.37
C LYS A 196 -20.10 -13.33 3.02
N PHE A 197 -20.63 -13.32 4.26
CA PHE A 197 -21.03 -14.57 4.92
C PHE A 197 -22.46 -14.85 4.45
N LEU A 198 -22.76 -16.10 4.14
CA LEU A 198 -24.09 -16.49 3.68
C LEU A 198 -25.05 -16.75 4.83
N TYR A 199 -26.35 -16.54 4.56
CA TYR A 199 -27.46 -16.78 5.49
C TYR A 199 -27.92 -18.24 5.36
N GLY A 200 -28.57 -18.76 6.41
CA GLY A 200 -29.13 -20.11 6.46
C GLY A 200 -28.15 -21.25 6.28
N CYS A 201 -26.94 -21.11 6.85
CA CYS A 201 -25.88 -22.13 6.78
C CYS A 201 -25.58 -22.71 8.16
N GLN A 202 -25.60 -24.07 8.25
CA GLN A 202 -25.32 -24.81 9.48
C GLN A 202 -23.87 -24.59 9.90
N ALA A 203 -22.98 -24.44 8.91
CA ALA A 203 -21.57 -24.14 9.09
C ALA A 203 -21.33 -22.74 8.52
N PRO A 204 -20.62 -21.83 9.25
CA PRO A 204 -20.35 -20.48 8.69
C PRO A 204 -19.73 -20.59 7.30
N THR A 205 -20.29 -19.86 6.33
CA THR A 205 -19.86 -19.97 4.94
C THR A 205 -19.63 -18.61 4.29
N ILE A 206 -18.48 -18.45 3.63
CA ILE A 206 -18.17 -17.23 2.89
C ILE A 206 -18.46 -17.45 1.41
N CYS A 207 -18.91 -16.41 0.72
CA CYS A 207 -19.16 -16.43 -0.72
C CYS A 207 -18.38 -15.27 -1.31
N PHE A 208 -17.49 -15.55 -2.27
CA PHE A 208 -16.66 -14.50 -2.83
C PHE A 208 -16.46 -14.58 -4.33
N VAL A 209 -16.23 -13.39 -4.94
CA VAL A 209 -15.90 -13.23 -6.36
C VAL A 209 -14.39 -13.03 -6.37
N TYR A 210 -13.68 -13.71 -7.27
CA TYR A 210 -12.23 -13.58 -7.41
C TYR A 210 -11.83 -13.54 -8.88
N GLN A 211 -10.65 -12.98 -9.17
CA GLN A 211 -10.12 -12.89 -10.53
C GLN A 211 -8.82 -13.66 -10.66
N ASP A 212 -8.67 -14.36 -11.79
CA ASP A 212 -7.47 -15.13 -12.14
C ASP A 212 -7.24 -14.99 -13.67
N PRO A 213 -6.16 -15.54 -14.29
CA PRO A 213 -5.99 -15.38 -15.75
C PRO A 213 -7.13 -15.90 -16.63
N GLN A 214 -8.01 -16.75 -16.08
CA GLN A 214 -9.17 -17.31 -16.78
C GLN A 214 -10.45 -16.46 -16.67
N GLY A 215 -10.38 -15.36 -15.91
CA GLY A 215 -11.48 -14.42 -15.71
C GLY A 215 -11.95 -14.31 -14.27
N ARG A 216 -13.23 -13.99 -14.07
CA ARG A 216 -13.83 -13.88 -12.74
C ARG A 216 -14.71 -15.07 -12.43
N HIS A 217 -14.72 -15.49 -11.16
CA HIS A 217 -15.46 -16.66 -10.68
C HIS A 217 -16.07 -16.42 -9.31
N VAL A 218 -17.14 -17.16 -8.97
CA VAL A 218 -17.80 -17.13 -7.67
C VAL A 218 -17.53 -18.47 -6.97
N LYS A 219 -17.04 -18.42 -5.73
CA LYS A 219 -16.67 -19.61 -4.95
C LYS A 219 -17.17 -19.48 -3.51
N THR A 220 -17.39 -20.62 -2.84
CA THR A 220 -17.80 -20.69 -1.45
C THR A 220 -16.84 -21.58 -0.66
N TYR A 221 -16.73 -21.32 0.64
CA TYR A 221 -15.94 -22.10 1.58
C TYR A 221 -16.66 -22.11 2.89
N GLU A 222 -16.64 -23.25 3.59
CA GLU A 222 -17.16 -23.31 4.94
C GLU A 222 -15.97 -22.99 5.83
N VAL A 223 -16.21 -22.28 6.93
CA VAL A 223 -15.14 -21.89 7.84
C VAL A 223 -15.22 -22.73 9.12
N SER A 224 -14.17 -23.53 9.39
CA SER A 224 -14.10 -24.37 10.58
C SER A 224 -13.24 -23.72 11.68
N LEU A 225 -13.88 -23.29 12.79
CA LEU A 225 -13.18 -22.71 13.94
C LEU A 225 -12.35 -23.79 14.65
N ARG A 226 -12.88 -25.02 14.72
CA ARG A 226 -12.27 -26.20 15.35
C ARG A 226 -10.94 -26.59 14.69
N GLU A 227 -10.92 -26.64 13.34
CA GLU A 227 -9.73 -27.05 12.57
C GLU A 227 -8.87 -25.89 12.12
N LYS A 228 -9.36 -24.63 12.27
CA LYS A 228 -8.68 -23.40 11.84
C LYS A 228 -8.36 -23.49 10.33
N GLU A 229 -9.38 -23.90 9.54
CA GLU A 229 -9.25 -24.11 8.11
C GLU A 229 -10.58 -23.96 7.34
N PHE A 230 -10.49 -23.98 5.99
CA PHE A 230 -11.66 -23.95 5.14
C PHE A 230 -12.04 -25.37 4.77
N ASN A 231 -13.34 -25.62 4.60
CA ASN A 231 -13.90 -26.89 4.13
C ASN A 231 -14.65 -26.54 2.84
N LYS A 232 -14.87 -27.55 1.96
CA LYS A 232 -15.57 -27.34 0.68
C LYS A 232 -16.92 -26.64 0.90
N GLY A 233 -17.15 -25.57 0.14
CA GLY A 233 -18.37 -24.79 0.20
C GLY A 233 -19.61 -25.55 -0.20
N PRO A 234 -20.82 -25.04 0.17
CA PRO A 234 -22.07 -25.77 -0.15
C PRO A 234 -22.39 -25.91 -1.63
N TRP A 235 -21.95 -24.94 -2.45
CA TRP A 235 -22.20 -25.05 -3.89
C TRP A 235 -20.95 -24.86 -4.72
N LYS A 236 -20.95 -25.57 -5.87
CA LYS A 236 -19.90 -25.62 -6.89
C LYS A 236 -19.50 -24.22 -7.35
N GLN A 237 -18.22 -24.06 -7.69
CA GLN A 237 -17.68 -22.81 -8.22
C GLN A 237 -18.35 -22.54 -9.57
N GLU A 238 -18.70 -21.27 -9.82
CA GLU A 238 -19.34 -20.88 -11.08
C GLU A 238 -18.61 -19.71 -11.70
N ASN A 239 -18.61 -19.64 -13.04
CA ASN A 239 -17.98 -18.53 -13.76
C ASN A 239 -18.93 -17.33 -13.79
N VAL A 240 -18.38 -16.13 -13.64
CA VAL A 240 -19.17 -14.89 -13.63
C VAL A 240 -18.62 -13.89 -14.65
N GLU A 241 -19.38 -12.80 -14.87
CA GLU A 241 -19.05 -11.69 -15.77
C GLU A 241 -17.67 -11.11 -15.43
N ALA A 242 -16.93 -10.66 -16.45
CA ALA A 242 -15.58 -10.08 -16.32
C ALA A 242 -15.50 -8.90 -15.36
N GLU A 243 -16.62 -8.16 -15.16
CA GLU A 243 -16.65 -7.02 -14.26
C GLU A 243 -17.62 -7.23 -13.07
N ALA A 244 -17.80 -8.50 -12.63
CA ALA A 244 -18.59 -8.85 -11.45
C ALA A 244 -17.85 -8.21 -10.28
N SER A 245 -18.48 -7.26 -9.57
CA SER A 245 -17.80 -6.48 -8.55
C SER A 245 -18.34 -6.58 -7.12
N MET A 246 -19.62 -6.94 -6.93
CA MET A 246 -20.11 -7.00 -5.56
C MET A 246 -21.00 -8.21 -5.29
N VAL A 247 -20.92 -8.71 -4.05
CA VAL A 247 -21.69 -9.84 -3.54
C VAL A 247 -22.72 -9.36 -2.53
N ILE A 248 -23.96 -9.83 -2.68
CA ILE A 248 -25.04 -9.54 -1.75
C ILE A 248 -25.48 -10.88 -1.16
N ALA A 249 -25.40 -11.04 0.17
CA ALA A 249 -25.86 -12.28 0.83
C ALA A 249 -27.35 -12.10 1.14
N VAL A 250 -28.20 -12.85 0.44
CA VAL A 250 -29.66 -12.76 0.55
C VAL A 250 -30.13 -13.48 1.84
N PRO A 251 -30.98 -12.84 2.69
CA PRO A 251 -31.43 -13.54 3.92
C PRO A 251 -32.42 -14.66 3.64
N GLU A 252 -32.75 -15.44 4.68
CA GLU A 252 -33.75 -16.51 4.60
C GLU A 252 -35.12 -15.84 4.38
N PRO A 253 -36.12 -16.48 3.71
CA PRO A 253 -36.16 -17.86 3.19
C PRO A 253 -35.36 -18.15 1.93
N PHE A 254 -35.06 -17.11 1.10
CA PHE A 254 -34.31 -17.26 -0.14
C PHE A 254 -32.92 -17.86 0.04
N GLY A 255 -32.10 -17.22 0.85
CA GLY A 255 -30.70 -17.59 1.05
C GLY A 255 -29.93 -17.30 -0.23
N GLY A 256 -28.74 -17.86 -0.36
CA GLY A 256 -27.92 -17.68 -1.55
C GLY A 256 -27.28 -16.32 -1.69
N ALA A 257 -26.81 -15.99 -2.91
CA ALA A 257 -26.13 -14.73 -3.18
C ALA A 257 -26.45 -14.07 -4.51
N ILE A 258 -26.43 -12.73 -4.52
CA ILE A 258 -26.62 -11.93 -5.73
C ILE A 258 -25.26 -11.36 -6.12
N ILE A 259 -24.86 -11.51 -7.40
CA ILE A 259 -23.61 -10.91 -7.85
C ILE A 259 -23.92 -9.82 -8.88
N ILE A 260 -23.44 -8.60 -8.58
CA ILE A 260 -23.64 -7.42 -9.40
C ILE A 260 -22.41 -7.22 -10.31
N GLY A 261 -22.67 -7.14 -11.61
CA GLY A 261 -21.67 -6.90 -12.65
C GLY A 261 -21.99 -5.63 -13.44
N GLN A 262 -21.25 -5.38 -14.52
CA GLN A 262 -21.45 -4.20 -15.36
C GLN A 262 -22.66 -4.31 -16.29
N GLU A 263 -22.95 -5.52 -16.81
CA GLU A 263 -24.05 -5.76 -17.75
C GLU A 263 -25.05 -6.78 -17.23
N SER A 264 -24.72 -7.47 -16.14
CA SER A 264 -25.58 -8.52 -15.61
C SER A 264 -25.70 -8.54 -14.09
N ILE A 265 -26.80 -9.15 -13.62
CA ILE A 265 -27.11 -9.39 -12.21
C ILE A 265 -27.52 -10.86 -12.14
N THR A 266 -26.78 -11.65 -11.35
CA THR A 266 -27.08 -13.07 -11.23
C THR A 266 -27.40 -13.47 -9.80
N TYR A 267 -28.13 -14.57 -9.66
CA TYR A 267 -28.49 -15.17 -8.39
C TYR A 267 -27.94 -16.58 -8.37
N HIS A 268 -27.33 -16.97 -7.25
CA HIS A 268 -26.72 -18.28 -7.07
C HIS A 268 -27.14 -18.87 -5.73
N ASN A 269 -27.59 -20.13 -5.75
CA ASN A 269 -27.95 -20.91 -4.56
C ASN A 269 -28.00 -22.40 -4.87
N GLY A 270 -26.85 -23.06 -4.71
CA GLY A 270 -26.70 -24.48 -4.97
C GLY A 270 -27.03 -24.84 -6.41
N ASP A 271 -28.19 -25.48 -6.60
CA ASP A 271 -28.68 -25.86 -7.92
C ASP A 271 -29.26 -24.65 -8.65
N LYS A 272 -29.88 -23.72 -7.90
CA LYS A 272 -30.50 -22.50 -8.44
C LYS A 272 -29.51 -21.51 -9.03
N TYR A 273 -29.87 -20.97 -10.20
CA TYR A 273 -29.14 -19.97 -10.96
C TYR A 273 -30.14 -19.14 -11.75
N LEU A 274 -30.11 -17.82 -11.54
CA LEU A 274 -30.92 -16.87 -12.28
C LEU A 274 -29.97 -15.82 -12.83
N ALA A 275 -30.22 -15.37 -14.06
CA ALA A 275 -29.39 -14.37 -14.70
C ALA A 275 -30.23 -13.41 -15.51
N ILE A 276 -30.02 -12.12 -15.29
CA ILE A 276 -30.67 -11.04 -16.03
C ILE A 276 -29.60 -10.12 -16.58
N ALA A 277 -29.79 -9.62 -17.80
CA ALA A 277 -28.87 -8.70 -18.44
C ALA A 277 -29.66 -7.44 -18.85
N PRO A 278 -30.09 -6.62 -17.87
CA PRO A 278 -30.90 -5.44 -18.22
C PRO A 278 -30.08 -4.34 -18.88
N PRO A 279 -30.49 -3.86 -20.08
CA PRO A 279 -29.72 -2.79 -20.74
C PRO A 279 -29.61 -1.49 -19.94
N ILE A 280 -30.58 -1.25 -19.02
CA ILE A 280 -30.67 -0.06 -18.15
C ILE A 280 -29.46 0.10 -17.20
N ILE A 281 -28.73 -1.00 -16.90
CA ILE A 281 -27.58 -0.92 -15.99
C ILE A 281 -26.23 -0.81 -16.73
N LYS A 282 -26.21 -1.06 -18.05
CA LYS A 282 -25.00 -1.08 -18.88
C LYS A 282 -24.16 0.21 -18.89
N GLN A 283 -24.82 1.39 -18.94
CA GLN A 283 -24.16 2.71 -19.02
C GLN A 283 -23.23 3.07 -17.87
N SER A 284 -23.57 2.68 -16.63
CA SER A 284 -22.79 3.03 -15.44
C SER A 284 -22.64 1.87 -14.45
N THR A 285 -21.48 1.77 -13.81
CA THR A 285 -21.17 0.74 -12.82
C THR A 285 -21.94 0.96 -11.53
N ILE A 286 -22.62 -0.08 -11.04
CA ILE A 286 -23.35 -0.04 -9.75
C ILE A 286 -22.27 -0.20 -8.69
N VAL A 287 -22.23 0.73 -7.71
CA VAL A 287 -21.16 0.74 -6.70
C VAL A 287 -21.64 0.56 -5.25
N CYS A 288 -22.96 0.64 -5.00
CA CYS A 288 -23.50 0.44 -3.65
C CYS A 288 -24.88 -0.18 -3.67
N HIS A 289 -25.23 -0.84 -2.55
CA HIS A 289 -26.50 -1.52 -2.36
C HIS A 289 -26.95 -1.42 -0.91
N ASN A 290 -28.26 -1.61 -0.69
CA ASN A 290 -28.87 -1.64 0.63
C ASN A 290 -30.16 -2.42 0.56
N ARG A 291 -30.40 -3.26 1.58
CA ARG A 291 -31.60 -4.06 1.69
C ARG A 291 -32.75 -3.21 2.21
N VAL A 292 -33.89 -3.24 1.48
CA VAL A 292 -35.08 -2.49 1.85
C VAL A 292 -35.91 -3.32 2.84
N ASP A 293 -36.30 -4.55 2.43
CA ASP A 293 -37.11 -5.47 3.22
C ASP A 293 -36.27 -6.47 4.02
N PRO A 294 -36.61 -6.76 5.29
CA PRO A 294 -35.82 -7.74 6.08
C PRO A 294 -35.65 -9.12 5.42
N ASN A 295 -36.64 -9.54 4.60
CA ASN A 295 -36.61 -10.84 3.91
C ASN A 295 -35.85 -10.82 2.57
N GLY A 296 -35.28 -9.67 2.22
CA GLY A 296 -34.49 -9.49 1.00
C GLY A 296 -35.28 -9.49 -0.30
N SER A 297 -36.56 -9.10 -0.25
CA SER A 297 -37.44 -9.02 -1.42
C SER A 297 -37.05 -7.85 -2.33
N ARG A 298 -36.56 -6.75 -1.72
CA ARG A 298 -36.16 -5.54 -2.44
C ARG A 298 -34.84 -4.98 -1.95
N TYR A 299 -34.04 -4.49 -2.89
CA TYR A 299 -32.74 -3.87 -2.65
C TYR A 299 -32.66 -2.57 -3.43
N LEU A 300 -31.93 -1.60 -2.90
CA LEU A 300 -31.66 -0.35 -3.59
C LEU A 300 -30.25 -0.47 -4.15
N LEU A 301 -30.04 0.01 -5.38
CA LEU A 301 -28.74 -0.01 -6.03
C LEU A 301 -28.44 1.41 -6.50
N GLY A 302 -27.21 1.85 -6.29
CA GLY A 302 -26.72 3.16 -6.69
C GLY A 302 -25.56 3.04 -7.64
N ASP A 303 -25.55 3.83 -8.72
CA ASP A 303 -24.47 3.77 -9.70
C ASP A 303 -23.59 5.03 -9.70
N MET A 304 -22.51 5.02 -10.50
CA MET A 304 -21.53 6.10 -10.63
C MET A 304 -22.10 7.41 -11.19
N GLU A 305 -23.29 7.35 -11.83
CA GLU A 305 -23.99 8.51 -12.40
C GLU A 305 -25.00 9.10 -11.40
N GLY A 306 -25.21 8.43 -10.28
CA GLY A 306 -26.17 8.86 -9.27
C GLY A 306 -27.56 8.31 -9.51
N ARG A 307 -27.69 7.33 -10.41
CA ARG A 307 -28.98 6.70 -10.68
C ARG A 307 -29.32 5.75 -9.54
N LEU A 308 -30.60 5.73 -9.12
CA LEU A 308 -31.10 4.88 -8.05
C LEU A 308 -32.04 3.83 -8.63
N PHE A 309 -31.74 2.54 -8.38
CA PHE A 309 -32.54 1.42 -8.87
C PHE A 309 -33.12 0.61 -7.74
N MET A 310 -34.22 -0.12 -8.02
CA MET A 310 -34.80 -1.08 -7.11
C MET A 310 -34.63 -2.43 -7.77
N LEU A 311 -33.98 -3.35 -7.05
CA LEU A 311 -33.78 -4.72 -7.50
C LEU A 311 -34.82 -5.54 -6.77
N LEU A 312 -35.70 -6.21 -7.53
CA LEU A 312 -36.80 -6.99 -7.00
C LEU A 312 -36.61 -8.48 -7.19
N LEU A 313 -36.68 -9.20 -6.07
CA LEU A 313 -36.54 -10.63 -6.02
C LEU A 313 -37.95 -11.20 -5.91
N GLU A 314 -38.49 -11.71 -7.03
CA GLU A 314 -39.85 -12.26 -7.07
C GLU A 314 -39.86 -13.68 -6.46
N LYS A 315 -40.72 -13.91 -5.45
CA LYS A 315 -40.79 -15.18 -4.72
C LYS A 315 -41.90 -16.12 -5.16
N GLU A 316 -41.79 -17.39 -4.75
CA GLU A 316 -42.76 -18.46 -4.98
C GLU A 316 -42.75 -19.40 -3.76
N GLU A 317 -43.91 -19.56 -3.09
CA GLU A 317 -44.05 -20.43 -1.93
C GLU A 317 -44.19 -21.88 -2.38
N GLN A 318 -43.39 -22.79 -1.78
CA GLN A 318 -43.45 -24.22 -2.10
C GLN A 318 -44.40 -24.90 -1.12
N MET A 319 -44.88 -26.11 -1.45
CA MET A 319 -45.80 -26.85 -0.60
C MET A 319 -45.13 -27.29 0.70
N ASP A 320 -43.78 -27.44 0.69
CA ASP A 320 -43.04 -27.80 1.89
C ASP A 320 -42.75 -26.57 2.78
N GLY A 321 -43.39 -25.45 2.45
CA GLY A 321 -43.32 -24.21 3.21
C GLY A 321 -42.15 -23.30 2.92
N THR A 322 -41.15 -23.82 2.18
CA THR A 322 -39.96 -23.06 1.82
C THR A 322 -40.27 -22.08 0.68
N VAL A 323 -39.59 -20.94 0.63
CA VAL A 323 -39.81 -19.94 -0.42
C VAL A 323 -38.61 -19.95 -1.36
N THR A 324 -38.88 -20.08 -2.66
CA THR A 324 -37.86 -20.07 -3.72
C THR A 324 -37.95 -18.78 -4.50
N LEU A 325 -36.82 -18.36 -5.07
CA LEU A 325 -36.74 -17.17 -5.88
C LEU A 325 -37.09 -17.55 -7.31
N LYS A 326 -38.16 -16.95 -7.85
CA LYS A 326 -38.66 -17.24 -9.21
C LYS A 326 -37.98 -16.38 -10.30
N ASP A 327 -37.80 -15.06 -10.06
CA ASP A 327 -37.18 -14.13 -11.02
C ASP A 327 -36.61 -12.86 -10.37
N LEU A 328 -35.78 -12.13 -11.14
CA LEU A 328 -35.15 -10.87 -10.76
C LEU A 328 -35.62 -9.77 -11.71
N ARG A 329 -35.81 -8.56 -11.18
CA ARG A 329 -36.24 -7.41 -11.96
C ARG A 329 -35.60 -6.13 -11.47
N VAL A 330 -35.21 -5.23 -12.39
CA VAL A 330 -34.62 -3.95 -12.04
C VAL A 330 -35.51 -2.81 -12.54
N GLU A 331 -35.72 -1.81 -11.69
CA GLU A 331 -36.52 -0.64 -12.03
C GLU A 331 -35.75 0.61 -11.66
N LEU A 332 -35.66 1.57 -12.60
CA LEU A 332 -35.00 2.85 -12.36
C LEU A 332 -35.99 3.72 -11.57
N LEU A 333 -35.55 4.25 -10.42
CA LEU A 333 -36.41 5.05 -9.54
C LEU A 333 -36.22 6.55 -9.77
N GLY A 334 -34.99 6.94 -10.07
CA GLY A 334 -34.66 8.33 -10.32
C GLY A 334 -33.19 8.61 -10.10
N GLU A 335 -32.87 9.87 -9.84
CA GLU A 335 -31.50 10.32 -9.63
C GLU A 335 -31.35 10.92 -8.23
N THR A 336 -30.21 10.60 -7.59
CA THR A 336 -29.81 11.13 -6.29
C THR A 336 -28.39 11.65 -6.49
N SER A 337 -27.75 12.12 -5.40
CA SER A 337 -26.35 12.51 -5.43
C SER A 337 -25.58 11.23 -5.69
N ILE A 338 -24.38 11.31 -6.32
CA ILE A 338 -23.54 10.13 -6.57
C ILE A 338 -23.30 9.48 -5.21
N ALA A 339 -23.90 8.29 -4.99
CA ALA A 339 -23.87 7.59 -3.71
C ALA A 339 -22.66 6.70 -3.47
N GLU A 340 -22.03 6.87 -2.31
CA GLU A 340 -20.93 6.03 -1.85
C GLU A 340 -21.60 4.87 -1.11
N CYS A 341 -22.69 5.18 -0.40
CA CYS A 341 -23.50 4.23 0.36
C CYS A 341 -24.94 4.73 0.46
N LEU A 342 -25.89 3.80 0.62
CA LEU A 342 -27.33 4.05 0.75
C LEU A 342 -27.85 3.30 1.96
N THR A 343 -28.85 3.85 2.66
CA THR A 343 -29.52 3.18 3.78
C THR A 343 -30.97 3.54 3.81
N TYR A 344 -31.83 2.50 3.75
CA TYR A 344 -33.27 2.70 3.86
C TYR A 344 -33.55 2.92 5.35
N LEU A 345 -34.34 3.94 5.68
CA LEU A 345 -34.63 4.28 7.07
C LEU A 345 -36.00 3.77 7.51
N ASP A 346 -37.08 4.49 7.16
CA ASP A 346 -38.47 4.15 7.47
C ASP A 346 -39.42 5.02 6.67
N ASN A 347 -40.58 4.46 6.29
CA ASN A 347 -41.66 5.13 5.54
C ASN A 347 -41.20 5.73 4.21
N GLY A 348 -40.50 4.93 3.40
CA GLY A 348 -40.02 5.34 2.09
C GLY A 348 -38.88 6.35 2.08
N VAL A 349 -38.28 6.62 3.26
CA VAL A 349 -37.16 7.57 3.40
C VAL A 349 -35.83 6.83 3.32
N VAL A 350 -34.93 7.32 2.44
CA VAL A 350 -33.61 6.76 2.19
C VAL A 350 -32.53 7.81 2.45
N PHE A 351 -31.46 7.44 3.18
CA PHE A 351 -30.31 8.30 3.38
C PHE A 351 -29.29 7.96 2.28
N VAL A 352 -28.87 8.99 1.53
CA VAL A 352 -27.90 8.87 0.45
C VAL A 352 -26.57 9.43 0.98
N GLY A 353 -25.63 8.55 1.26
CA GLY A 353 -24.31 8.94 1.75
C GLY A 353 -23.41 9.20 0.57
N SER A 354 -23.03 10.47 0.34
CA SER A 354 -22.18 10.87 -0.78
C SER A 354 -20.77 11.29 -0.37
N ARG A 355 -19.80 10.94 -1.22
CA ARG A 355 -18.39 11.25 -1.04
C ARG A 355 -17.95 12.30 -2.10
N LEU A 356 -18.63 12.31 -3.27
CA LEU A 356 -18.34 13.24 -4.39
C LEU A 356 -19.27 14.45 -4.46
N GLY A 357 -20.35 14.42 -3.69
CA GLY A 357 -21.33 15.51 -3.64
C GLY A 357 -22.01 15.58 -2.28
N ASP A 358 -23.06 16.41 -2.18
CA ASP A 358 -23.81 16.56 -0.94
C ASP A 358 -24.59 15.29 -0.60
N SER A 359 -24.66 14.92 0.69
CA SER A 359 -25.46 13.76 1.10
C SER A 359 -26.93 14.20 1.14
N GLN A 360 -27.88 13.24 1.14
CA GLN A 360 -29.31 13.58 1.11
C GLN A 360 -30.18 12.63 1.90
N LEU A 361 -31.43 13.06 2.10
CA LEU A 361 -32.54 12.27 2.59
C LEU A 361 -33.50 12.33 1.41
N VAL A 362 -33.85 11.18 0.82
CA VAL A 362 -34.74 11.15 -0.34
C VAL A 362 -36.01 10.37 0.00
N LYS A 363 -37.13 10.74 -0.62
CA LYS A 363 -38.41 10.07 -0.43
C LYS A 363 -38.74 9.27 -1.67
N LEU A 364 -39.10 8.00 -1.48
CA LEU A 364 -39.49 7.10 -2.57
C LEU A 364 -41.02 7.04 -2.61
N ASN A 365 -41.65 7.20 -3.81
CA ASN A 365 -43.11 7.14 -3.93
C ASN A 365 -43.59 6.55 -5.26
N VAL A 366 -44.76 5.86 -5.21
CA VAL A 366 -45.42 5.11 -6.28
C VAL A 366 -45.79 5.95 -7.53
N ASP A 367 -46.13 7.24 -7.35
CA ASP A 367 -46.52 8.09 -8.47
C ASP A 367 -45.40 9.02 -8.94
N SER A 368 -45.01 8.88 -10.22
CA SER A 368 -43.96 9.66 -10.87
C SER A 368 -44.36 11.14 -10.98
N ASN A 369 -43.38 12.05 -10.88
CA ASN A 369 -43.59 13.50 -10.93
C ASN A 369 -43.65 14.05 -12.39
N GLU A 370 -43.28 15.35 -12.60
CA GLU A 370 -43.30 16.02 -13.91
C GLU A 370 -42.30 15.43 -14.93
N GLN A 371 -41.14 14.94 -14.46
CA GLN A 371 -40.09 14.38 -15.31
C GLN A 371 -40.23 12.86 -15.45
N GLY A 372 -41.03 12.26 -14.58
CA GLY A 372 -41.28 10.82 -14.54
C GLY A 372 -40.48 10.12 -13.46
N SER A 373 -39.80 10.89 -12.61
CA SER A 373 -38.97 10.37 -11.51
C SER A 373 -39.82 9.98 -10.31
N TYR A 374 -39.41 8.90 -9.62
CA TYR A 374 -40.06 8.36 -8.43
C TYR A 374 -39.32 8.76 -7.13
N VAL A 375 -38.28 9.61 -7.25
CA VAL A 375 -37.44 10.08 -6.13
C VAL A 375 -37.60 11.60 -5.93
N VAL A 376 -37.86 12.02 -4.68
CA VAL A 376 -37.98 13.43 -4.31
C VAL A 376 -37.03 13.71 -3.15
N ALA A 377 -36.10 14.66 -3.33
CA ALA A 377 -35.14 15.03 -2.28
C ALA A 377 -35.85 15.78 -1.16
N MET A 378 -35.61 15.37 0.09
CA MET A 378 -36.23 15.95 1.28
C MET A 378 -35.27 16.93 1.96
N GLU A 379 -33.99 16.54 2.09
CA GLU A 379 -32.96 17.34 2.73
C GLU A 379 -31.63 17.14 2.04
N THR A 380 -30.74 18.15 2.12
CA THR A 380 -29.42 18.16 1.53
C THR A 380 -28.40 18.49 2.64
N PHE A 381 -27.31 17.71 2.70
CA PHE A 381 -26.25 17.90 3.70
C PHE A 381 -24.96 18.25 3.00
N THR A 382 -24.40 19.43 3.33
CA THR A 382 -23.19 19.98 2.72
C THR A 382 -21.97 19.05 2.82
N ASN A 383 -21.33 18.81 1.66
CA ASN A 383 -20.09 18.06 1.50
C ASN A 383 -19.16 18.90 0.65
N LEU A 384 -18.02 19.29 1.21
CA LEU A 384 -17.02 20.11 0.52
C LEU A 384 -16.06 19.25 -0.29
N GLY A 385 -16.06 17.94 -0.04
CA GLY A 385 -15.15 17.01 -0.67
C GLY A 385 -15.54 16.44 -2.03
N PRO A 386 -14.55 16.10 -2.87
CA PRO A 386 -13.11 16.35 -2.67
C PRO A 386 -12.75 17.81 -2.96
N ILE A 387 -11.87 18.40 -2.14
CA ILE A 387 -11.37 19.75 -2.41
C ILE A 387 -10.14 19.48 -3.30
N VAL A 388 -10.29 19.69 -4.63
CA VAL A 388 -9.23 19.42 -5.62
C VAL A 388 -8.27 20.62 -5.75
N ASP A 389 -8.77 21.85 -5.49
CA ASP A 389 -8.02 23.10 -5.50
C ASP A 389 -8.79 24.16 -4.71
N MET A 390 -8.10 25.22 -4.26
CA MET A 390 -8.69 26.34 -3.53
C MET A 390 -7.79 27.58 -3.58
N CYS A 391 -8.36 28.74 -3.21
CA CYS A 391 -7.71 30.05 -3.18
C CYS A 391 -8.32 30.90 -2.06
N VAL A 392 -7.51 31.76 -1.43
CA VAL A 392 -7.95 32.69 -0.37
C VAL A 392 -8.04 34.10 -0.98
N VAL A 393 -9.20 34.77 -0.82
CA VAL A 393 -9.47 36.10 -1.40
C VAL A 393 -10.14 37.05 -0.37
N ASP A 394 -10.09 38.36 -0.64
CA ASP A 394 -10.73 39.45 0.10
C ASP A 394 -11.78 40.08 -0.85
N LEU A 395 -12.88 39.35 -1.12
CA LEU A 395 -13.94 39.77 -2.06
C LEU A 395 -14.76 40.97 -1.61
N GLU A 396 -15.30 40.95 -0.38
CA GLU A 396 -16.17 41.99 0.13
C GLU A 396 -15.49 43.07 0.96
N ARG A 397 -14.40 42.74 1.67
CA ARG A 397 -13.69 43.68 2.53
C ARG A 397 -12.26 43.99 2.05
N GLN A 398 -11.41 44.42 3.00
CA GLN A 398 -9.99 44.74 2.83
C GLN A 398 -9.34 44.36 4.17
N GLY A 399 -8.98 43.08 4.29
CA GLY A 399 -8.39 42.53 5.51
C GLY A 399 -9.10 41.29 6.03
N GLN A 400 -10.23 40.91 5.39
CA GLN A 400 -11.05 39.75 5.70
C GLN A 400 -10.86 38.72 4.56
N GLY A 401 -10.44 37.52 4.93
CA GLY A 401 -10.18 36.45 3.97
C GLY A 401 -11.28 35.40 3.90
N GLN A 402 -11.65 35.04 2.66
CA GLN A 402 -12.63 34.01 2.32
C GLN A 402 -11.93 32.93 1.50
N LEU A 403 -12.34 31.68 1.69
CA LEU A 403 -11.78 30.52 0.98
C LEU A 403 -12.74 30.13 -0.15
N VAL A 404 -12.22 29.99 -1.38
CA VAL A 404 -13.03 29.57 -2.54
C VAL A 404 -12.45 28.26 -3.06
N THR A 405 -13.20 27.16 -2.92
CA THR A 405 -12.73 25.82 -3.31
C THR A 405 -13.33 25.31 -4.62
N CYS A 406 -12.62 24.38 -5.28
CA CYS A 406 -13.07 23.58 -6.42
C CYS A 406 -13.48 22.30 -5.70
N SER A 407 -14.80 22.09 -5.55
CA SER A 407 -15.36 20.96 -4.81
C SER A 407 -16.15 19.98 -5.66
N GLY A 408 -16.23 18.75 -5.16
CA GLY A 408 -16.98 17.68 -5.81
C GLY A 408 -16.41 17.21 -7.13
N ALA A 409 -17.19 16.37 -7.84
CA ALA A 409 -16.82 15.82 -9.14
C ALA A 409 -18.05 15.51 -9.98
N PHE A 410 -17.88 15.51 -11.32
CA PHE A 410 -18.92 15.20 -12.32
C PHE A 410 -20.13 16.13 -12.15
N LYS A 411 -21.38 15.60 -12.16
CA LYS A 411 -22.58 16.41 -12.00
C LYS A 411 -22.64 17.16 -10.64
N GLU A 412 -21.85 16.69 -9.65
CA GLU A 412 -21.79 17.26 -8.30
C GLU A 412 -20.79 18.42 -8.17
N GLY A 413 -20.00 18.67 -9.22
CA GLY A 413 -18.98 19.70 -9.26
C GLY A 413 -19.48 21.08 -8.88
N SER A 414 -18.75 21.77 -7.99
CA SER A 414 -19.17 23.07 -7.48
C SER A 414 -18.01 23.92 -7.02
N LEU A 415 -18.32 25.18 -6.68
CA LEU A 415 -17.42 26.11 -6.01
C LEU A 415 -18.05 26.33 -4.65
N ARG A 416 -17.22 26.38 -3.60
CA ARG A 416 -17.72 26.63 -2.25
C ARG A 416 -17.01 27.85 -1.70
N ILE A 417 -17.78 28.85 -1.25
CA ILE A 417 -17.25 30.10 -0.69
C ILE A 417 -17.43 30.01 0.83
N ILE A 418 -16.31 29.87 1.54
CA ILE A 418 -16.24 29.65 2.99
C ILE A 418 -15.68 30.87 3.74
N ARG A 419 -16.38 31.30 4.80
CA ARG A 419 -15.99 32.42 5.67
C ARG A 419 -16.43 32.18 7.13
N ASN A 420 -15.79 32.90 8.08
CA ASN A 420 -16.11 32.81 9.50
C ASN A 420 -17.40 33.57 9.83
N LEU A 434 -18.85 28.33 10.56
CA LEU A 434 -18.48 28.71 9.20
C LEU A 434 -19.71 28.88 8.31
N HIS A 435 -19.71 29.93 7.48
CA HIS A 435 -20.76 30.21 6.51
C HIS A 435 -20.30 29.66 5.17
N ILE A 436 -21.14 28.81 4.53
CA ILE A 436 -20.78 28.19 3.24
C ILE A 436 -21.82 28.51 2.16
N ARG A 437 -21.34 29.05 1.03
CA ARG A 437 -22.15 29.37 -0.13
C ARG A 437 -21.77 28.40 -1.25
N THR A 438 -22.77 27.76 -1.87
CA THR A 438 -22.54 26.75 -2.91
C THR A 438 -22.88 27.28 -4.31
N VAL A 439 -21.97 27.10 -5.27
CA VAL A 439 -22.15 27.49 -6.67
C VAL A 439 -22.14 26.21 -7.53
N PRO A 440 -23.32 25.65 -7.90
CA PRO A 440 -23.33 24.42 -8.71
C PRO A 440 -22.76 24.64 -10.12
N LEU A 441 -21.90 23.72 -10.58
CA LEU A 441 -21.28 23.80 -11.91
C LEU A 441 -21.80 22.72 -12.86
N TYR A 442 -22.28 21.59 -12.28
CA TYR A 442 -22.79 20.41 -12.97
C TYR A 442 -21.73 19.71 -13.86
N GLU A 443 -20.45 19.98 -13.56
CA GLU A 443 -19.26 19.43 -14.22
C GLU A 443 -18.08 19.52 -13.25
N SER A 444 -16.97 18.83 -13.54
CA SER A 444 -15.81 18.77 -12.64
C SER A 444 -14.92 20.02 -12.62
N PRO A 445 -14.86 20.83 -11.51
CA PRO A 445 -13.88 21.92 -11.46
C PRO A 445 -12.50 21.29 -11.17
N ARG A 446 -11.43 21.84 -11.74
CA ARG A 446 -10.10 21.26 -11.60
C ARG A 446 -9.10 22.19 -10.92
N LYS A 447 -9.05 23.46 -11.34
CA LYS A 447 -8.14 24.48 -10.80
C LYS A 447 -8.84 25.82 -10.69
N ILE A 448 -8.40 26.68 -9.74
CA ILE A 448 -8.96 28.02 -9.52
C ILE A 448 -7.86 29.06 -9.25
N CYS A 449 -8.03 30.27 -9.82
CA CYS A 449 -7.15 31.44 -9.66
C CYS A 449 -7.98 32.70 -9.65
N TYR A 450 -7.62 33.66 -8.79
CA TYR A 450 -8.34 34.93 -8.70
C TYR A 450 -7.61 36.03 -9.46
N GLN A 451 -8.34 36.84 -10.24
CA GLN A 451 -7.77 37.96 -10.98
C GLN A 451 -8.44 39.26 -10.51
N GLU A 452 -7.84 39.91 -9.50
CA GLU A 452 -8.33 41.13 -8.85
C GLU A 452 -8.67 42.27 -9.81
N VAL A 453 -7.78 42.56 -10.78
CA VAL A 453 -7.96 43.64 -11.78
C VAL A 453 -9.17 43.42 -12.70
N SER A 454 -9.61 42.17 -12.86
CA SER A 454 -10.76 41.79 -13.69
C SER A 454 -12.01 41.48 -12.86
N GLN A 455 -11.89 41.48 -11.50
CA GLN A 455 -12.97 41.18 -10.56
C GLN A 455 -13.66 39.85 -10.93
N CYS A 456 -12.84 38.82 -11.18
CA CYS A 456 -13.31 37.50 -11.60
C CYS A 456 -12.34 36.40 -11.21
N PHE A 457 -12.81 35.15 -11.31
CA PHE A 457 -12.00 33.97 -11.08
C PHE A 457 -11.87 33.22 -12.39
N GLY A 458 -10.73 32.55 -12.55
CA GLY A 458 -10.45 31.67 -13.67
C GLY A 458 -10.58 30.27 -13.12
N VAL A 459 -11.45 29.45 -13.71
CA VAL A 459 -11.68 28.08 -13.25
C VAL A 459 -11.52 27.09 -14.39
N LEU A 460 -10.60 26.12 -14.23
CA LEU A 460 -10.47 25.07 -15.24
C LEU A 460 -11.51 24.02 -14.90
N SER A 461 -12.23 23.52 -15.91
CA SER A 461 -13.26 22.51 -15.71
C SER A 461 -13.26 21.49 -16.84
N SER A 462 -13.88 20.33 -16.57
CA SER A 462 -14.00 19.21 -17.49
C SER A 462 -15.43 18.68 -17.44
N ARG A 463 -16.00 18.36 -18.63
CA ARG A 463 -17.33 17.78 -18.79
C ARG A 463 -17.23 16.51 -19.65
N ILE A 464 -18.10 15.53 -19.40
CA ILE A 464 -18.12 14.30 -20.16
C ILE A 464 -19.03 14.46 -21.38
N GLU A 465 -18.55 14.01 -22.54
CA GLU A 465 -19.30 13.99 -23.79
C GLU A 465 -19.26 12.59 -24.36
N VAL A 466 -20.34 12.17 -25.04
CA VAL A 466 -20.45 10.82 -25.60
C VAL A 466 -20.51 10.82 -27.12
N GLN A 467 -19.92 9.79 -27.75
CA GLN A 467 -19.92 9.62 -29.21
C GLN A 467 -21.31 9.15 -29.65
N ASP A 468 -22.01 9.99 -30.44
CA ASP A 468 -23.35 9.69 -30.95
C ASP A 468 -23.33 9.23 -32.41
N THR A 469 -24.52 9.05 -33.02
CA THR A 469 -24.68 8.61 -34.41
C THR A 469 -24.21 9.67 -35.41
N SER A 470 -24.69 10.91 -35.27
CA SER A 470 -24.30 12.03 -36.15
C SER A 470 -23.19 12.88 -35.54
N GLY A 471 -22.40 13.50 -36.41
CA GLY A 471 -21.29 14.40 -36.09
C GLY A 471 -20.29 13.90 -35.07
N GLY A 472 -19.81 14.83 -34.25
CA GLY A 472 -18.84 14.56 -33.18
C GLY A 472 -19.49 13.99 -31.94
N THR A 473 -19.10 14.52 -30.76
CA THR A 473 -19.61 14.10 -29.44
C THR A 473 -20.62 15.09 -28.89
N THR A 474 -21.56 14.63 -28.03
CA THR A 474 -22.56 15.52 -27.41
C THR A 474 -22.58 15.43 -25.88
N ALA A 475 -22.87 16.57 -25.22
CA ALA A 475 -23.00 16.66 -23.75
C ALA A 475 -24.28 15.96 -23.32
N LEU A 476 -24.21 15.18 -22.23
CA LEU A 476 -25.35 14.41 -21.72
C LEU A 476 -26.24 15.24 -20.77
N ARG A 477 -25.71 16.38 -20.27
CA ARG A 477 -26.38 17.25 -19.30
C ARG A 477 -25.84 18.68 -19.45
N PRO A 478 -26.68 19.75 -19.35
CA PRO A 478 -26.12 21.12 -19.43
C PRO A 478 -25.30 21.43 -18.18
N SER A 479 -24.20 22.19 -18.35
CA SER A 479 -23.29 22.55 -17.27
C SER A 479 -22.68 23.94 -17.50
N ALA A 480 -21.91 24.45 -16.52
CA ALA A 480 -21.27 25.77 -16.55
C ALA A 480 -20.61 26.13 -17.90
N SER A 481 -19.82 25.20 -18.47
CA SER A 481 -19.11 25.41 -19.74
C SER A 481 -20.03 25.50 -20.97
N THR A 482 -21.28 25.01 -20.88
CA THR A 482 -22.21 25.08 -21.99
C THR A 482 -23.31 26.14 -21.75
N GLN A 483 -23.30 26.77 -20.55
CA GLN A 483 -24.30 27.77 -20.17
C GLN A 483 -23.69 29.16 -19.84
N ALA A 484 -22.51 29.50 -20.43
CA ALA A 484 -21.83 30.79 -20.23
C ALA A 484 -22.51 31.89 -21.03
N LEU A 485 -22.37 33.16 -20.57
CA LEU A 485 -22.91 34.35 -21.23
C LEU A 485 -22.38 34.44 -22.67
N SER A 486 -21.07 34.21 -22.84
CA SER A 486 -20.39 34.16 -24.13
C SER A 486 -19.38 33.01 -24.13
N SER A 487 -19.01 32.49 -25.30
CA SER A 487 -18.08 31.38 -25.39
C SER A 487 -17.17 31.46 -26.59
N SER A 488 -16.01 30.78 -26.51
CA SER A 488 -15.02 30.70 -27.56
C SER A 488 -14.42 29.31 -27.61
N VAL A 489 -13.80 28.96 -28.75
CA VAL A 489 -13.14 27.68 -28.98
C VAL A 489 -11.71 27.92 -29.46
N SER A 490 -10.77 27.06 -29.03
CA SER A 490 -9.36 27.18 -29.41
C SER A 490 -9.14 27.02 -30.92
N SER A 491 -8.11 27.70 -31.45
CA SER A 491 -7.74 27.65 -32.87
C SER A 491 -6.50 26.77 -33.09
N GLU A 509 -16.90 7.52 -24.15
CA GLU A 509 -16.98 8.81 -23.48
C GLU A 509 -15.64 9.55 -23.49
N VAL A 510 -15.69 10.89 -23.66
CA VAL A 510 -14.52 11.76 -23.72
C VAL A 510 -14.66 13.01 -22.83
N GLU A 511 -13.52 13.55 -22.36
CA GLU A 511 -13.45 14.75 -21.53
C GLU A 511 -13.27 15.98 -22.40
N VAL A 512 -14.12 17.00 -22.19
CA VAL A 512 -14.04 18.28 -22.91
C VAL A 512 -13.64 19.32 -21.86
N HIS A 513 -12.47 19.94 -22.05
CA HIS A 513 -11.91 20.89 -21.09
C HIS A 513 -12.16 22.35 -21.46
N ASN A 514 -12.37 23.18 -20.42
CA ASN A 514 -12.67 24.60 -20.57
C ASN A 514 -12.00 25.47 -19.52
N LEU A 515 -11.81 26.76 -19.85
CA LEU A 515 -11.37 27.79 -18.93
C LEU A 515 -12.62 28.67 -18.75
N LEU A 516 -13.13 28.70 -17.51
CA LEU A 516 -14.32 29.46 -17.15
C LEU A 516 -13.93 30.76 -16.49
N ILE A 517 -14.60 31.84 -16.87
CA ILE A 517 -14.41 33.17 -16.29
C ILE A 517 -15.66 33.39 -15.47
N ILE A 518 -15.51 33.38 -14.12
CA ILE A 518 -16.68 33.52 -13.26
C ILE A 518 -16.62 34.82 -12.45
N ASP A 519 -17.72 35.60 -12.54
CA ASP A 519 -17.93 36.88 -11.86
C ASP A 519 -17.68 36.74 -10.36
N GLN A 520 -16.83 37.60 -9.79
CA GLN A 520 -16.51 37.52 -8.36
C GLN A 520 -17.71 37.86 -7.44
N HIS A 521 -18.72 38.57 -7.95
CA HIS A 521 -19.86 38.98 -7.14
C HIS A 521 -21.04 38.03 -7.21
N THR A 522 -21.48 37.67 -8.43
CA THR A 522 -22.65 36.83 -8.66
C THR A 522 -22.29 35.37 -8.90
N PHE A 523 -21.03 35.08 -9.24
CA PHE A 523 -20.50 33.76 -9.59
C PHE A 523 -21.14 33.24 -10.88
N GLU A 524 -21.61 34.17 -11.71
CA GLU A 524 -22.19 33.89 -13.02
C GLU A 524 -21.05 33.53 -13.95
N VAL A 525 -21.29 32.56 -14.83
CA VAL A 525 -20.28 32.12 -15.80
C VAL A 525 -20.30 33.15 -16.94
N LEU A 526 -19.33 34.09 -16.90
CA LEU A 526 -19.23 35.17 -17.87
C LEU A 526 -18.76 34.70 -19.24
N HIS A 527 -17.77 33.80 -19.27
CA HIS A 527 -17.20 33.28 -20.52
C HIS A 527 -16.65 31.90 -20.32
N ALA A 528 -16.72 31.06 -21.37
CA ALA A 528 -16.17 29.70 -21.35
C ALA A 528 -15.35 29.50 -22.62
N HIS A 529 -14.05 29.21 -22.47
CA HIS A 529 -13.16 28.96 -23.61
C HIS A 529 -12.87 27.47 -23.65
N GLN A 530 -13.28 26.82 -24.74
CA GLN A 530 -13.08 25.39 -24.91
C GLN A 530 -11.72 25.12 -25.52
N PHE A 531 -10.98 24.19 -24.91
CA PHE A 531 -9.66 23.80 -25.40
C PHE A 531 -9.80 22.84 -26.58
N LEU A 532 -8.68 22.52 -27.26
CA LEU A 532 -8.67 21.63 -28.43
C LEU A 532 -9.22 20.24 -28.12
N GLN A 533 -9.67 19.50 -29.16
CA GLN A 533 -10.14 18.13 -29.00
C GLN A 533 -8.97 17.32 -28.48
N ASN A 534 -9.20 16.53 -27.41
CA ASN A 534 -8.21 15.69 -26.71
C ASN A 534 -7.22 16.51 -25.84
N GLU A 535 -7.45 17.82 -25.68
CA GLU A 535 -6.58 18.69 -24.87
C GLU A 535 -7.12 18.82 -23.44
N TYR A 536 -6.32 18.38 -22.45
CA TYR A 536 -6.67 18.43 -21.04
C TYR A 536 -5.93 19.61 -20.38
N ALA A 537 -6.67 20.51 -19.72
CA ALA A 537 -6.09 21.66 -19.01
C ALA A 537 -5.67 21.20 -17.61
N LEU A 538 -4.36 21.30 -17.29
CA LEU A 538 -3.80 20.79 -16.04
C LEU A 538 -3.39 21.84 -15.01
N SER A 539 -2.91 23.00 -15.46
CA SER A 539 -2.40 24.05 -14.57
C SER A 539 -2.93 25.42 -14.96
N LEU A 540 -3.01 26.31 -13.97
CA LEU A 540 -3.56 27.65 -14.16
C LEU A 540 -2.90 28.67 -13.23
N VAL A 541 -2.60 29.87 -13.75
CA VAL A 541 -2.07 31.01 -13.01
C VAL A 541 -2.67 32.32 -13.53
N SER A 542 -2.81 33.32 -12.66
CA SER A 542 -3.23 34.66 -13.03
C SER A 542 -2.10 35.56 -12.58
N CYS A 543 -1.40 36.20 -13.53
CA CYS A 543 -0.23 37.03 -13.22
C CYS A 543 0.15 38.00 -14.32
N LYS A 544 1.06 38.92 -13.97
CA LYS A 544 1.71 39.88 -14.85
C LYS A 544 3.10 39.29 -15.07
N LEU A 545 3.69 39.49 -16.26
CA LEU A 545 5.03 38.98 -16.57
C LEU A 545 5.91 40.07 -17.18
N GLY A 546 7.21 39.98 -16.92
CA GLY A 546 8.22 40.91 -17.42
C GLY A 546 7.90 42.37 -17.16
N LYS A 547 7.98 43.20 -18.21
CA LYS A 547 7.68 44.63 -18.15
C LYS A 547 6.28 44.95 -18.71
N ASP A 548 5.52 43.89 -19.05
CA ASP A 548 4.16 43.98 -19.60
C ASP A 548 3.18 44.34 -18.47
N PRO A 549 2.44 45.47 -18.59
CA PRO A 549 1.51 45.86 -17.51
C PRO A 549 0.22 45.03 -17.41
N ASN A 550 -0.11 44.23 -18.44
CA ASN A 550 -1.32 43.42 -18.48
C ASN A 550 -1.27 42.22 -17.54
N THR A 551 -2.43 41.80 -17.00
CA THR A 551 -2.56 40.61 -16.17
C THR A 551 -3.19 39.54 -17.04
N TYR A 552 -2.59 38.37 -17.06
CA TYR A 552 -3.05 37.27 -17.91
C TYR A 552 -3.47 36.03 -17.16
N PHE A 553 -4.37 35.23 -17.76
CA PHE A 553 -4.74 33.90 -17.29
C PHE A 553 -3.86 33.00 -18.13
N ILE A 554 -2.98 32.22 -17.50
CA ILE A 554 -2.06 31.33 -18.22
C ILE A 554 -2.45 29.89 -17.93
N VAL A 555 -2.63 29.07 -18.98
CA VAL A 555 -3.05 27.67 -18.86
C VAL A 555 -2.00 26.71 -19.42
N GLY A 556 -1.71 25.67 -18.65
CA GLY A 556 -0.81 24.58 -19.03
C GLY A 556 -1.64 23.36 -19.37
N THR A 557 -1.38 22.76 -20.54
CA THR A 557 -2.17 21.62 -21.03
C THR A 557 -1.35 20.36 -21.38
N ALA A 558 -2.09 19.31 -21.81
CA ALA A 558 -1.56 18.02 -22.26
C ALA A 558 -2.51 17.38 -23.28
N MET A 559 -1.95 16.80 -24.34
CA MET A 559 -2.74 16.11 -25.37
C MET A 559 -2.89 14.66 -24.94
N VAL A 560 -4.13 14.24 -24.65
CA VAL A 560 -4.46 12.90 -24.15
C VAL A 560 -5.22 12.10 -25.23
N TYR A 561 -4.61 11.02 -25.75
CA TYR A 561 -5.21 10.21 -26.81
C TYR A 561 -5.58 8.79 -26.39
N PRO A 562 -6.63 8.18 -27.03
CA PRO A 562 -7.01 6.81 -26.67
C PRO A 562 -6.18 5.76 -27.45
N GLU A 563 -4.86 5.95 -27.50
CA GLU A 563 -3.90 5.06 -28.18
C GLU A 563 -2.59 4.97 -27.40
N GLU A 564 -2.21 6.05 -26.68
CA GLU A 564 -0.98 6.14 -25.88
C GLU A 564 -1.26 6.26 -24.37
N ALA A 565 -0.21 6.09 -23.54
CA ALA A 565 -0.30 6.16 -22.08
C ALA A 565 0.17 7.48 -21.48
N GLU A 566 1.28 8.05 -22.00
CA GLU A 566 1.90 9.28 -21.46
C GLU A 566 1.81 10.44 -22.45
N PRO A 567 1.58 11.71 -22.00
CA PRO A 567 1.52 12.82 -22.97
C PRO A 567 2.93 13.21 -23.43
N LYS A 568 3.06 13.43 -24.73
CA LYS A 568 4.30 13.84 -25.37
C LYS A 568 4.11 15.20 -26.04
N GLN A 569 2.92 15.81 -25.87
CA GLN A 569 2.56 17.12 -26.40
C GLN A 569 1.63 17.87 -25.46
N GLY A 570 1.76 19.19 -25.46
CA GLY A 570 0.96 20.11 -24.66
C GLY A 570 1.25 21.54 -25.07
N ARG A 571 0.58 22.51 -24.42
CA ARG A 571 0.78 23.92 -24.70
C ARG A 571 0.76 24.73 -23.42
N ILE A 572 1.35 25.93 -23.48
CA ILE A 572 1.22 26.94 -22.45
C ILE A 572 0.51 28.04 -23.21
N VAL A 573 -0.71 28.38 -22.78
CA VAL A 573 -1.53 29.38 -23.48
C VAL A 573 -1.72 30.61 -22.60
N VAL A 574 -1.41 31.80 -23.15
CA VAL A 574 -1.54 33.09 -22.46
C VAL A 574 -2.83 33.76 -22.96
N PHE A 575 -3.79 34.00 -22.04
CA PHE A 575 -5.07 34.63 -22.33
C PHE A 575 -5.22 35.97 -21.63
N GLN A 576 -5.97 36.89 -22.24
CA GLN A 576 -6.31 38.15 -21.61
C GLN A 576 -7.82 38.30 -21.62
N TYR A 577 -8.41 38.57 -20.45
CA TYR A 577 -9.85 38.74 -20.35
C TYR A 577 -10.18 40.23 -20.43
N SER A 578 -10.97 40.62 -21.46
CA SER A 578 -11.40 42.00 -21.71
C SER A 578 -12.70 42.02 -22.52
N ASP A 579 -13.59 42.99 -22.19
CA ASP A 579 -14.91 43.19 -22.82
C ASP A 579 -15.76 41.90 -22.88
N GLY A 580 -15.77 41.18 -21.76
CA GLY A 580 -16.51 39.93 -21.60
C GLY A 580 -16.04 38.75 -22.41
N LYS A 581 -14.82 38.85 -23.01
CA LYS A 581 -14.26 37.77 -23.82
C LYS A 581 -12.80 37.49 -23.51
N LEU A 582 -12.38 36.25 -23.81
CA LEU A 582 -11.02 35.79 -23.62
C LEU A 582 -10.32 35.79 -24.97
N GLN A 583 -9.19 36.50 -25.06
CA GLN A 583 -8.37 36.58 -26.27
C GLN A 583 -7.12 35.75 -26.06
N THR A 584 -6.69 35.00 -27.09
CA THR A 584 -5.45 34.24 -27.01
C THR A 584 -4.34 35.23 -27.39
N VAL A 585 -3.47 35.54 -26.43
CA VAL A 585 -2.36 36.49 -26.58
C VAL A 585 -1.12 35.78 -27.17
N ALA A 586 -0.80 34.58 -26.65
CA ALA A 586 0.35 33.78 -27.09
C ALA A 586 0.16 32.30 -26.75
N GLU A 587 0.85 31.42 -27.49
CA GLU A 587 0.84 29.98 -27.28
C GLU A 587 2.30 29.52 -27.34
N LYS A 588 2.64 28.52 -26.52
CA LYS A 588 3.99 27.96 -26.50
C LYS A 588 3.86 26.44 -26.47
N GLU A 589 4.35 25.79 -27.53
CA GLU A 589 4.29 24.34 -27.65
C GLU A 589 5.34 23.70 -26.74
N VAL A 590 4.94 22.62 -26.05
CA VAL A 590 5.81 21.83 -25.18
C VAL A 590 5.75 20.36 -25.60
N LYS A 591 6.72 19.56 -25.15
CA LYS A 591 6.80 18.14 -25.46
C LYS A 591 6.39 17.25 -24.26
N GLY A 592 5.26 17.60 -23.65
CA GLY A 592 4.73 16.87 -22.50
C GLY A 592 3.59 17.59 -21.80
N ALA A 593 3.22 17.07 -20.63
CA ALA A 593 2.14 17.61 -19.80
C ALA A 593 2.63 18.75 -18.91
N VAL A 594 1.96 19.92 -18.97
CA VAL A 594 2.32 21.05 -18.10
C VAL A 594 1.57 20.89 -16.77
N TYR A 595 2.16 20.11 -15.83
CA TYR A 595 1.54 19.79 -14.54
C TYR A 595 1.36 20.96 -13.59
N SER A 596 2.34 21.85 -13.50
CA SER A 596 2.31 22.97 -12.55
C SER A 596 2.98 24.18 -13.15
N MET A 597 2.49 25.38 -12.75
CA MET A 597 3.00 26.69 -13.16
C MET A 597 2.89 27.65 -11.99
N VAL A 598 3.91 28.50 -11.81
CA VAL A 598 3.97 29.48 -10.73
C VAL A 598 4.65 30.75 -11.29
N GLU A 599 4.12 31.95 -10.95
CA GLU A 599 4.75 33.22 -11.32
C GLU A 599 6.02 33.27 -10.48
N PHE A 600 7.15 33.61 -11.10
CA PHE A 600 8.43 33.62 -10.41
C PHE A 600 9.28 34.81 -10.80
N ASN A 601 9.26 35.86 -9.95
CA ASN A 601 10.03 37.09 -10.10
C ASN A 601 9.87 37.72 -11.51
N GLY A 602 8.62 37.83 -11.96
CA GLY A 602 8.29 38.38 -13.28
C GLY A 602 8.47 37.41 -14.42
N LYS A 603 8.87 36.15 -14.12
CA LYS A 603 9.06 35.08 -15.09
C LYS A 603 8.03 33.98 -14.85
N LEU A 604 7.90 33.03 -15.80
CA LEU A 604 6.95 31.93 -15.65
C LEU A 604 7.69 30.61 -15.40
N LEU A 605 7.50 30.04 -14.20
CA LEU A 605 8.08 28.76 -13.84
C LEU A 605 7.05 27.68 -14.18
N ALA A 606 7.47 26.64 -14.89
CA ALA A 606 6.57 25.56 -15.31
C ALA A 606 7.24 24.20 -15.22
N SER A 607 6.44 23.16 -14.95
CA SER A 607 6.94 21.79 -14.93
C SER A 607 6.29 21.03 -16.07
N ILE A 608 7.10 20.40 -16.93
CA ILE A 608 6.66 19.65 -18.11
C ILE A 608 7.22 18.25 -17.98
N ASN A 609 6.35 17.26 -17.67
CA ASN A 609 6.72 15.87 -17.44
C ASN A 609 7.79 15.77 -16.33
N SER A 610 9.06 15.52 -16.70
CA SER A 610 10.17 15.42 -15.75
C SER A 610 11.12 16.63 -15.75
N THR A 611 10.72 17.75 -16.38
CA THR A 611 11.60 18.92 -16.39
C THR A 611 10.92 20.14 -15.79
N VAL A 612 11.69 20.91 -15.01
CA VAL A 612 11.24 22.19 -14.44
C VAL A 612 11.95 23.25 -15.28
N ARG A 613 11.18 24.16 -15.86
CA ARG A 613 11.66 25.16 -16.80
C ARG A 613 11.27 26.57 -16.42
N LEU A 614 12.17 27.52 -16.68
CA LEU A 614 11.91 28.94 -16.47
C LEU A 614 11.79 29.63 -17.82
N TYR A 615 10.68 30.37 -18.02
CA TYR A 615 10.40 31.11 -19.24
C TYR A 615 10.43 32.61 -18.96
N GLU A 616 10.89 33.37 -19.95
CA GLU A 616 10.89 34.82 -19.91
C GLU A 616 9.83 35.29 -20.90
N TRP A 617 9.15 36.40 -20.57
CA TRP A 617 8.12 37.00 -21.40
C TRP A 617 8.73 38.23 -22.06
N THR A 618 8.84 38.19 -23.40
CA THR A 618 9.45 39.23 -24.20
C THR A 618 8.50 40.38 -24.50
N THR A 619 9.06 41.52 -24.97
CA THR A 619 8.31 42.71 -25.38
C THR A 619 7.49 42.41 -26.65
N GLU A 620 7.82 41.28 -27.34
CA GLU A 620 7.15 40.79 -28.55
C GLU A 620 5.99 39.84 -28.20
N LYS A 621 5.68 39.68 -26.88
CA LYS A 621 4.61 38.83 -26.33
C LYS A 621 4.82 37.35 -26.68
N GLU A 622 6.01 36.83 -26.36
CA GLU A 622 6.39 35.44 -26.57
C GLU A 622 7.07 34.89 -25.34
N LEU A 623 6.95 33.57 -25.11
CA LEU A 623 7.62 32.91 -24.00
C LEU A 623 8.92 32.35 -24.55
N ARG A 624 10.05 32.68 -23.89
CA ARG A 624 11.38 32.26 -24.28
C ARG A 624 12.00 31.47 -23.13
N THR A 625 12.38 30.21 -23.40
CA THR A 625 13.01 29.32 -22.43
C THR A 625 14.36 29.90 -21.96
N GLU A 626 14.54 30.03 -20.64
CA GLU A 626 15.78 30.53 -20.06
C GLU A 626 16.65 29.36 -19.55
N CYS A 627 16.11 28.53 -18.64
CA CYS A 627 16.85 27.41 -18.08
C CYS A 627 15.97 26.20 -17.74
N ASN A 628 16.62 25.04 -17.55
CA ASN A 628 15.98 23.76 -17.27
C ASN A 628 16.63 22.99 -16.14
N HIS A 629 15.83 22.18 -15.46
CA HIS A 629 16.26 21.23 -14.44
C HIS A 629 15.62 19.90 -14.82
N TYR A 630 16.44 18.85 -14.99
CA TYR A 630 15.99 17.54 -15.48
C TYR A 630 15.95 16.41 -14.45
N ASN A 631 16.54 16.60 -13.27
CA ASN A 631 16.61 15.57 -12.22
C ASN A 631 15.29 15.37 -11.45
N ASN A 632 14.25 14.88 -12.18
CA ASN A 632 12.91 14.59 -11.67
C ASN A 632 12.34 13.35 -12.35
N ILE A 633 11.39 12.69 -11.69
CA ILE A 633 10.69 11.53 -12.24
C ILE A 633 9.40 12.08 -12.88
N MET A 634 8.64 12.85 -12.09
CA MET A 634 7.41 13.53 -12.49
C MET A 634 7.29 14.77 -11.60
N ALA A 635 7.66 15.96 -12.12
CA ALA A 635 7.58 17.20 -11.35
C ALA A 635 6.14 17.68 -11.35
N LEU A 636 5.37 17.20 -10.36
CA LEU A 636 3.93 17.50 -10.26
C LEU A 636 3.59 18.78 -9.54
N TYR A 637 4.35 19.14 -8.49
CA TYR A 637 4.04 20.28 -7.64
C TYR A 637 5.18 21.29 -7.52
N LEU A 638 4.84 22.59 -7.62
CA LEU A 638 5.79 23.70 -7.52
C LEU A 638 5.31 24.78 -6.55
N LYS A 639 6.22 25.27 -5.70
CA LYS A 639 6.02 26.37 -4.75
C LYS A 639 7.32 27.18 -4.71
N THR A 640 7.23 28.52 -4.61
CA THR A 640 8.43 29.37 -4.60
C THR A 640 8.41 30.42 -3.48
N LYS A 641 9.61 30.86 -3.06
CA LYS A 641 9.82 31.91 -2.06
C LYS A 641 11.16 32.54 -2.39
N GLY A 642 11.12 33.79 -2.86
CA GLY A 642 12.30 34.50 -3.32
C GLY A 642 12.85 33.80 -4.54
N ASP A 643 14.15 33.45 -4.53
CA ASP A 643 14.77 32.72 -5.63
C ASP A 643 14.75 31.19 -5.43
N PHE A 644 14.12 30.72 -4.33
CA PHE A 644 14.05 29.29 -4.01
C PHE A 644 12.80 28.62 -4.55
N ILE A 645 12.95 27.38 -5.03
CA ILE A 645 11.86 26.59 -5.60
C ILE A 645 11.77 25.23 -4.89
N LEU A 646 10.57 24.87 -4.42
CA LEU A 646 10.30 23.58 -3.81
C LEU A 646 9.56 22.74 -4.84
N VAL A 647 10.16 21.61 -5.23
CA VAL A 647 9.62 20.70 -6.24
C VAL A 647 9.12 19.44 -5.56
N GLY A 648 7.85 19.12 -5.82
CA GLY A 648 7.19 17.92 -5.31
C GLY A 648 7.10 16.87 -6.40
N ASP A 649 7.74 15.72 -6.16
CA ASP A 649 7.78 14.61 -7.12
C ASP A 649 6.65 13.63 -6.85
N LEU A 650 6.16 12.93 -7.89
CA LEU A 650 5.13 11.92 -7.64
C LEU A 650 5.68 10.74 -6.83
N MET A 651 7.01 10.44 -6.88
CA MET A 651 7.55 9.26 -6.19
C MET A 651 8.84 9.50 -5.35
N ARG A 652 9.59 10.59 -5.63
CA ARG A 652 10.89 10.91 -5.01
C ARG A 652 10.87 11.99 -3.91
N SER A 653 9.77 12.14 -3.15
CA SER A 653 9.64 13.16 -2.10
C SER A 653 9.81 14.59 -2.68
N VAL A 654 10.57 15.45 -1.98
CA VAL A 654 10.77 16.84 -2.40
C VAL A 654 12.25 17.20 -2.63
N LEU A 655 12.48 18.22 -3.46
CA LEU A 655 13.80 18.78 -3.69
C LEU A 655 13.73 20.31 -3.73
N LEU A 656 14.84 20.95 -3.38
CA LEU A 656 14.96 22.39 -3.34
C LEU A 656 15.92 22.87 -4.42
N LEU A 657 15.45 23.84 -5.22
CA LEU A 657 16.27 24.47 -6.27
C LEU A 657 16.42 25.93 -5.92
N ALA A 658 17.42 26.57 -6.50
CA ALA A 658 17.63 28.00 -6.37
C ALA A 658 17.94 28.55 -7.74
N TYR A 659 17.23 29.60 -8.14
CA TYR A 659 17.52 30.24 -9.41
C TYR A 659 18.73 31.14 -9.13
N LYS A 660 19.74 31.08 -10.00
CA LYS A 660 20.97 31.86 -9.83
C LYS A 660 20.95 33.02 -10.82
N PRO A 661 20.52 34.25 -10.39
CA PRO A 661 20.43 35.38 -11.34
C PRO A 661 21.70 35.73 -12.10
N MET A 662 22.86 35.54 -11.47
CA MET A 662 24.17 35.85 -12.06
C MET A 662 24.62 34.78 -13.07
N GLU A 663 23.97 33.60 -13.06
CA GLU A 663 24.29 32.48 -13.96
C GLU A 663 23.22 32.21 -15.01
N GLY A 664 21.98 32.64 -14.77
CA GLY A 664 20.85 32.40 -15.66
C GLY A 664 20.51 30.92 -15.72
N ASN A 665 20.68 30.22 -14.57
CA ASN A 665 20.42 28.79 -14.43
C ASN A 665 19.93 28.41 -13.03
N PHE A 666 19.54 27.14 -12.85
CA PHE A 666 19.12 26.64 -11.54
C PHE A 666 20.29 25.93 -10.89
N GLU A 667 20.28 25.90 -9.56
CA GLU A 667 21.25 25.15 -8.76
C GLU A 667 20.42 24.26 -7.85
N GLU A 668 20.67 22.93 -7.89
CA GLU A 668 19.97 21.98 -7.04
C GLU A 668 20.62 22.09 -5.66
N ILE A 669 19.88 22.70 -4.70
CA ILE A 669 20.40 22.94 -3.35
C ILE A 669 20.43 21.68 -2.52
N ALA A 670 19.29 20.99 -2.36
CA ALA A 670 19.20 19.78 -1.55
C ALA A 670 18.00 18.94 -1.91
N ARG A 671 18.05 17.65 -1.55
CA ARG A 671 16.94 16.75 -1.80
C ARG A 671 16.65 15.88 -0.58
N ASP A 672 15.37 15.53 -0.39
CA ASP A 672 14.95 14.64 0.68
C ASP A 672 15.08 13.23 0.11
N PHE A 673 16.03 12.45 0.63
CA PHE A 673 16.31 11.09 0.20
C PHE A 673 15.35 10.07 0.81
N ASN A 674 14.04 10.26 0.59
CA ASN A 674 13.00 9.37 1.10
C ASN A 674 12.00 9.02 0.00
N PRO A 675 11.44 7.79 -0.05
CA PRO A 675 10.53 7.45 -1.17
C PRO A 675 9.09 7.89 -0.95
N ASN A 676 8.89 9.20 -0.74
CA ASN A 676 7.55 9.74 -0.51
C ASN A 676 6.79 10.01 -1.80
N TRP A 677 5.58 9.45 -1.88
CA TRP A 677 4.68 9.65 -3.00
C TRP A 677 3.82 10.85 -2.64
N MET A 678 4.26 12.04 -3.11
CA MET A 678 3.67 13.34 -2.79
C MET A 678 2.27 13.60 -3.33
N SER A 679 1.49 14.35 -2.56
CA SER A 679 0.15 14.79 -2.94
C SER A 679 0.08 16.32 -2.97
N ALA A 680 0.90 17.00 -2.14
CA ALA A 680 0.97 18.47 -2.04
C ALA A 680 2.23 18.92 -1.30
N VAL A 681 2.70 20.15 -1.61
CA VAL A 681 3.89 20.76 -0.99
C VAL A 681 3.61 22.22 -0.63
N GLU A 682 4.37 22.77 0.33
CA GLU A 682 4.27 24.18 0.72
C GLU A 682 5.57 24.64 1.37
N ILE A 683 5.92 25.92 1.15
CA ILE A 683 7.10 26.52 1.78
C ILE A 683 6.58 27.26 3.02
N LEU A 684 7.04 26.84 4.20
CA LEU A 684 6.63 27.46 5.46
C LEU A 684 7.42 28.74 5.68
N ASP A 685 8.73 28.67 5.43
CA ASP A 685 9.71 29.76 5.49
C ASP A 685 10.96 29.33 4.72
N ASP A 686 11.96 30.23 4.60
CA ASP A 686 13.23 30.01 3.90
C ASP A 686 13.89 28.65 4.14
N ASP A 687 13.76 28.11 5.38
CA ASP A 687 14.40 26.85 5.76
C ASP A 687 13.45 25.67 6.03
N ASN A 688 12.13 25.90 6.06
CA ASN A 688 11.19 24.81 6.36
C ASN A 688 10.18 24.56 5.27
N PHE A 689 10.12 23.30 4.84
CA PHE A 689 9.30 22.84 3.74
C PHE A 689 8.33 21.76 4.19
N LEU A 690 7.03 22.00 3.96
CA LEU A 690 5.93 21.11 4.33
C LEU A 690 5.52 20.20 3.19
N GLY A 691 5.39 18.92 3.49
CA GLY A 691 4.97 17.91 2.53
C GLY A 691 3.84 17.05 3.03
N ALA A 692 2.96 16.63 2.11
CA ALA A 692 1.83 15.75 2.39
C ALA A 692 1.93 14.59 1.41
N GLU A 693 1.80 13.34 1.88
CA GLU A 693 1.94 12.20 0.99
C GLU A 693 0.73 11.23 0.99
N ASN A 694 0.82 10.20 0.11
CA ASN A 694 -0.18 9.17 -0.18
C ASN A 694 -0.64 8.31 1.02
N ALA A 695 0.19 8.23 2.08
CA ALA A 695 -0.13 7.44 3.27
C ALA A 695 -0.78 8.29 4.38
N PHE A 696 -1.31 9.48 4.01
CA PHE A 696 -2.05 10.42 4.87
C PHE A 696 -1.17 11.03 5.98
N ASN A 697 0.13 11.18 5.71
CA ASN A 697 1.09 11.76 6.65
C ASN A 697 1.56 13.12 6.19
N LEU A 698 1.95 13.95 7.16
CA LEU A 698 2.57 15.26 6.96
C LEU A 698 4.01 15.12 7.42
N PHE A 699 4.91 15.86 6.79
CA PHE A 699 6.31 15.88 7.16
C PHE A 699 6.91 17.24 6.86
N VAL A 700 7.91 17.64 7.65
CA VAL A 700 8.61 18.91 7.47
C VAL A 700 10.08 18.64 7.22
N CYS A 701 10.59 19.18 6.10
CA CYS A 701 11.98 19.09 5.67
C CYS A 701 12.70 20.37 5.98
N GLN A 702 13.98 20.25 6.35
CA GLN A 702 14.81 21.38 6.69
C GLN A 702 16.20 21.18 6.11
N LYS A 703 16.85 22.28 5.68
CA LYS A 703 18.22 22.24 5.16
C LYS A 703 19.09 21.80 6.36
N ASP A 704 19.95 20.77 6.18
CA ASP A 704 20.82 20.25 7.24
C ASP A 704 21.85 21.29 7.74
N SER A 705 21.61 21.84 8.93
CA SER A 705 22.49 22.84 9.57
C SER A 705 23.55 22.16 10.42
N THR A 708 29.32 22.07 6.98
CA THR A 708 30.72 21.65 6.99
C THR A 708 31.20 21.13 5.63
N THR A 709 30.32 20.39 4.91
CA THR A 709 30.59 19.82 3.59
C THR A 709 29.39 20.10 2.67
N ASP A 710 29.66 20.21 1.34
CA ASP A 710 28.64 20.44 0.32
C ASP A 710 27.63 19.30 0.27
N GLU A 711 28.10 18.05 0.48
CA GLU A 711 27.26 16.84 0.51
C GLU A 711 26.27 16.86 1.68
N GLU A 712 26.72 17.39 2.84
CA GLU A 712 25.90 17.51 4.04
C GLU A 712 24.73 18.49 3.79
N ARG A 713 25.04 19.65 3.17
CA ARG A 713 24.08 20.71 2.82
C ARG A 713 23.10 20.28 1.74
N GLN A 714 23.49 19.29 0.90
CA GLN A 714 22.69 18.73 -0.20
C GLN A 714 21.66 17.67 0.26
N HIS A 715 21.57 17.42 1.57
CA HIS A 715 20.67 16.45 2.17
C HIS A 715 19.62 17.14 3.04
N LEU A 716 18.33 17.15 2.61
CA LEU A 716 17.24 17.73 3.41
C LEU A 716 16.91 16.74 4.50
N GLN A 717 16.69 17.24 5.74
CA GLN A 717 16.37 16.39 6.88
C GLN A 717 14.90 16.48 7.27
N GLU A 718 14.23 15.33 7.39
CA GLU A 718 12.83 15.27 7.84
C GLU A 718 12.87 15.46 9.36
N VAL A 719 12.50 16.67 9.82
CA VAL A 719 12.53 17.07 11.25
C VAL A 719 11.15 17.01 11.94
N GLY A 720 10.08 16.97 11.14
CA GLY A 720 8.71 16.90 11.61
C GLY A 720 7.99 15.78 10.91
N LEU A 721 7.23 14.97 11.68
CA LEU A 721 6.45 13.82 11.20
C LEU A 721 5.12 13.76 11.96
N PHE A 722 3.99 13.54 11.25
CA PHE A 722 2.66 13.50 11.86
C PHE A 722 1.68 12.77 10.97
N HIS A 723 0.93 11.81 11.54
CA HIS A 723 -0.09 11.12 10.77
C HIS A 723 -1.37 11.94 10.83
N LEU A 724 -1.69 12.61 9.71
CA LEU A 724 -2.87 13.46 9.64
C LEU A 724 -4.16 12.64 9.55
N GLY A 725 -4.16 11.60 8.73
CA GLY A 725 -5.33 10.76 8.51
C GLY A 725 -6.24 11.29 7.43
N GLU A 726 -5.75 12.27 6.64
CA GLU A 726 -6.46 12.89 5.50
C GLU A 726 -5.51 12.95 4.31
N PHE A 727 -6.08 13.03 3.08
CA PHE A 727 -5.32 13.14 1.83
C PHE A 727 -5.38 14.60 1.38
N VAL A 728 -4.26 15.34 1.51
CA VAL A 728 -4.15 16.76 1.16
C VAL A 728 -3.92 16.99 -0.34
N ASN A 729 -4.82 17.75 -0.98
CA ASN A 729 -4.70 18.09 -2.40
C ASN A 729 -4.11 19.48 -2.62
N VAL A 730 -4.27 20.41 -1.65
CA VAL A 730 -3.82 21.79 -1.81
C VAL A 730 -3.46 22.45 -0.48
N PHE A 731 -2.36 23.21 -0.49
CA PHE A 731 -1.88 24.03 0.61
C PHE A 731 -1.88 25.48 0.11
N CYS A 732 -2.39 26.41 0.93
CA CYS A 732 -2.35 27.83 0.57
C CYS A 732 -2.16 28.72 1.79
N HIS A 733 -1.31 29.73 1.65
CA HIS A 733 -1.03 30.69 2.71
C HIS A 733 -2.24 31.60 2.85
N GLY A 734 -2.71 31.79 4.08
CA GLY A 734 -3.87 32.63 4.36
C GLY A 734 -4.62 32.23 5.61
N THR A 746 2.77 36.83 21.36
CA THR A 746 2.48 36.15 20.10
C THR A 746 2.61 34.62 20.27
N PRO A 747 1.52 33.85 20.04
CA PRO A 747 1.58 32.40 20.28
C PRO A 747 2.05 31.55 19.11
N THR A 748 1.50 31.81 17.91
CA THR A 748 1.81 31.07 16.67
C THR A 748 2.29 32.03 15.58
N GLN A 749 3.00 31.49 14.57
CA GLN A 749 3.52 32.27 13.46
C GLN A 749 3.23 31.61 12.11
N GLY A 750 2.71 32.41 11.18
CA GLY A 750 2.32 31.95 9.86
C GLY A 750 0.96 31.30 9.86
N SER A 751 0.38 31.08 8.67
CA SER A 751 -0.94 30.48 8.52
C SER A 751 -1.06 29.78 7.16
N VAL A 752 -1.08 28.44 7.15
CA VAL A 752 -1.20 27.64 5.93
C VAL A 752 -2.47 26.79 6.02
N LEU A 753 -3.44 27.06 5.14
CA LEU A 753 -4.69 26.31 5.06
C LEU A 753 -4.54 25.16 4.10
N PHE A 754 -5.21 24.03 4.37
CA PHE A 754 -5.16 22.88 3.48
C PHE A 754 -6.53 22.26 3.24
N GLY A 755 -6.75 21.84 1.98
CA GLY A 755 -7.98 21.21 1.51
C GLY A 755 -7.74 19.74 1.23
N THR A 756 -8.70 18.88 1.61
CA THR A 756 -8.57 17.42 1.49
C THR A 756 -9.66 16.74 0.67
N VAL A 757 -9.43 15.45 0.35
CA VAL A 757 -10.36 14.60 -0.39
C VAL A 757 -11.70 14.42 0.38
N ASN A 758 -11.66 14.35 1.73
CA ASN A 758 -12.86 14.18 2.53
C ASN A 758 -13.59 15.49 2.86
N GLY A 759 -13.10 16.60 2.31
CA GLY A 759 -13.68 17.91 2.53
C GLY A 759 -13.28 18.55 3.84
N MET A 760 -12.33 17.92 4.55
CA MET A 760 -11.79 18.44 5.82
C MET A 760 -10.88 19.62 5.45
N ILE A 761 -10.96 20.71 6.23
CA ILE A 761 -10.10 21.88 6.05
C ILE A 761 -9.29 22.01 7.32
N GLY A 762 -7.98 22.07 7.16
CA GLY A 762 -7.07 22.19 8.29
C GLY A 762 -6.20 23.42 8.20
N LEU A 763 -5.48 23.68 9.29
CA LEU A 763 -4.57 24.82 9.41
C LEU A 763 -3.26 24.37 10.03
N VAL A 764 -2.13 24.82 9.44
CA VAL A 764 -0.78 24.55 9.93
C VAL A 764 -0.15 25.90 10.25
N THR A 765 0.43 26.00 11.45
CA THR A 765 1.11 27.21 11.94
C THR A 765 2.37 26.81 12.70
N SER A 766 3.35 27.73 12.81
CA SER A 766 4.61 27.46 13.49
C SER A 766 4.59 27.87 14.95
N LEU A 767 5.39 27.19 15.78
CA LEU A 767 5.51 27.48 17.23
C LEU A 767 6.96 27.71 17.60
N SER A 768 7.20 28.47 18.68
CA SER A 768 8.53 28.66 19.23
C SER A 768 8.87 27.36 20.00
N GLU A 769 10.16 27.18 20.38
CA GLU A 769 10.60 25.99 21.13
C GLU A 769 9.85 25.84 22.46
N SER A 770 9.71 26.95 23.21
CA SER A 770 9.04 26.99 24.51
C SER A 770 7.55 26.68 24.40
N TRP A 771 6.87 27.21 23.36
CA TRP A 771 5.45 26.95 23.11
C TRP A 771 5.21 25.48 22.80
N TYR A 772 6.06 24.89 21.92
CA TYR A 772 5.99 23.48 21.57
C TYR A 772 6.18 22.61 22.81
N ASN A 773 7.21 22.90 23.64
CA ASN A 773 7.52 22.14 24.86
C ASN A 773 6.35 22.10 25.83
N LEU A 774 5.72 23.27 26.10
CA LEU A 774 4.55 23.37 26.98
C LEU A 774 3.36 22.58 26.42
N LEU A 775 3.05 22.74 25.11
CA LEU A 775 1.95 22.05 24.46
C LEU A 775 2.17 20.53 24.34
N LEU A 776 3.43 20.08 24.20
CA LEU A 776 3.76 18.65 24.12
C LEU A 776 3.52 17.98 25.49
N ASP A 777 3.93 18.66 26.57
CA ASP A 777 3.72 18.21 27.94
C ASP A 777 2.21 18.15 28.21
N MET A 778 1.47 19.18 27.74
CA MET A 778 0.01 19.29 27.83
C MET A 778 -0.69 18.10 27.15
N GLN A 779 -0.17 17.64 25.98
CA GLN A 779 -0.73 16.49 25.26
C GLN A 779 -0.61 15.22 26.09
N ASN A 780 0.57 14.99 26.70
CA ASN A 780 0.82 13.82 27.53
C ASN A 780 -0.08 13.80 28.76
N ARG A 781 -0.34 14.99 29.35
CA ARG A 781 -1.23 15.16 30.51
C ARG A 781 -2.69 14.92 30.11
N LEU A 782 -3.13 15.49 28.95
CA LEU A 782 -4.49 15.32 28.44
C LEU A 782 -4.77 13.86 28.07
N ASN A 783 -3.79 13.16 27.47
CA ASN A 783 -3.92 11.74 27.06
C ASN A 783 -4.16 10.78 28.24
N LYS A 784 -3.75 11.18 29.45
CA LYS A 784 -3.92 10.41 30.69
C LYS A 784 -5.34 10.58 31.24
N VAL A 785 -6.01 11.68 30.88
CA VAL A 785 -7.36 12.06 31.33
C VAL A 785 -8.45 11.71 30.29
N ILE A 786 -8.24 12.07 29.01
CA ILE A 786 -9.19 11.78 27.92
C ILE A 786 -9.11 10.29 27.58
N LYS A 787 -10.24 9.59 27.71
CA LYS A 787 -10.29 8.19 27.38
C LYS A 787 -10.57 8.04 25.89
N SER A 788 -10.04 6.98 25.30
CA SER A 788 -10.22 6.76 23.87
C SER A 788 -11.22 5.66 23.59
N VAL A 789 -12.16 5.91 22.66
CA VAL A 789 -13.17 4.94 22.23
C VAL A 789 -12.45 3.86 21.41
N GLY A 790 -12.59 2.61 21.84
CA GLY A 790 -11.90 1.48 21.24
C GLY A 790 -10.51 1.28 21.80
N LYS A 791 -10.14 2.12 22.79
CA LYS A 791 -8.87 2.14 23.53
C LYS A 791 -7.63 2.24 22.61
N ILE A 792 -7.72 3.09 21.57
CA ILE A 792 -6.61 3.36 20.65
C ILE A 792 -5.76 4.46 21.30
N GLU A 793 -4.44 4.29 21.39
CA GLU A 793 -3.57 5.32 21.98
C GLU A 793 -3.41 6.49 21.01
N HIS A 794 -3.53 7.75 21.52
CA HIS A 794 -3.37 8.96 20.71
C HIS A 794 -2.00 8.96 19.99
N SER A 795 -0.93 8.59 20.71
CA SER A 795 0.44 8.49 20.18
C SER A 795 0.55 7.49 19.02
N PHE A 796 -0.18 6.36 19.07
CA PHE A 796 -0.20 5.35 18.00
C PHE A 796 -0.87 5.94 16.75
N TRP A 797 -2.00 6.63 16.95
CA TRP A 797 -2.81 7.26 15.90
C TRP A 797 -2.02 8.32 15.15
N ARG A 798 -1.32 9.21 15.88
CA ARG A 798 -0.57 10.30 15.25
C ARG A 798 0.84 9.89 14.77
N SER A 799 1.25 8.62 15.00
CA SER A 799 2.56 8.10 14.54
C SER A 799 2.62 8.04 13.03
N PHE A 800 3.70 8.63 12.45
CA PHE A 800 3.97 8.62 11.01
C PHE A 800 3.93 7.14 10.58
N HIS A 801 3.04 6.80 9.63
CA HIS A 801 2.90 5.42 9.23
C HIS A 801 2.76 5.20 7.74
N THR A 802 3.61 4.32 7.22
CA THR A 802 3.64 3.85 5.83
C THR A 802 3.86 2.33 5.88
N GLU A 803 3.80 1.67 4.72
CA GLU A 803 4.05 0.22 4.61
C GLU A 803 5.51 -0.10 4.96
N ARG A 804 6.41 0.87 4.77
CA ARG A 804 7.85 0.78 5.00
C ARG A 804 8.26 0.98 6.47
N LYS A 805 7.72 2.00 7.15
CA LYS A 805 8.09 2.31 8.55
C LYS A 805 6.97 2.95 9.37
N THR A 806 7.10 2.85 10.70
CA THR A 806 6.21 3.44 11.70
C THR A 806 7.10 4.17 12.71
N GLU A 807 6.93 5.49 12.84
CA GLU A 807 7.72 6.31 13.75
C GLU A 807 6.81 7.23 14.56
N PRO A 808 7.10 7.48 15.85
CA PRO A 808 6.25 8.40 16.63
C PRO A 808 6.28 9.81 16.05
N ALA A 809 5.17 10.55 16.18
CA ALA A 809 5.07 11.93 15.69
C ALA A 809 6.12 12.79 16.36
N THR A 810 6.74 13.70 15.59
CA THR A 810 7.77 14.60 16.09
C THR A 810 7.59 15.99 15.49
N GLY A 811 7.85 17.02 16.30
CA GLY A 811 7.75 18.41 15.90
C GLY A 811 6.37 18.89 15.52
N PHE A 812 5.32 18.12 15.87
CA PHE A 812 3.93 18.45 15.55
C PHE A 812 3.01 18.33 16.76
N ILE A 813 2.21 19.38 17.00
CA ILE A 813 1.21 19.45 18.07
C ILE A 813 -0.18 19.26 17.45
N ASP A 814 -0.99 18.38 18.05
CA ASP A 814 -2.37 18.10 17.66
C ASP A 814 -3.25 19.16 18.33
N GLY A 815 -3.56 20.20 17.56
CA GLY A 815 -4.41 21.31 17.97
C GLY A 815 -5.79 20.91 18.43
N ASP A 816 -6.39 19.86 17.79
CA ASP A 816 -7.71 19.33 18.16
C ASP A 816 -7.66 18.76 19.58
N LEU A 817 -6.58 18.03 19.91
CA LEU A 817 -6.38 17.46 21.24
C LEU A 817 -6.21 18.56 22.28
N ILE A 818 -5.35 19.56 22.00
CA ILE A 818 -5.12 20.63 22.97
C ILE A 818 -6.40 21.49 23.16
N GLU A 819 -7.19 21.72 22.09
CA GLU A 819 -8.45 22.49 22.20
C GLU A 819 -9.49 21.79 23.06
N SER A 820 -9.48 20.44 23.08
CA SER A 820 -10.39 19.62 23.88
C SER A 820 -10.21 19.84 25.40
N PHE A 821 -9.18 20.59 25.82
CA PHE A 821 -8.91 20.94 27.22
C PHE A 821 -10.02 21.86 27.74
N LEU A 822 -10.50 22.80 26.90
CA LEU A 822 -11.57 23.74 27.25
C LEU A 822 -12.93 23.04 27.48
N ASP A 823 -13.08 21.80 26.98
CA ASP A 823 -14.30 21.00 27.09
C ASP A 823 -14.35 20.08 28.32
N ILE A 824 -13.19 19.81 28.96
CA ILE A 824 -13.13 18.95 30.16
C ILE A 824 -13.52 19.77 31.41
N SER A 825 -14.08 19.09 32.41
CA SER A 825 -14.52 19.68 33.67
C SER A 825 -13.39 20.34 34.47
N ARG A 826 -13.74 21.33 35.32
CA ARG A 826 -12.80 22.03 36.19
C ARG A 826 -12.01 21.06 37.12
N PRO A 827 -12.63 20.01 37.76
CA PRO A 827 -11.82 19.08 38.56
C PRO A 827 -10.79 18.30 37.75
N LYS A 828 -11.08 18.02 36.45
CA LYS A 828 -10.13 17.33 35.57
C LYS A 828 -9.04 18.28 35.03
N MET A 829 -9.36 19.59 34.90
CA MET A 829 -8.40 20.61 34.45
C MET A 829 -7.23 20.74 35.44
N GLN A 830 -7.55 20.78 36.76
CA GLN A 830 -6.57 20.88 37.84
C GLN A 830 -5.67 19.66 37.89
N GLU A 831 -6.19 18.47 37.53
CA GLU A 831 -5.38 17.26 37.50
C GLU A 831 -4.44 17.27 36.28
N VAL A 832 -4.88 17.90 35.16
CA VAL A 832 -4.08 18.05 33.94
C VAL A 832 -2.92 19.06 34.20
N VAL A 833 -3.21 20.21 34.86
CA VAL A 833 -2.21 21.26 35.13
C VAL A 833 -1.38 21.04 36.43
N ALA A 834 -1.58 19.91 37.15
CA ALA A 834 -0.89 19.60 38.40
C ALA A 834 0.63 19.46 38.28
N ASN A 835 1.38 20.33 39.00
CA ASN A 835 2.85 20.40 39.07
C ASN A 835 3.53 20.53 37.70
N ALA A 848 1.89 26.39 37.15
CA ALA A 848 0.77 26.61 36.25
C ALA A 848 -0.58 26.40 36.93
N THR A 849 -1.56 27.25 36.60
CA THR A 849 -2.93 27.17 37.12
C THR A 849 -3.87 26.81 35.97
N ALA A 850 -5.12 26.40 36.29
CA ALA A 850 -6.12 26.07 35.27
C ALA A 850 -6.36 27.29 34.37
N ASP A 851 -6.46 28.49 34.98
CA ASP A 851 -6.66 29.79 34.31
C ASP A 851 -5.54 30.15 33.34
N ASP A 852 -4.28 29.77 33.67
CA ASP A 852 -3.10 30.02 32.82
C ASP A 852 -3.29 29.29 31.48
N LEU A 853 -3.62 27.98 31.55
CA LEU A 853 -3.80 27.17 30.37
C LEU A 853 -5.11 27.47 29.63
N ILE A 854 -6.19 27.85 30.36
CA ILE A 854 -7.47 28.26 29.75
C ILE A 854 -7.20 29.45 28.83
N LYS A 855 -6.39 30.44 29.32
CA LYS A 855 -6.03 31.63 28.55
C LYS A 855 -5.16 31.26 27.33
N VAL A 856 -4.25 30.28 27.49
CA VAL A 856 -3.36 29.79 26.43
C VAL A 856 -4.19 29.12 25.31
N VAL A 857 -5.06 28.15 25.68
CA VAL A 857 -5.90 27.40 24.73
C VAL A 857 -6.92 28.33 24.02
N GLU A 858 -7.53 29.29 24.75
CA GLU A 858 -8.51 30.22 24.18
C GLU A 858 -7.90 31.12 23.11
N GLU A 859 -6.65 31.57 23.31
CA GLU A 859 -5.99 32.40 22.30
C GLU A 859 -5.62 31.54 21.07
N LEU A 860 -5.33 30.24 21.30
CA LEU A 860 -5.06 29.28 20.23
C LEU A 860 -6.30 28.95 19.39
N THR A 861 -7.52 28.98 19.98
CA THR A 861 -8.77 28.70 19.24
C THR A 861 -9.09 29.81 18.23
N ARG A 862 -8.58 31.03 18.49
CA ARG A 862 -8.76 32.23 17.68
C ARG A 862 -7.93 32.26 16.37
N ILE A 863 -7.00 31.29 16.18
CA ILE A 863 -6.19 31.24 14.95
C ILE A 863 -7.00 30.73 13.74
N HIS A 864 -8.21 30.18 13.99
CA HIS A 864 -9.13 29.69 12.96
C HIS A 864 -10.59 30.03 13.33
N ARG B 49 -5.46 0.56 -22.73
CA ARG B 49 -4.64 0.94 -21.57
C ARG B 49 -5.02 2.30 -20.96
N GLU B 50 -4.88 2.42 -19.62
CA GLU B 50 -5.21 3.64 -18.89
C GLU B 50 -4.14 4.70 -19.09
N HIS B 51 -4.56 5.93 -19.47
CA HIS B 51 -3.65 7.06 -19.67
C HIS B 51 -3.22 7.61 -18.31
N VAL B 52 -1.94 7.99 -18.18
CA VAL B 52 -1.34 8.49 -16.94
C VAL B 52 -2.12 9.70 -16.36
N LEU B 53 -2.67 10.55 -17.24
CA LEU B 53 -3.45 11.70 -16.82
C LEU B 53 -4.81 11.31 -16.30
N LYS B 54 -5.40 10.24 -16.88
CA LYS B 54 -6.70 9.70 -16.47
C LYS B 54 -6.54 9.03 -15.10
N GLN B 55 -5.36 8.42 -14.87
CA GLN B 55 -4.99 7.75 -13.62
C GLN B 55 -4.75 8.78 -12.53
N LEU B 56 -4.11 9.92 -12.87
CA LEU B 56 -3.81 11.02 -11.96
C LEU B 56 -5.05 11.77 -11.51
N GLU B 57 -6.07 11.84 -12.39
CA GLU B 57 -7.34 12.51 -12.09
C GLU B 57 -8.18 11.70 -11.12
N ARG B 58 -7.97 10.37 -11.10
CA ARG B 58 -8.64 9.46 -10.18
C ARG B 58 -8.14 9.75 -8.76
N VAL B 59 -6.83 10.01 -8.61
CA VAL B 59 -6.13 10.30 -7.35
C VAL B 59 -6.73 11.53 -6.65
N LYS B 60 -6.85 12.65 -7.37
CA LYS B 60 -7.36 13.92 -6.86
C LYS B 60 -8.75 13.82 -6.22
N ILE B 61 -9.64 12.99 -6.80
CA ILE B 61 -11.01 12.85 -6.33
C ILE B 61 -11.23 11.62 -5.42
N SER B 62 -10.31 10.63 -5.42
CA SER B 62 -10.45 9.43 -4.58
C SER B 62 -9.53 9.38 -3.35
N GLY B 63 -8.36 10.02 -3.45
CA GLY B 63 -7.36 10.01 -2.39
C GLY B 63 -6.63 8.69 -2.28
N GLN B 64 -6.64 7.91 -3.38
CA GLN B 64 -5.99 6.60 -3.47
C GLN B 64 -4.82 6.66 -4.44
N LEU B 65 -3.61 6.83 -3.89
CA LEU B 65 -2.36 6.91 -4.64
C LEU B 65 -1.43 5.83 -4.11
N SER B 66 -1.12 4.84 -4.96
CA SER B 66 -0.23 3.72 -4.59
C SER B 66 0.46 3.15 -5.83
N PRO B 67 1.70 2.58 -5.70
CA PRO B 67 2.35 1.99 -6.88
C PRO B 67 1.58 0.82 -7.51
N ARG B 68 0.79 0.06 -6.70
CA ARG B 68 -0.03 -1.07 -7.16
C ARG B 68 -1.25 -0.60 -8.00
N LEU B 69 -1.17 0.62 -8.56
CA LEU B 69 -2.16 1.25 -9.44
C LEU B 69 -1.45 1.65 -10.74
N PHE B 70 -0.19 2.10 -10.61
CA PHE B 70 0.69 2.51 -11.73
C PHE B 70 1.48 1.29 -12.25
N ARG B 71 1.13 0.10 -11.75
CA ARG B 71 1.71 -1.22 -12.04
C ARG B 71 1.76 -1.57 -13.53
N LYS B 72 0.72 -1.18 -14.29
CA LYS B 72 0.61 -1.52 -15.71
C LYS B 72 1.23 -0.49 -16.68
N LEU B 73 1.30 0.80 -16.29
CA LEU B 73 1.84 1.86 -17.15
C LEU B 73 3.39 1.81 -17.32
N PRO B 74 3.94 2.33 -18.46
CA PRO B 74 5.39 2.28 -18.68
C PRO B 74 6.24 3.11 -17.70
N PRO B 75 7.59 2.91 -17.65
CA PRO B 75 8.43 3.71 -16.74
C PRO B 75 8.37 5.21 -17.03
N ARG B 76 8.44 6.04 -15.97
CA ARG B 76 8.38 7.49 -16.12
C ARG B 76 9.67 8.07 -16.68
N VAL B 77 10.83 7.52 -16.25
CA VAL B 77 12.15 7.96 -16.70
C VAL B 77 12.99 6.77 -17.19
N CYS B 78 13.56 6.91 -18.40
CA CYS B 78 14.46 5.94 -19.02
C CYS B 78 15.73 6.65 -19.43
N VAL B 79 16.85 6.27 -18.81
CA VAL B 79 18.16 6.86 -19.10
C VAL B 79 19.20 5.75 -19.39
N SER B 80 19.94 5.89 -20.50
CA SER B 80 20.96 4.93 -20.92
C SER B 80 22.20 5.00 -20.03
N LEU B 81 22.75 3.82 -19.68
CA LEU B 81 23.93 3.61 -18.85
C LEU B 81 25.13 4.45 -19.31
N LYS B 82 25.38 4.50 -20.64
CA LYS B 82 26.48 5.22 -21.25
C LYS B 82 26.44 6.75 -21.04
N ASN B 83 25.22 7.31 -20.86
CA ASN B 83 25.03 8.75 -20.66
C ASN B 83 25.20 9.22 -19.21
N ILE B 84 25.24 8.27 -18.25
CA ILE B 84 25.37 8.59 -16.82
C ILE B 84 26.66 8.01 -16.20
N VAL B 85 27.46 7.25 -16.98
CA VAL B 85 28.71 6.65 -16.47
C VAL B 85 29.92 7.54 -16.77
N ASP B 86 30.79 7.71 -15.76
CA ASP B 86 32.03 8.48 -15.85
C ASP B 86 33.01 7.77 -16.79
N GLU B 87 33.56 8.51 -17.77
CA GLU B 87 34.46 8.00 -18.81
C GLU B 87 35.83 7.52 -18.31
N ASP B 88 36.23 7.89 -17.07
CA ASP B 88 37.50 7.47 -16.48
C ASP B 88 37.47 6.00 -16.03
N PHE B 89 36.27 5.42 -15.85
CA PHE B 89 36.04 4.03 -15.42
C PHE B 89 35.74 3.07 -16.60
N LEU B 90 36.07 3.51 -17.83
CA LEU B 90 35.86 2.74 -19.06
C LEU B 90 36.79 1.52 -19.15
N TYR B 91 38.10 1.71 -18.87
CA TYR B 91 39.11 0.66 -18.88
C TYR B 91 38.95 -0.34 -17.72
N ALA B 92 38.19 0.04 -16.67
CA ALA B 92 37.92 -0.79 -15.50
C ALA B 92 36.99 -1.96 -15.83
N GLY B 93 35.94 -1.69 -16.60
CA GLY B 93 34.97 -2.69 -17.03
C GLY B 93 34.04 -3.14 -15.92
N HIS B 94 33.22 -2.21 -15.41
CA HIS B 94 32.24 -2.47 -14.35
C HIS B 94 31.07 -3.32 -14.85
N ILE B 95 30.53 -4.17 -13.96
CA ILE B 95 29.38 -5.03 -14.24
C ILE B 95 28.26 -4.55 -13.32
N PHE B 96 27.40 -3.64 -13.83
CA PHE B 96 26.31 -3.04 -13.07
C PHE B 96 25.24 -4.05 -12.67
N LEU B 97 24.91 -4.08 -11.37
CA LEU B 97 23.96 -5.02 -10.77
C LEU B 97 22.53 -4.48 -10.69
N GLY B 98 22.38 -3.18 -10.49
CA GLY B 98 21.07 -2.52 -10.39
C GLY B 98 20.96 -1.54 -9.24
N PHE B 99 19.71 -1.21 -8.86
CA PHE B 99 19.40 -0.26 -7.79
C PHE B 99 19.29 -0.94 -6.43
N SER B 100 19.57 -0.16 -5.36
CA SER B 100 19.39 -0.63 -3.99
C SER B 100 17.89 -0.45 -3.66
N LYS B 101 17.39 -0.99 -2.53
CA LYS B 101 15.96 -0.91 -2.15
C LYS B 101 15.41 0.51 -2.28
N CYS B 102 16.15 1.51 -1.79
CA CYS B 102 15.83 2.93 -1.96
C CYS B 102 16.57 3.34 -3.25
N GLY B 103 15.88 4.07 -4.13
CA GLY B 103 16.44 4.50 -5.41
C GLY B 103 17.63 5.44 -5.40
N ARG B 104 18.29 5.61 -4.23
CA ARG B 104 19.44 6.50 -4.06
C ARG B 104 20.71 5.95 -4.72
N TYR B 105 21.00 4.64 -4.57
CA TYR B 105 22.21 4.02 -5.10
C TYR B 105 21.98 3.02 -6.24
N VAL B 106 23.05 2.80 -7.01
CA VAL B 106 23.15 1.84 -8.12
C VAL B 106 24.49 1.11 -7.97
N LEU B 107 24.44 -0.20 -7.68
CA LEU B 107 25.61 -1.04 -7.42
C LEU B 107 26.24 -1.70 -8.66
N SER B 108 27.56 -1.99 -8.59
CA SER B 108 28.36 -2.62 -9.64
C SER B 108 29.58 -3.37 -9.07
N TYR B 109 30.13 -4.34 -9.83
CA TYR B 109 31.31 -5.10 -9.41
C TYR B 109 32.41 -5.14 -10.50
N THR B 110 33.64 -5.49 -10.10
CA THR B 110 34.81 -5.62 -10.98
C THR B 110 35.48 -6.98 -10.77
N SER B 111 35.72 -7.73 -11.87
CA SER B 111 36.36 -9.05 -11.85
C SER B 111 37.80 -8.96 -12.38
N SER B 112 38.61 -8.07 -11.77
CA SER B 112 40.01 -7.81 -12.12
C SER B 112 40.95 -8.99 -11.84
N SER B 113 42.01 -9.12 -12.66
CA SER B 113 43.02 -10.18 -12.55
C SER B 113 44.39 -9.58 -12.21
N SER B 119 43.56 -17.74 -12.56
CA SER B 119 44.75 -17.92 -11.73
C SER B 119 44.65 -17.14 -10.42
N PHE B 120 44.24 -15.85 -10.51
CA PHE B 120 44.07 -14.95 -9.37
C PHE B 120 43.08 -13.84 -9.70
N TYR B 121 41.86 -13.95 -9.18
CA TYR B 121 40.80 -12.97 -9.39
C TYR B 121 40.58 -12.12 -8.14
N ILE B 122 40.43 -10.80 -8.34
CA ILE B 122 40.17 -9.83 -7.28
C ILE B 122 38.80 -9.22 -7.55
N TYR B 123 37.93 -9.20 -6.54
CA TYR B 123 36.58 -8.64 -6.69
C TYR B 123 36.38 -7.35 -5.90
N HIS B 124 35.64 -6.40 -6.48
CA HIS B 124 35.35 -5.09 -5.88
C HIS B 124 33.88 -4.74 -5.97
N LEU B 125 33.28 -4.25 -4.86
CA LEU B 125 31.89 -3.83 -4.80
C LEU B 125 31.82 -2.30 -4.75
N TYR B 126 30.98 -1.70 -5.62
CA TYR B 126 30.84 -0.25 -5.77
C TYR B 126 29.45 0.28 -5.46
N TRP B 127 29.39 1.52 -4.94
CA TRP B 127 28.16 2.24 -4.64
C TRP B 127 28.19 3.56 -5.42
N TRP B 128 27.25 3.74 -6.37
CA TRP B 128 27.17 4.93 -7.19
C TRP B 128 25.93 5.75 -6.85
N GLU B 129 26.11 7.07 -6.71
CA GLU B 129 25.03 8.00 -6.40
C GLU B 129 24.22 8.27 -7.68
N PHE B 130 22.93 7.89 -7.67
CA PHE B 130 22.02 8.06 -8.81
C PHE B 130 21.17 9.32 -8.65
N ASN B 131 21.13 10.15 -9.70
CA ASN B 131 20.36 11.39 -9.73
C ASN B 131 19.77 11.66 -11.13
N VAL B 132 18.98 10.68 -11.63
CA VAL B 132 18.29 10.69 -12.93
C VAL B 132 19.32 10.82 -14.09
N HIS B 133 19.40 11.99 -14.77
CA HIS B 133 20.27 12.26 -15.91
C HIS B 133 21.68 12.68 -15.54
N SER B 134 21.92 12.99 -14.25
CA SER B 134 23.23 13.39 -13.74
C SER B 134 24.19 12.20 -13.75
N LYS B 135 25.49 12.49 -13.91
CA LYS B 135 26.55 11.48 -13.91
C LYS B 135 26.63 10.81 -12.54
N LEU B 136 26.93 9.50 -12.52
CA LEU B 136 27.04 8.73 -11.28
C LEU B 136 28.29 9.14 -10.50
N LYS B 137 28.14 9.34 -9.19
CA LYS B 137 29.26 9.72 -8.31
C LYS B 137 29.58 8.56 -7.38
N LEU B 138 30.85 8.10 -7.41
CA LEU B 138 31.32 6.99 -6.59
C LEU B 138 31.30 7.37 -5.10
N VAL B 139 30.56 6.59 -4.30
CA VAL B 139 30.42 6.82 -2.86
C VAL B 139 31.30 5.85 -2.07
N ARG B 140 31.28 4.55 -2.45
CA ARG B 140 32.03 3.50 -1.77
C ARG B 140 32.61 2.46 -2.75
N GLN B 141 33.85 2.03 -2.48
CA GLN B 141 34.59 1.01 -3.23
C GLN B 141 35.24 0.09 -2.20
N VAL B 142 34.79 -1.17 -2.13
CA VAL B 142 35.30 -2.16 -1.18
C VAL B 142 35.89 -3.38 -1.87
N ARG B 143 36.93 -3.99 -1.27
CA ARG B 143 37.58 -5.19 -1.80
C ARG B 143 36.91 -6.44 -1.24
N LEU B 144 36.15 -7.14 -2.09
CA LEU B 144 35.42 -8.35 -1.74
C LEU B 144 36.33 -9.55 -1.52
N PHE B 145 35.97 -10.39 -0.52
CA PHE B 145 36.65 -11.62 -0.10
C PHE B 145 38.15 -11.39 0.21
N GLN B 146 38.42 -10.66 1.32
CA GLN B 146 39.75 -10.28 1.81
C GLN B 146 40.66 -11.50 2.04
N ASP B 147 41.90 -11.41 1.52
CA ASP B 147 42.97 -12.43 1.58
C ASP B 147 42.49 -13.82 1.09
N GLU B 148 41.68 -13.84 0.02
CA GLU B 148 41.15 -15.06 -0.58
C GLU B 148 41.47 -15.11 -2.07
N GLU B 149 42.30 -16.09 -2.47
CA GLU B 149 42.72 -16.29 -3.85
C GLU B 149 41.76 -17.23 -4.59
N ILE B 150 41.04 -16.69 -5.58
CA ILE B 150 40.06 -17.44 -6.38
C ILE B 150 40.63 -17.73 -7.76
N TYR B 151 40.72 -19.03 -8.10
CA TYR B 151 41.30 -19.55 -9.35
C TYR B 151 40.32 -19.57 -10.55
N SER B 152 39.02 -19.31 -10.31
CA SER B 152 37.98 -19.30 -11.35
C SER B 152 36.95 -18.19 -11.14
N ASP B 153 36.36 -17.69 -12.25
CA ASP B 153 35.35 -16.63 -12.25
C ASP B 153 34.08 -17.05 -11.52
N LEU B 154 33.73 -16.33 -10.44
CA LEU B 154 32.57 -16.59 -9.58
C LEU B 154 31.29 -15.98 -10.12
N TYR B 155 30.15 -16.65 -9.86
CA TYR B 155 28.81 -16.18 -10.21
C TYR B 155 28.31 -15.51 -8.92
N LEU B 156 28.64 -14.22 -8.74
CA LEU B 156 28.27 -13.51 -7.52
C LEU B 156 26.90 -12.83 -7.57
N THR B 157 26.23 -12.73 -6.39
CA THR B 157 24.91 -12.14 -6.21
C THR B 157 24.93 -11.20 -5.00
N VAL B 158 24.48 -9.95 -5.18
CA VAL B 158 24.43 -8.96 -4.10
C VAL B 158 22.98 -8.84 -3.60
N CYS B 159 22.78 -9.08 -2.30
CA CYS B 159 21.47 -9.08 -1.66
C CYS B 159 21.29 -8.01 -0.58
N GLU B 160 20.03 -7.70 -0.25
CA GLU B 160 19.62 -6.72 0.76
C GLU B 160 18.54 -7.29 1.66
N TRP B 161 18.64 -7.05 2.98
CA TRP B 161 17.68 -7.51 3.98
C TRP B 161 16.30 -6.80 3.88
N PRO B 162 15.20 -7.39 4.42
CA PRO B 162 13.87 -6.74 4.29
C PRO B 162 13.77 -5.32 4.83
N SER B 163 14.22 -5.08 6.08
CA SER B 163 14.14 -3.75 6.71
C SER B 163 15.50 -3.16 7.10
N ASP B 164 16.57 -3.99 7.09
CA ASP B 164 17.92 -3.53 7.45
C ASP B 164 18.63 -2.95 6.24
N ALA B 165 18.71 -1.61 6.20
CA ALA B 165 19.35 -0.86 5.12
C ALA B 165 20.84 -0.63 5.40
N SER B 166 21.28 -0.86 6.65
CA SER B 166 22.67 -0.68 7.09
C SER B 166 23.68 -1.59 6.40
N LYS B 167 23.31 -2.84 6.07
CA LYS B 167 24.21 -3.82 5.45
C LYS B 167 23.69 -4.44 4.14
N VAL B 168 24.61 -5.12 3.41
CA VAL B 168 24.38 -5.90 2.17
C VAL B 168 25.14 -7.23 2.27
N ILE B 169 24.81 -8.22 1.42
CA ILE B 169 25.46 -9.56 1.41
C ILE B 169 25.88 -9.91 -0.02
N VAL B 170 27.09 -10.48 -0.19
CA VAL B 170 27.59 -10.87 -1.51
C VAL B 170 27.87 -12.39 -1.55
N PHE B 171 27.00 -13.15 -2.23
CA PHE B 171 27.15 -14.61 -2.36
C PHE B 171 27.80 -14.94 -3.71
N GLY B 172 29.07 -15.34 -3.66
CA GLY B 172 29.83 -15.71 -4.84
C GLY B 172 30.25 -17.17 -4.82
N PHE B 173 29.98 -17.90 -5.90
CA PHE B 173 30.34 -19.32 -6.01
C PHE B 173 30.86 -19.66 -7.39
N ASN B 174 31.78 -20.63 -7.47
CA ASN B 174 32.34 -21.09 -8.74
C ASN B 174 31.55 -22.30 -9.24
N THR B 175 31.59 -22.57 -10.56
CA THR B 175 30.91 -23.70 -11.20
C THR B 175 31.36 -25.04 -10.58
N ARG B 176 32.66 -25.15 -10.22
CA ARG B 176 33.30 -26.31 -9.59
C ARG B 176 34.66 -25.89 -9.01
N SER B 177 35.01 -26.39 -7.80
CA SER B 177 36.25 -26.07 -7.08
C SER B 177 37.52 -26.56 -7.81
N ALA B 178 38.71 -26.15 -7.32
CA ALA B 178 40.02 -26.52 -7.87
C ALA B 178 41.03 -26.93 -6.81
N ASN B 179 41.91 -27.89 -7.15
CA ASN B 179 42.97 -28.41 -6.27
C ASN B 179 44.11 -29.01 -7.09
N MET B 187 44.85 -25.18 -10.07
CA MET B 187 45.13 -25.33 -11.50
C MET B 187 44.20 -26.36 -12.19
N MET B 188 43.99 -27.54 -11.56
CA MET B 188 43.13 -28.60 -12.07
C MET B 188 41.76 -28.54 -11.40
N SER B 189 40.68 -28.65 -12.21
CA SER B 189 39.30 -28.60 -11.72
C SER B 189 38.92 -29.86 -10.95
N ASP B 190 38.56 -29.68 -9.67
CA ASP B 190 38.16 -30.74 -8.74
C ASP B 190 36.64 -30.83 -8.62
N GLU B 191 36.08 -31.99 -9.01
CA GLU B 191 34.64 -32.28 -8.96
C GLU B 191 34.21 -32.58 -7.51
N ASN B 192 32.91 -32.93 -7.29
CA ASN B 192 32.28 -33.29 -6.01
C ASN B 192 32.62 -32.33 -4.84
N HIS B 193 33.08 -31.10 -5.15
CA HIS B 193 33.43 -30.05 -4.20
C HIS B 193 33.23 -28.67 -4.85
N ARG B 194 32.67 -27.72 -4.09
CA ARG B 194 32.40 -26.36 -4.57
C ARG B 194 32.69 -25.34 -3.46
N ASP B 195 33.24 -24.18 -3.85
CA ASP B 195 33.57 -23.10 -2.92
C ASP B 195 32.50 -22.03 -2.90
N ILE B 196 31.98 -21.72 -1.70
CA ILE B 196 30.97 -20.68 -1.48
C ILE B 196 31.66 -19.55 -0.71
N TYR B 197 31.57 -18.32 -1.25
CA TYR B 197 32.16 -17.11 -0.67
C TYR B 197 31.02 -16.15 -0.33
N VAL B 198 31.00 -15.65 0.92
CA VAL B 198 29.96 -14.73 1.37
C VAL B 198 30.60 -13.56 2.15
N SER B 199 30.24 -12.32 1.76
CA SER B 199 30.73 -11.10 2.39
C SER B 199 29.60 -10.18 2.84
N THR B 200 29.66 -9.71 4.10
CA THR B 200 28.66 -8.79 4.67
C THR B 200 29.30 -7.41 4.74
N VAL B 201 28.83 -6.48 3.89
CA VAL B 201 29.39 -5.13 3.80
C VAL B 201 28.39 -4.07 4.26
N ALA B 202 28.87 -3.08 5.04
CA ALA B 202 28.08 -1.96 5.53
C ALA B 202 27.94 -0.91 4.43
N VAL B 203 26.72 -0.36 4.26
CA VAL B 203 26.46 0.66 3.24
C VAL B 203 26.94 2.05 3.71
N PRO B 204 27.26 3.02 2.80
CA PRO B 204 27.68 4.36 3.26
C PRO B 204 26.61 5.09 4.09
N PRO B 205 26.98 6.02 5.00
CA PRO B 205 25.96 6.71 5.82
C PRO B 205 24.96 7.55 5.01
N PRO B 206 23.65 7.54 5.38
CA PRO B 206 22.66 8.32 4.60
C PRO B 206 22.81 9.84 4.70
N GLY B 207 23.15 10.33 5.89
CA GLY B 207 23.33 11.75 6.14
C GLY B 207 24.54 12.05 6.99
N ARG B 208 24.43 13.06 7.86
CA ARG B 208 25.47 13.51 8.78
C ARG B 208 25.58 12.49 9.92
N CYS B 209 26.78 11.91 10.10
CA CYS B 209 27.07 10.94 11.15
C CYS B 209 28.17 11.50 12.05
N ALA B 210 27.86 11.65 13.35
CA ALA B 210 28.77 12.20 14.37
C ALA B 210 30.04 11.37 14.57
N ALA B 211 29.93 10.03 14.48
CA ALA B 211 31.05 9.11 14.63
C ALA B 211 31.94 9.09 13.39
N CYS B 212 31.34 9.29 12.19
CA CYS B 212 32.05 9.33 10.90
C CYS B 212 32.89 10.59 10.80
N GLN B 213 32.36 11.73 11.30
CA GLN B 213 33.01 13.05 11.30
C GLN B 213 34.39 13.03 11.95
N ASP B 214 34.58 12.20 12.99
CA ASP B 214 35.87 12.03 13.66
C ASP B 214 36.76 11.22 12.71
N ALA B 215 37.77 11.90 12.14
CA ALA B 215 38.70 11.32 11.17
C ALA B 215 40.12 11.87 11.32
N SER B 216 41.13 11.06 10.96
CA SER B 216 42.55 11.41 11.03
C SER B 216 43.32 10.86 9.83
N ASN B 224 39.68 7.95 3.48
CA ASN B 224 38.24 7.81 3.65
C ASN B 224 37.90 7.08 4.97
N ALA B 225 38.14 7.77 6.11
CA ALA B 225 37.88 7.26 7.45
C ALA B 225 36.38 7.25 7.77
N GLN B 226 35.84 6.06 8.09
CA GLN B 226 34.43 5.84 8.40
C GLN B 226 34.31 4.94 9.63
N CYS B 227 33.36 5.28 10.54
CA CYS B 227 33.11 4.54 11.78
C CYS B 227 32.66 3.09 11.55
N LEU B 228 32.74 2.24 12.60
CA LEU B 228 32.38 0.82 12.56
C LEU B 228 30.92 0.57 12.13
N ARG B 229 29.96 1.36 12.63
CA ARG B 229 28.53 1.23 12.32
C ARG B 229 28.25 1.46 10.84
N HIS B 230 28.92 2.46 10.23
CA HIS B 230 28.76 2.81 8.83
C HIS B 230 30.04 2.57 8.00
N GLY B 231 30.80 1.54 8.37
CA GLY B 231 32.05 1.21 7.67
C GLY B 231 32.79 0.01 8.22
N PHE B 232 32.21 -1.19 8.03
CA PHE B 232 32.78 -2.47 8.42
C PHE B 232 32.59 -3.50 7.30
N MET B 233 33.27 -4.66 7.40
CA MET B 233 33.18 -5.73 6.42
C MET B 233 33.36 -7.09 7.09
N LEU B 234 32.68 -8.12 6.57
CA LEU B 234 32.76 -9.49 7.10
C LEU B 234 32.95 -10.46 5.95
N HIS B 235 33.86 -11.43 6.10
CA HIS B 235 34.15 -12.42 5.06
C HIS B 235 34.16 -13.84 5.62
N THR B 236 33.60 -14.79 4.86
CA THR B 236 33.54 -16.22 5.22
C THR B 236 33.58 -17.10 3.96
N LYS B 237 34.08 -18.34 4.09
CA LYS B 237 34.20 -19.31 3.00
C LYS B 237 34.00 -20.74 3.49
N TYR B 238 33.19 -21.52 2.75
CA TYR B 238 32.92 -22.92 3.08
C TYR B 238 32.82 -23.82 1.86
N GLN B 239 33.29 -25.08 2.02
CA GLN B 239 33.27 -26.11 0.98
C GLN B 239 32.00 -26.96 1.09
N VAL B 240 31.28 -27.10 -0.03
CA VAL B 240 30.03 -27.89 -0.11
C VAL B 240 30.23 -29.14 -0.99
N VAL B 241 29.56 -30.24 -0.62
CA VAL B 241 29.64 -31.54 -1.31
C VAL B 241 28.33 -31.88 -2.05
N TYR B 242 28.30 -33.05 -2.73
CA TYR B 242 27.13 -33.52 -3.50
C TYR B 242 26.04 -34.16 -2.60
N PRO B 243 24.74 -33.85 -2.79
CA PRO B 243 24.18 -32.86 -3.74
C PRO B 243 24.46 -31.43 -3.29
N PHE B 244 24.93 -30.59 -4.23
CA PHE B 244 25.30 -29.20 -3.97
C PHE B 244 24.10 -28.38 -3.50
N PRO B 245 24.18 -27.79 -2.27
CA PRO B 245 23.03 -27.02 -1.74
C PRO B 245 22.46 -25.96 -2.65
N THR B 246 21.14 -25.77 -2.56
CA THR B 246 20.39 -24.81 -3.37
C THR B 246 20.55 -23.39 -2.85
N PHE B 247 20.72 -22.42 -3.77
CA PHE B 247 20.81 -21.02 -3.40
C PHE B 247 19.37 -20.52 -3.17
N GLN B 248 19.09 -20.06 -1.94
CA GLN B 248 17.76 -19.59 -1.52
C GLN B 248 17.82 -18.16 -0.91
N PRO B 249 18.21 -17.11 -1.69
CA PRO B 249 18.36 -15.76 -1.09
C PRO B 249 17.16 -15.20 -0.31
N ALA B 250 15.92 -15.47 -0.75
CA ALA B 250 14.70 -14.96 -0.11
C ALA B 250 14.47 -15.52 1.29
N PHE B 251 14.74 -16.83 1.49
CA PHE B 251 14.58 -17.49 2.78
C PHE B 251 15.78 -17.28 3.67
N GLN B 252 17.00 -17.43 3.11
CA GLN B 252 18.28 -17.29 3.81
C GLN B 252 18.43 -15.96 4.53
N LEU B 253 17.75 -14.90 4.03
CA LEU B 253 17.82 -13.57 4.62
C LEU B 253 16.45 -13.04 5.08
N LYS B 254 15.45 -13.93 5.24
CA LYS B 254 14.10 -13.55 5.69
C LYS B 254 14.12 -12.90 7.08
N LYS B 255 15.03 -13.34 7.97
CA LYS B 255 15.25 -12.73 9.28
C LYS B 255 16.16 -11.52 9.05
N ASP B 256 15.70 -10.33 9.47
CA ASP B 256 16.30 -9.01 9.25
C ASP B 256 17.81 -8.87 9.51
N GLN B 257 18.43 -9.69 10.37
CA GLN B 257 19.87 -9.56 10.64
C GLN B 257 20.65 -10.88 10.50
N VAL B 258 19.97 -11.95 10.06
CA VAL B 258 20.54 -13.30 9.95
C VAL B 258 20.71 -13.79 8.50
N VAL B 259 21.79 -14.55 8.27
CA VAL B 259 22.12 -15.24 7.03
C VAL B 259 22.10 -16.73 7.38
N LEU B 260 21.31 -17.52 6.66
CA LEU B 260 21.25 -18.97 6.89
C LEU B 260 22.11 -19.61 5.80
N LEU B 261 23.20 -20.29 6.19
CA LEU B 261 24.09 -20.90 5.21
C LEU B 261 24.15 -22.42 5.33
N ASN B 262 23.85 -23.11 4.23
CA ASN B 262 23.88 -24.57 4.16
C ASN B 262 25.28 -25.00 3.75
N THR B 263 26.07 -25.49 4.74
CA THR B 263 27.45 -25.93 4.56
C THR B 263 27.50 -27.42 4.16
N SER B 264 26.36 -27.99 3.69
CA SER B 264 26.10 -29.39 3.32
C SER B 264 25.94 -30.28 4.55
N TYR B 265 26.78 -30.06 5.57
CA TYR B 265 26.82 -30.81 6.84
C TYR B 265 26.00 -30.17 7.95
N SER B 266 25.87 -28.82 7.92
CA SER B 266 25.13 -28.06 8.93
C SER B 266 24.55 -26.74 8.39
N LEU B 267 23.49 -26.22 9.04
CA LEU B 267 22.88 -24.93 8.71
C LEU B 267 23.31 -23.95 9.80
N VAL B 268 24.01 -22.89 9.41
CA VAL B 268 24.52 -21.89 10.36
C VAL B 268 23.73 -20.58 10.29
N ALA B 269 23.33 -20.07 11.48
CA ALA B 269 22.61 -18.82 11.62
C ALA B 269 23.65 -17.74 11.93
N CYS B 270 23.91 -16.85 10.96
CA CYS B 270 24.93 -15.82 11.11
C CYS B 270 24.35 -14.42 11.28
N ALA B 271 24.40 -13.91 12.52
CA ALA B 271 23.89 -12.58 12.87
C ALA B 271 25.02 -11.59 13.15
N VAL B 272 25.03 -10.48 12.39
CA VAL B 272 26.02 -9.40 12.53
C VAL B 272 25.28 -8.12 12.89
N SER B 273 25.66 -7.48 14.00
CA SER B 273 25.01 -6.25 14.48
C SER B 273 25.96 -5.32 15.23
N VAL B 274 25.90 -4.02 14.91
CA VAL B 274 26.73 -2.97 15.54
C VAL B 274 25.93 -2.22 16.59
N HIS B 275 26.50 -2.10 17.81
CA HIS B 275 25.89 -1.41 18.93
C HIS B 275 26.86 -0.36 19.48
N GLU C 46 22.07 -25.87 25.86
CA GLU C 46 21.94 -27.14 26.58
C GLU C 46 21.96 -28.39 25.66
N PRO C 47 21.21 -28.51 24.53
CA PRO C 47 21.28 -29.73 23.71
C PRO C 47 22.61 -29.91 22.96
N GLY C 48 22.90 -31.16 22.61
CA GLY C 48 24.12 -31.56 21.91
C GLY C 48 24.17 -31.22 20.43
N TYR C 49 22.99 -31.10 19.78
CA TYR C 49 22.88 -30.78 18.35
C TYR C 49 23.15 -29.30 18.03
N VAL C 50 23.01 -28.42 19.03
CA VAL C 50 23.21 -26.99 18.85
C VAL C 50 24.57 -26.53 19.41
N ASN C 51 25.21 -25.60 18.68
CA ASN C 51 26.49 -24.99 19.02
C ASN C 51 26.36 -23.48 18.80
N TYR C 52 26.74 -22.70 19.81
CA TYR C 52 26.65 -21.24 19.77
C TYR C 52 27.97 -20.57 20.11
N THR C 53 28.40 -19.63 19.26
CA THR C 53 29.64 -18.85 19.44
C THR C 53 29.36 -17.37 19.27
N LYS C 54 29.94 -16.54 20.16
CA LYS C 54 29.77 -15.09 20.17
C LYS C 54 31.12 -14.39 20.28
N LEU C 55 31.39 -13.43 19.36
CA LEU C 55 32.63 -12.66 19.32
C LEU C 55 32.35 -11.16 19.10
N TYR C 56 32.99 -10.32 19.91
CA TYR C 56 32.85 -8.85 19.86
C TYR C 56 34.06 -8.20 19.18
N TYR C 57 33.84 -7.09 18.44
CA TYR C 57 34.91 -6.40 17.72
C TYR C 57 34.85 -4.87 17.84
N VAL C 58 36.04 -4.24 17.85
CA VAL C 58 36.24 -2.77 17.93
C VAL C 58 37.47 -2.33 17.12
N LEU C 59 37.42 -1.09 16.58
CA LEU C 59 38.50 -0.49 15.80
C LEU C 59 39.68 -0.06 16.69
N SER C 77 30.44 -24.35 12.97
CA SER C 77 31.48 -23.32 13.08
C SER C 77 32.04 -22.94 11.72
N LEU C 78 32.25 -21.63 11.50
CA LEU C 78 32.79 -21.07 10.25
C LEU C 78 33.89 -20.03 10.49
N PRO C 79 34.94 -19.98 9.64
CA PRO C 79 35.99 -18.96 9.85
C PRO C 79 35.55 -17.58 9.38
N PHE C 80 35.91 -16.54 10.14
CA PHE C 80 35.53 -15.16 9.81
C PHE C 80 36.72 -14.23 9.67
N VAL C 81 36.82 -13.57 8.51
CA VAL C 81 37.87 -12.60 8.21
C VAL C 81 37.24 -11.20 8.31
N VAL C 82 36.70 -10.86 9.50
CA VAL C 82 36.06 -9.57 9.78
C VAL C 82 37.10 -8.45 9.72
N THR C 83 36.82 -7.43 8.90
CA THR C 83 37.72 -6.30 8.66
C THR C 83 36.96 -4.96 8.52
N ASP C 84 37.68 -3.87 8.26
CA ASP C 84 37.11 -2.55 8.03
C ASP C 84 37.02 -2.35 6.50
N LEU C 85 36.85 -1.10 6.03
CA LEU C 85 36.76 -0.81 4.59
C LEU C 85 38.12 -0.92 3.89
N ARG C 86 39.22 -0.85 4.67
CA ARG C 86 40.60 -0.94 4.16
C ARG C 86 41.13 -2.39 4.12
N GLY C 87 41.54 -2.94 5.26
CA GLY C 87 42.08 -4.30 5.35
C GLY C 87 42.53 -4.77 6.72
N ARG C 88 42.33 -3.94 7.76
CA ARG C 88 42.71 -4.25 9.15
C ARG C 88 41.71 -5.26 9.74
N ASN C 89 42.23 -6.44 10.18
CA ASN C 89 41.45 -7.56 10.74
C ASN C 89 40.77 -7.27 12.10
N LEU C 90 40.65 -5.97 12.48
CA LEU C 90 40.03 -5.49 13.73
C LEU C 90 40.64 -6.14 14.98
N ARG C 91 39.85 -6.36 16.05
CA ARG C 91 40.34 -6.96 17.28
C ARG C 91 39.41 -8.07 17.80
N PRO C 92 39.81 -9.37 17.67
CA PRO C 92 38.95 -10.45 18.16
C PRO C 92 39.03 -10.63 19.67
N MET C 93 37.96 -10.26 20.38
CA MET C 93 37.88 -10.34 21.84
C MET C 93 36.45 -10.51 22.37
N ARG C 94 36.32 -10.76 23.69
CA ARG C 94 35.07 -10.91 24.42
C ARG C 94 35.11 -10.01 25.67
N GLU C 95 36.22 -9.26 25.84
CA GLU C 95 36.52 -8.36 26.94
C GLU C 95 35.50 -7.25 27.17
N ARG C 96 35.51 -6.68 28.40
CA ARG C 96 34.61 -5.63 28.86
C ARG C 96 34.95 -4.23 28.30
N THR C 97 33.93 -3.60 27.69
CA THR C 97 33.97 -2.25 27.14
C THR C 97 32.62 -1.62 27.51
N ALA C 98 32.53 -1.13 28.76
CA ALA C 98 31.32 -0.54 29.38
C ALA C 98 30.67 0.57 28.56
N VAL C 99 29.31 0.58 28.55
CA VAL C 99 28.41 1.52 27.85
C VAL C 99 28.45 1.27 26.31
N GLN C 100 27.32 1.50 25.61
CA GLN C 100 27.17 1.33 24.16
C GLN C 100 28.02 2.38 23.40
N GLY C 101 29.31 2.10 23.29
CA GLY C 101 30.28 2.96 22.62
C GLY C 101 30.80 2.42 21.30
N GLN C 102 29.85 1.95 20.45
CA GLN C 102 30.05 1.37 19.12
C GLN C 102 30.97 0.13 19.10
N TYR C 103 30.35 -1.05 19.07
CA TYR C 103 31.02 -2.35 19.04
C TYR C 103 30.29 -3.32 18.13
N LEU C 104 31.02 -4.21 17.48
CA LEU C 104 30.47 -5.23 16.58
C LEU C 104 30.13 -6.49 17.37
N THR C 105 29.08 -7.22 16.93
CA THR C 105 28.64 -8.45 17.57
C THR C 105 28.33 -9.52 16.52
N VAL C 106 29.08 -10.62 16.53
CA VAL C 106 28.85 -11.73 15.60
C VAL C 106 28.32 -12.95 16.36
N GLU C 107 27.31 -13.60 15.78
CA GLU C 107 26.66 -14.77 16.38
C GLU C 107 26.63 -15.93 15.39
N GLN C 108 26.87 -17.16 15.90
CA GLN C 108 26.89 -18.37 15.08
C GLN C 108 26.13 -19.53 15.73
N LEU C 109 24.87 -19.74 15.33
CA LEU C 109 24.04 -20.83 15.84
C LEU C 109 24.00 -21.94 14.78
N THR C 110 24.67 -23.06 15.07
CA THR C 110 24.77 -24.20 14.14
C THR C 110 23.69 -25.26 14.40
N LEU C 111 23.43 -26.10 13.40
CA LEU C 111 22.46 -27.20 13.47
C LEU C 111 23.00 -28.37 12.66
N ASP C 112 23.56 -29.38 13.35
CA ASP C 112 24.14 -30.57 12.73
C ASP C 112 23.06 -31.47 12.15
N PHE C 113 22.98 -31.55 10.80
CA PHE C 113 22.00 -32.35 10.07
C PHE C 113 22.11 -33.82 10.44
N GLU C 114 23.35 -34.35 10.50
CA GLU C 114 23.67 -35.73 10.87
C GLU C 114 22.99 -36.11 12.19
N TYR C 115 23.05 -35.23 13.21
CA TYR C 115 22.44 -35.42 14.53
C TYR C 115 20.91 -35.49 14.40
N VAL C 116 20.30 -34.45 13.77
CA VAL C 116 18.85 -34.32 13.57
C VAL C 116 18.28 -35.57 12.92
N ILE C 117 18.90 -36.03 11.80
CA ILE C 117 18.51 -37.22 11.04
C ILE C 117 18.45 -38.45 11.95
N ASN C 118 19.56 -38.76 12.66
CA ASN C 118 19.61 -39.90 13.57
C ASN C 118 18.62 -39.81 14.73
N GLU C 119 18.36 -38.58 15.24
CA GLU C 119 17.42 -38.34 16.35
C GLU C 119 15.96 -38.53 15.94
N VAL C 120 15.57 -38.05 14.74
CA VAL C 120 14.19 -38.17 14.25
C VAL C 120 13.86 -39.61 13.83
N ILE C 121 14.84 -40.36 13.26
CA ILE C 121 14.62 -41.76 12.87
C ILE C 121 14.42 -42.64 14.12
N ARG C 122 15.26 -42.41 15.16
CA ARG C 122 15.23 -43.14 16.42
C ARG C 122 13.94 -42.93 17.24
N HIS C 123 13.47 -41.67 17.35
CA HIS C 123 12.32 -41.34 18.19
C HIS C 123 11.00 -41.05 17.47
N ASP C 124 11.03 -40.58 16.22
CA ASP C 124 9.78 -40.17 15.56
C ASP C 124 9.44 -40.88 14.23
N ALA C 125 10.20 -41.93 13.86
CA ALA C 125 9.93 -42.69 12.64
C ALA C 125 9.38 -44.07 12.99
N THR C 126 8.18 -44.38 12.46
CA THR C 126 7.51 -45.68 12.67
C THR C 126 8.33 -46.79 12.01
N TRP C 127 8.95 -46.47 10.86
CA TRP C 127 9.84 -47.36 10.11
C TRP C 127 11.28 -47.35 10.66
N GLY C 128 11.47 -46.67 11.80
CA GLY C 128 12.76 -46.53 12.49
C GLY C 128 13.45 -47.83 12.85
N HIS C 129 12.66 -48.88 13.13
CA HIS C 129 13.15 -50.22 13.47
C HIS C 129 13.75 -50.93 12.24
N GLN C 130 13.28 -50.56 11.03
CA GLN C 130 13.71 -51.10 9.74
C GLN C 130 15.04 -50.50 9.26
N PHE C 131 15.31 -49.25 9.65
CA PHE C 131 16.49 -48.44 9.28
C PHE C 131 17.83 -49.09 9.64
N CYS C 132 18.80 -48.98 8.72
CA CYS C 132 20.17 -49.49 8.88
C CYS C 132 21.15 -48.30 8.96
N SER C 133 21.33 -47.58 7.84
CA SER C 133 22.23 -46.42 7.72
C SER C 133 21.80 -45.52 6.56
N PHE C 134 22.14 -44.22 6.63
CA PHE C 134 21.82 -43.28 5.56
C PHE C 134 23.07 -42.86 4.76
N SER C 135 22.87 -42.41 3.51
CA SER C 135 23.91 -41.99 2.57
C SER C 135 23.93 -40.46 2.47
N ASP C 136 23.63 -39.90 1.29
CA ASP C 136 23.58 -38.47 1.04
C ASP C 136 22.27 -37.87 1.57
N TYR C 137 22.29 -36.56 1.84
CA TYR C 137 21.14 -35.81 2.34
C TYR C 137 21.11 -34.40 1.77
N ASP C 138 19.92 -33.97 1.30
CA ASP C 138 19.72 -32.64 0.71
C ASP C 138 18.75 -31.81 1.54
N ILE C 139 19.20 -30.62 1.97
CA ILE C 139 18.41 -29.73 2.81
C ILE C 139 17.94 -28.50 2.04
N VAL C 140 16.62 -28.30 2.04
CA VAL C 140 15.94 -27.18 1.38
C VAL C 140 15.05 -26.50 2.44
N ILE C 141 15.24 -25.17 2.62
CA ILE C 141 14.42 -24.39 3.56
C ILE C 141 13.04 -24.19 2.93
N LEU C 142 11.98 -24.49 3.68
CA LEU C 142 10.60 -24.34 3.22
C LEU C 142 9.98 -23.01 3.69
N GLU C 143 10.36 -22.55 4.91
CA GLU C 143 9.87 -21.30 5.51
C GLU C 143 10.79 -20.75 6.60
N VAL C 144 10.79 -19.41 6.77
CA VAL C 144 11.52 -18.68 7.80
C VAL C 144 10.54 -17.67 8.39
N CYS C 145 10.18 -17.84 9.67
CA CYS C 145 9.26 -16.95 10.35
C CYS C 145 10.06 -15.96 11.21
N PRO C 146 10.28 -14.70 10.77
CA PRO C 146 11.09 -13.77 11.57
C PRO C 146 10.47 -13.32 12.90
N GLU C 147 9.13 -13.34 12.98
CA GLU C 147 8.40 -12.95 14.19
C GLU C 147 8.56 -13.96 15.32
N THR C 148 8.51 -15.28 15.00
CA THR C 148 8.66 -16.36 15.97
C THR C 148 10.07 -16.96 15.98
N ASN C 149 10.96 -16.52 15.05
CA ASN C 149 12.34 -17.00 14.87
C ASN C 149 12.35 -18.52 14.67
N GLN C 150 11.60 -18.99 13.66
CA GLN C 150 11.47 -20.41 13.35
C GLN C 150 11.86 -20.70 11.90
N VAL C 151 12.81 -21.63 11.72
CA VAL C 151 13.29 -22.03 10.40
C VAL C 151 12.76 -23.44 10.08
N LEU C 152 11.86 -23.53 9.11
CA LEU C 152 11.29 -24.80 8.68
C LEU C 152 12.15 -25.36 7.55
N ILE C 153 12.86 -26.46 7.81
CA ILE C 153 13.74 -27.11 6.85
C ILE C 153 13.24 -28.49 6.46
N ASN C 154 13.34 -28.82 5.16
CA ASN C 154 12.97 -30.13 4.64
C ASN C 154 14.27 -30.91 4.47
N ILE C 155 14.24 -32.20 4.80
CA ILE C 155 15.42 -33.09 4.73
C ILE C 155 15.20 -34.28 3.79
N GLY C 156 15.84 -34.23 2.62
CA GLY C 156 15.83 -35.30 1.63
C GLY C 156 16.81 -36.35 2.10
N LEU C 157 16.41 -37.63 2.10
CA LEU C 157 17.29 -38.67 2.63
C LEU C 157 17.33 -39.95 1.83
N LEU C 158 18.56 -40.39 1.48
CA LEU C 158 18.82 -41.66 0.82
C LEU C 158 19.27 -42.59 1.93
N LEU C 159 18.55 -43.69 2.16
CA LEU C 159 18.87 -44.62 3.25
C LEU C 159 18.86 -46.09 2.85
N LEU C 160 19.28 -46.94 3.79
CA LEU C 160 19.30 -48.40 3.69
C LEU C 160 18.38 -48.92 4.79
N ALA C 161 17.39 -49.76 4.43
CA ALA C 161 16.42 -50.32 5.37
C ALA C 161 15.78 -51.60 4.86
N PHE C 162 15.35 -52.47 5.79
CA PHE C 162 14.65 -53.71 5.48
C PHE C 162 13.18 -53.37 5.18
N PRO C 163 12.47 -54.13 4.31
CA PRO C 163 11.06 -53.79 4.03
C PRO C 163 10.12 -54.33 5.13
N SER C 164 8.80 -54.34 4.84
CA SER C 164 7.75 -54.85 5.75
C SER C 164 7.97 -56.35 6.07
N PRO C 165 7.41 -56.92 7.19
CA PRO C 165 7.64 -58.34 7.50
C PRO C 165 7.12 -59.38 6.48
N THR C 166 6.61 -58.90 5.32
CA THR C 166 6.08 -59.69 4.20
C THR C 166 7.17 -60.55 3.56
N LEU C 171 13.60 -62.10 3.45
CA LEU C 171 13.82 -60.66 3.56
C LEU C 171 15.13 -60.24 2.84
N ARG C 172 15.29 -58.91 2.60
CA ARG C 172 16.44 -58.31 1.92
C ARG C 172 16.54 -56.78 2.19
N PRO C 173 17.73 -56.23 2.56
CA PRO C 173 17.80 -54.77 2.79
C PRO C 173 17.76 -53.98 1.47
N LYS C 174 16.98 -52.87 1.43
CA LYS C 174 16.79 -52.07 0.20
C LYS C 174 17.10 -50.58 0.36
N THR C 175 17.42 -49.90 -0.77
CA THR C 175 17.69 -48.47 -0.83
C THR C 175 16.36 -47.74 -0.98
N TYR C 176 16.11 -46.76 -0.10
CA TYR C 176 14.86 -45.98 -0.07
C TYR C 176 15.14 -44.48 -0.03
N HIS C 177 14.10 -43.69 -0.34
CA HIS C 177 14.11 -42.22 -0.28
C HIS C 177 12.94 -41.73 0.55
N THR C 178 13.19 -40.74 1.43
CA THR C 178 12.17 -40.16 2.30
C THR C 178 12.37 -38.64 2.51
N SER C 179 11.39 -37.98 3.14
CA SER C 179 11.38 -36.55 3.43
C SER C 179 11.16 -36.31 4.93
N LEU C 180 11.97 -35.41 5.52
CA LEU C 180 11.88 -35.07 6.94
C LEU C 180 11.73 -33.56 7.17
N LYS C 181 10.53 -33.13 7.54
CA LYS C 181 10.28 -31.71 7.81
C LYS C 181 10.53 -31.45 9.29
N VAL C 182 11.41 -30.48 9.58
CA VAL C 182 11.83 -30.11 10.93
C VAL C 182 11.81 -28.59 11.15
N ALA C 183 11.14 -28.14 12.23
CA ALA C 183 11.07 -26.74 12.66
C ALA C 183 12.24 -26.47 13.60
N TRP C 184 13.04 -25.43 13.31
CA TRP C 184 14.20 -25.08 14.13
C TRP C 184 14.06 -23.67 14.72
N ASP C 185 13.92 -23.61 16.06
CA ASP C 185 13.79 -22.38 16.84
C ASP C 185 15.16 -21.70 16.93
N LEU C 186 15.22 -20.38 16.67
CA LEU C 186 16.48 -19.64 16.70
C LEU C 186 16.77 -19.05 18.09
N ASN C 187 15.72 -18.80 18.90
CA ASN C 187 15.86 -18.28 20.26
C ASN C 187 16.46 -19.37 21.16
N THR C 188 15.82 -20.56 21.16
CA THR C 188 16.22 -21.71 21.97
C THR C 188 17.34 -22.56 21.33
N GLY C 189 17.30 -22.68 20.00
CA GLY C 189 18.25 -23.48 19.24
C GLY C 189 17.78 -24.91 19.09
N ILE C 190 16.69 -25.25 19.82
CA ILE C 190 16.01 -26.54 19.89
C ILE C 190 15.18 -26.81 18.63
N PHE C 191 15.36 -28.00 18.02
CA PHE C 191 14.60 -28.41 16.85
C PHE C 191 13.40 -29.26 17.27
N GLU C 192 12.37 -29.29 16.41
CA GLU C 192 11.15 -30.07 16.60
C GLU C 192 10.78 -30.71 15.27
N THR C 193 10.35 -31.97 15.29
CA THR C 193 9.96 -32.70 14.09
C THR C 193 8.49 -32.47 13.79
N VAL C 194 8.17 -32.13 12.51
CA VAL C 194 6.79 -31.83 12.10
C VAL C 194 6.26 -32.78 11.00
N SER C 195 7.15 -33.58 10.35
CA SER C 195 6.77 -34.54 9.32
C SER C 195 7.85 -35.60 9.07
N VAL C 196 7.46 -36.88 9.10
CA VAL C 196 8.32 -38.03 8.84
C VAL C 196 7.65 -38.78 7.67
N GLY C 197 8.22 -38.61 6.48
CA GLY C 197 7.72 -39.18 5.23
C GLY C 197 7.69 -40.70 5.16
N ASP C 198 6.98 -41.22 4.14
CA ASP C 198 6.88 -42.64 3.89
C ASP C 198 8.11 -43.13 3.13
N LEU C 199 8.55 -44.36 3.44
CA LEU C 199 9.73 -44.97 2.81
C LEU C 199 9.40 -45.46 1.40
N THR C 200 9.81 -44.67 0.38
CA THR C 200 9.60 -44.97 -1.04
C THR C 200 10.86 -45.56 -1.67
N GLU C 201 10.70 -46.71 -2.36
CA GLU C 201 11.75 -47.45 -3.03
C GLU C 201 12.40 -46.68 -4.19
N VAL C 202 13.73 -46.84 -4.35
CA VAL C 202 14.51 -46.24 -5.43
C VAL C 202 14.78 -47.38 -6.43
N LYS C 203 13.93 -47.47 -7.46
CA LYS C 203 14.01 -48.50 -8.50
C LYS C 203 14.43 -47.92 -9.84
N GLY C 204 15.58 -48.39 -10.34
CA GLY C 204 16.15 -47.99 -11.63
C GLY C 204 16.49 -46.52 -11.83
N GLN C 205 16.30 -45.67 -10.80
CA GLN C 205 16.58 -44.23 -10.87
C GLN C 205 17.89 -43.87 -10.18
N THR C 206 18.71 -43.04 -10.85
CA THR C 206 20.03 -42.59 -10.38
C THR C 206 19.94 -41.56 -9.23
N SER C 207 21.12 -41.25 -8.63
CA SER C 207 21.27 -40.29 -7.53
C SER C 207 20.81 -38.88 -7.94
N GLY C 208 21.09 -38.51 -9.18
CA GLY C 208 20.68 -37.23 -9.74
C GLY C 208 19.18 -37.11 -9.93
N SER C 209 18.55 -38.22 -10.36
CA SER C 209 17.12 -38.35 -10.60
C SER C 209 16.31 -38.20 -9.32
N VAL C 210 16.78 -38.79 -8.21
CA VAL C 210 16.11 -38.76 -6.92
C VAL C 210 16.20 -37.38 -6.25
N TRP C 211 17.32 -36.65 -6.44
CA TRP C 211 17.49 -35.31 -5.85
C TRP C 211 16.74 -34.24 -6.63
N SER C 212 16.57 -34.45 -7.94
CA SER C 212 15.83 -33.54 -8.81
C SER C 212 14.34 -33.62 -8.47
N SER C 213 13.83 -34.85 -8.27
CA SER C 213 12.44 -35.15 -7.91
C SER C 213 12.10 -34.59 -6.53
N TYR C 214 13.08 -34.61 -5.61
CA TYR C 214 12.91 -34.11 -4.25
C TYR C 214 12.80 -32.59 -4.25
N ARG C 215 13.77 -31.89 -4.87
CA ARG C 215 13.78 -30.42 -4.95
C ARG C 215 12.53 -29.90 -5.64
N LYS C 216 12.06 -30.60 -6.69
CA LYS C 216 10.83 -30.28 -7.42
C LYS C 216 9.63 -30.23 -6.46
N SER C 217 9.55 -31.19 -5.51
CA SER C 217 8.48 -31.28 -4.51
C SER C 217 8.55 -30.12 -3.51
N CYS C 218 9.79 -29.70 -3.13
CA CYS C 218 10.03 -28.57 -2.22
C CYS C 218 9.50 -27.30 -2.87
N VAL C 219 9.86 -27.09 -4.17
CA VAL C 219 9.42 -25.96 -4.98
C VAL C 219 7.89 -26.00 -5.07
N ASP C 220 7.31 -27.18 -5.40
CA ASP C 220 5.87 -27.42 -5.51
C ASP C 220 5.10 -26.95 -4.27
N MET C 221 5.65 -27.22 -3.07
CA MET C 221 5.05 -26.88 -1.78
C MET C 221 5.11 -25.40 -1.47
N VAL C 222 6.29 -24.76 -1.64
CA VAL C 222 6.47 -23.33 -1.35
C VAL C 222 5.58 -22.47 -2.26
N MET C 223 5.42 -22.85 -3.54
CA MET C 223 4.55 -22.16 -4.51
C MET C 223 3.08 -22.28 -4.08
N LYS C 224 2.69 -23.46 -3.56
CA LYS C 224 1.34 -23.79 -3.08
C LYS C 224 0.97 -22.97 -1.85
N TRP C 225 1.96 -22.70 -0.97
CA TRP C 225 1.77 -21.96 0.27
C TRP C 225 2.17 -20.49 0.17
N LEU C 226 2.63 -20.05 -1.02
CA LEU C 226 3.07 -18.67 -1.30
C LEU C 226 1.99 -17.63 -1.07
N VAL C 227 2.25 -16.74 -0.10
CA VAL C 227 1.40 -15.61 0.27
C VAL C 227 2.21 -14.33 -0.08
N PRO C 228 1.64 -13.40 -0.90
CA PRO C 228 2.40 -12.21 -1.29
C PRO C 228 2.77 -11.30 -0.11
N GLU C 229 4.01 -10.79 -0.11
CA GLU C 229 4.57 -9.91 0.91
C GLU C 229 4.45 -8.45 0.52
N SER C 230 4.44 -7.55 1.53
CA SER C 230 4.33 -6.09 1.37
C SER C 230 5.53 -5.47 0.62
N SER C 231 5.29 -4.34 -0.07
CA SER C 231 6.34 -3.61 -0.81
C SER C 231 7.24 -2.86 0.18
N GLY C 232 8.21 -3.58 0.72
CA GLY C 232 9.16 -3.06 1.70
C GLY C 232 9.70 -4.11 2.66
N ARG C 233 9.35 -5.38 2.42
CA ARG C 233 9.78 -6.55 3.21
C ARG C 233 10.42 -7.61 2.28
N TYR C 234 10.66 -7.20 1.02
CA TYR C 234 11.25 -7.98 -0.06
C TYR C 234 12.77 -8.10 0.09
N VAL C 235 13.33 -9.29 -0.18
CA VAL C 235 14.77 -9.51 -0.13
C VAL C 235 15.30 -9.21 -1.54
N ASN C 236 16.00 -8.07 -1.70
CA ASN C 236 16.55 -7.66 -2.99
C ASN C 236 17.66 -8.62 -3.42
N ARG C 237 17.62 -9.06 -4.68
CA ARG C 237 18.57 -9.99 -5.27
C ARG C 237 19.09 -9.39 -6.58
N MET C 238 20.39 -9.12 -6.67
CA MET C 238 21.01 -8.49 -7.84
C MET C 238 22.18 -9.31 -8.37
N THR C 239 22.13 -9.68 -9.66
CA THR C 239 23.18 -10.43 -10.35
C THR C 239 23.16 -10.15 -11.86
N ASN C 240 24.34 -9.86 -12.43
CA ASN C 240 24.48 -9.56 -13.86
C ASN C 240 25.50 -10.48 -14.53
N GLU C 241 25.11 -11.04 -15.69
CA GLU C 241 25.93 -11.95 -16.51
C GLU C 241 26.81 -11.20 -17.51
N ALA C 242 27.99 -11.77 -17.82
CA ALA C 242 28.97 -11.22 -18.76
C ALA C 242 29.53 -12.29 -19.69
N SER C 248 22.97 -11.86 -19.91
CA SER C 248 23.17 -10.45 -19.58
C SER C 248 21.85 -9.71 -19.40
N LEU C 249 21.85 -8.67 -18.54
CA LEU C 249 20.67 -7.84 -18.27
C LEU C 249 20.51 -6.73 -19.32
N LYS C 250 19.25 -6.39 -19.65
CA LYS C 250 18.92 -5.35 -20.62
C LYS C 250 18.63 -4.03 -19.90
N VAL C 251 17.82 -4.08 -18.81
CA VAL C 251 17.46 -2.91 -18.00
C VAL C 251 17.68 -3.14 -16.50
N LEU C 252 17.98 -2.05 -15.77
CA LEU C 252 18.13 -2.01 -14.32
C LEU C 252 16.95 -1.16 -13.85
N ALA C 253 15.95 -1.81 -13.23
CA ALA C 253 14.72 -1.12 -12.84
C ALA C 253 14.59 -0.78 -11.37
N ASP C 254 14.03 0.40 -11.11
CA ASP C 254 13.69 0.93 -9.80
C ASP C 254 12.17 0.94 -9.84
N SER C 255 11.56 -0.20 -9.45
CA SER C 255 10.12 -0.48 -9.49
C SER C 255 9.24 0.55 -8.78
N GLU C 256 9.61 0.96 -7.55
CA GLU C 256 8.86 1.91 -6.74
C GLU C 256 8.87 3.35 -7.31
N ARG C 257 9.89 3.70 -8.12
CA ARG C 257 9.98 5.04 -8.70
C ARG C 257 9.88 5.06 -10.24
N TYR C 258 9.57 3.89 -10.86
CA TYR C 258 9.40 3.68 -12.31
C TYR C 258 10.53 4.30 -13.15
N THR C 259 11.77 3.99 -12.74
CA THR C 259 12.99 4.48 -13.38
C THR C 259 13.81 3.29 -13.89
N TRP C 260 14.26 3.36 -15.15
CA TRP C 260 15.05 2.32 -15.78
C TRP C 260 16.41 2.81 -16.25
N ILE C 261 17.43 1.94 -16.17
CA ILE C 261 18.74 2.20 -16.71
C ILE C 261 18.91 1.18 -17.83
N VAL C 262 18.97 1.65 -19.07
CA VAL C 262 19.11 0.80 -20.25
C VAL C 262 20.60 0.47 -20.45
N LEU C 263 20.94 -0.83 -20.44
CA LEU C 263 22.31 -1.32 -20.60
C LEU C 263 22.61 -1.65 -22.06
N ARG D 24 29.79 -28.60 -23.17
CA ARG D 24 29.77 -29.25 -24.47
C ARG D 24 28.35 -29.53 -25.00
N MET D 25 27.32 -29.49 -24.13
CA MET D 25 25.93 -29.73 -24.50
C MET D 25 24.96 -28.71 -23.89
N ARG D 26 24.13 -28.09 -24.74
CA ARG D 26 23.16 -27.07 -24.35
C ARG D 26 21.73 -27.59 -24.54
N LEU D 27 20.85 -27.29 -23.57
CA LEU D 27 19.45 -27.71 -23.59
C LEU D 27 18.49 -26.52 -23.51
N TYR D 28 17.26 -26.71 -24.02
CA TYR D 28 16.20 -25.71 -23.98
C TYR D 28 15.17 -26.14 -22.94
N VAL D 29 14.90 -25.26 -21.97
CA VAL D 29 13.90 -25.51 -20.93
C VAL D 29 12.70 -24.56 -21.15
N GLY D 30 11.51 -25.13 -21.23
CA GLY D 30 10.28 -24.38 -21.49
C GLY D 30 9.10 -24.79 -20.64
N SER D 31 7.93 -24.15 -20.90
CA SER D 31 6.65 -24.34 -20.21
C SER D 31 6.81 -24.29 -18.67
N LEU D 32 7.48 -23.22 -18.19
CA LEU D 32 7.75 -22.97 -16.78
C LEU D 32 6.79 -21.94 -16.19
N HIS D 33 6.48 -22.08 -14.89
CA HIS D 33 5.64 -21.15 -14.14
C HIS D 33 6.40 -19.83 -14.00
N PHE D 34 5.69 -18.70 -14.19
CA PHE D 34 6.23 -17.34 -14.19
C PHE D 34 7.02 -16.94 -12.92
N ASN D 35 6.86 -17.70 -11.80
CA ASN D 35 7.58 -17.43 -10.55
C ASN D 35 8.78 -18.37 -10.33
N ILE D 36 9.09 -19.27 -11.30
CA ILE D 36 10.23 -20.18 -11.22
C ILE D 36 11.50 -19.35 -11.48
N THR D 37 12.42 -19.36 -10.50
CA THR D 37 13.67 -18.61 -10.53
C THR D 37 14.81 -19.40 -11.17
N GLU D 38 15.91 -18.72 -11.50
CA GLU D 38 17.13 -19.30 -12.09
C GLU D 38 17.76 -20.28 -11.08
N ASP D 39 17.78 -19.89 -9.78
CA ASP D 39 18.29 -20.67 -8.63
C ASP D 39 17.52 -21.98 -8.46
N MET D 40 16.20 -21.96 -8.75
CA MET D 40 15.32 -23.13 -8.68
C MET D 40 15.69 -24.09 -9.80
N LEU D 41 15.93 -23.55 -11.01
CA LEU D 41 16.31 -24.31 -12.19
C LEU D 41 17.69 -24.93 -12.03
N ARG D 42 18.62 -24.20 -11.37
CA ARG D 42 19.97 -24.67 -11.09
C ARG D 42 19.85 -25.89 -10.17
N GLY D 43 19.06 -25.76 -9.10
CA GLY D 43 18.83 -26.81 -8.11
C GLY D 43 18.23 -28.09 -8.67
N ILE D 44 17.28 -27.97 -9.61
CA ILE D 44 16.60 -29.11 -10.24
C ILE D 44 17.50 -29.83 -11.27
N PHE D 45 18.27 -29.06 -12.07
CA PHE D 45 19.13 -29.61 -13.13
C PHE D 45 20.56 -30.01 -12.69
N GLU D 46 21.14 -29.35 -11.66
CA GLU D 46 22.49 -29.63 -11.16
C GLU D 46 22.75 -31.08 -10.72
N PRO D 47 21.83 -31.84 -10.07
CA PRO D 47 22.17 -33.22 -9.67
C PRO D 47 22.50 -34.17 -10.82
N PHE D 48 22.10 -33.84 -12.06
CA PHE D 48 22.39 -34.67 -13.24
C PHE D 48 23.85 -34.57 -13.70
N GLY D 49 24.44 -33.39 -13.55
CA GLY D 49 25.82 -33.12 -13.93
C GLY D 49 26.22 -31.66 -13.76
N ARG D 50 27.52 -31.36 -14.03
CA ARG D 50 28.07 -30.00 -13.92
C ARG D 50 27.50 -29.08 -15.00
N ILE D 51 27.06 -27.88 -14.60
CA ILE D 51 26.49 -26.88 -15.52
C ILE D 51 27.41 -25.67 -15.67
N GLU D 52 27.77 -25.34 -16.93
CA GLU D 52 28.62 -24.21 -17.28
C GLU D 52 27.85 -22.88 -17.18
N SER D 53 26.61 -22.82 -17.72
CA SER D 53 25.78 -21.62 -17.73
C SER D 53 24.28 -21.90 -17.79
N ILE D 54 23.50 -21.11 -17.02
CA ILE D 54 22.04 -21.14 -16.96
C ILE D 54 21.54 -19.71 -17.19
N GLN D 55 20.68 -19.51 -18.20
CA GLN D 55 20.13 -18.19 -18.47
C GLN D 55 18.61 -18.25 -18.70
N LEU D 56 17.85 -17.87 -17.65
CA LEU D 56 16.40 -17.81 -17.69
C LEU D 56 16.02 -16.46 -18.26
N MET D 57 15.27 -16.48 -19.38
CA MET D 57 14.84 -15.26 -20.07
C MET D 57 13.81 -14.49 -19.27
N MET D 58 14.09 -13.19 -19.04
CA MET D 58 13.23 -12.29 -18.28
C MET D 58 12.66 -11.17 -19.15
N ASP D 59 11.46 -10.68 -18.78
CA ASP D 59 10.79 -9.58 -19.47
C ASP D 59 11.31 -8.25 -18.94
N SER D 60 11.78 -7.37 -19.85
CA SER D 60 12.31 -6.05 -19.52
C SER D 60 11.16 -5.14 -19.02
N GLU D 61 10.01 -5.19 -19.72
CA GLU D 61 8.77 -4.49 -19.39
C GLU D 61 7.98 -5.42 -18.46
N THR D 62 7.75 -4.98 -17.20
CA THR D 62 7.09 -5.74 -16.12
C THR D 62 8.01 -6.93 -15.76
N GLY D 63 9.06 -6.62 -15.00
CA GLY D 63 10.11 -7.53 -14.56
C GLY D 63 9.64 -8.85 -13.99
N ARG D 64 9.56 -9.88 -14.84
CA ARG D 64 9.15 -11.24 -14.51
C ARG D 64 9.71 -12.23 -15.54
N SER D 65 9.83 -13.51 -15.15
CA SER D 65 10.32 -14.61 -16.00
C SER D 65 9.41 -14.85 -17.20
N LYS D 66 10.02 -15.07 -18.39
CA LYS D 66 9.30 -15.33 -19.65
C LYS D 66 8.72 -16.76 -19.72
N GLY D 67 9.23 -17.66 -18.87
CA GLY D 67 8.81 -19.04 -18.80
C GLY D 67 9.69 -20.00 -19.56
N TYR D 68 10.79 -19.49 -20.15
CA TYR D 68 11.74 -20.30 -20.92
C TYR D 68 13.19 -19.88 -20.66
N GLY D 69 14.12 -20.78 -20.94
CA GLY D 69 15.54 -20.54 -20.75
C GLY D 69 16.45 -21.58 -21.37
N PHE D 70 17.76 -21.48 -21.07
CA PHE D 70 18.79 -22.37 -21.59
C PHE D 70 19.78 -22.80 -20.51
N ILE D 71 19.98 -24.12 -20.36
CA ILE D 71 20.90 -24.73 -19.41
C ILE D 71 22.00 -25.44 -20.22
N THR D 72 23.28 -25.15 -19.93
CA THR D 72 24.40 -25.72 -20.68
C THR D 72 25.28 -26.63 -19.81
N PHE D 73 25.07 -27.96 -19.92
CA PHE D 73 25.83 -28.98 -19.19
C PHE D 73 27.25 -29.11 -19.74
N SER D 74 28.21 -29.43 -18.87
CA SER D 74 29.61 -29.63 -19.24
C SER D 74 29.78 -30.95 -19.99
N ASP D 75 28.94 -31.95 -19.67
CA ASP D 75 28.95 -33.27 -20.29
C ASP D 75 27.69 -33.54 -21.11
N SER D 76 27.85 -34.23 -22.25
CA SER D 76 26.78 -34.59 -23.17
C SER D 76 25.81 -35.63 -22.57
N GLU D 77 26.35 -36.73 -22.00
CA GLU D 77 25.57 -37.81 -21.38
C GLU D 77 24.82 -37.35 -20.13
N CYS D 78 25.37 -36.34 -19.42
CA CYS D 78 24.74 -35.75 -18.24
C CYS D 78 23.51 -34.92 -18.62
N ALA D 79 23.58 -34.26 -19.79
CA ALA D 79 22.49 -33.45 -20.34
C ALA D 79 21.36 -34.35 -20.88
N LYS D 80 21.73 -35.52 -21.46
CA LYS D 80 20.81 -36.52 -22.02
C LYS D 80 19.88 -37.08 -20.95
N LYS D 81 20.44 -37.45 -19.78
CA LYS D 81 19.71 -38.01 -18.64
C LYS D 81 18.83 -36.98 -17.95
N ALA D 82 19.20 -35.69 -18.02
CA ALA D 82 18.44 -34.58 -17.45
C ALA D 82 17.15 -34.40 -18.26
N LEU D 83 17.22 -34.56 -19.59
CA LEU D 83 16.10 -34.46 -20.53
C LEU D 83 15.14 -35.63 -20.31
N GLU D 84 15.67 -36.86 -20.29
CA GLU D 84 14.94 -38.12 -20.10
C GLU D 84 14.12 -38.14 -18.81
N GLN D 85 14.65 -37.54 -17.72
CA GLN D 85 14.02 -37.54 -16.40
C GLN D 85 13.22 -36.26 -16.06
N LEU D 86 13.22 -35.23 -16.94
CA LEU D 86 12.49 -34.00 -16.65
C LEU D 86 11.45 -33.58 -17.71
N ASN D 87 11.64 -34.00 -18.99
CA ASN D 87 10.72 -33.65 -20.08
C ASN D 87 9.34 -34.30 -19.92
N GLY D 88 8.32 -33.45 -19.91
CA GLY D 88 6.91 -33.83 -19.78
C GLY D 88 6.41 -33.94 -18.35
N PHE D 89 7.31 -33.72 -17.36
CA PHE D 89 6.96 -33.81 -15.95
C PHE D 89 6.69 -32.45 -15.32
N GLU D 90 5.54 -32.34 -14.62
CA GLU D 90 5.03 -31.11 -13.99
C GLU D 90 5.95 -30.53 -12.90
N LEU D 91 6.19 -29.20 -13.00
CA LEU D 91 7.02 -28.41 -12.08
C LEU D 91 6.19 -27.78 -10.94
N ALA D 92 4.99 -27.27 -11.28
CA ALA D 92 4.03 -26.69 -10.34
C ALA D 92 2.67 -27.34 -10.66
N GLY D 93 2.27 -27.19 -11.91
CA GLY D 93 1.05 -27.73 -12.51
C GLY D 93 1.19 -27.67 -14.01
N ARG D 94 2.32 -27.09 -14.47
CA ARG D 94 2.70 -26.90 -15.86
C ARG D 94 3.71 -28.00 -16.23
N PRO D 95 3.46 -28.85 -17.25
CA PRO D 95 4.44 -29.90 -17.59
C PRO D 95 5.65 -29.30 -18.32
N MET D 96 6.84 -29.43 -17.70
CA MET D 96 8.12 -28.92 -18.21
C MET D 96 8.48 -29.51 -19.58
N LYS D 97 8.98 -28.67 -20.49
CA LYS D 97 9.38 -29.09 -21.84
C LYS D 97 10.89 -28.88 -22.04
N VAL D 98 11.66 -29.98 -21.91
CA VAL D 98 13.12 -29.98 -22.05
C VAL D 98 13.52 -30.57 -23.41
N GLY D 99 14.24 -29.78 -24.21
CA GLY D 99 14.69 -30.16 -25.54
C GLY D 99 16.14 -29.82 -25.86
N HIS D 100 16.54 -30.03 -27.13
CA HIS D 100 17.88 -29.75 -27.64
C HIS D 100 17.93 -28.47 -28.48
N VAL D 101 19.14 -28.09 -28.96
CA VAL D 101 19.36 -26.88 -29.78
C VAL D 101 20.15 -27.18 -31.06
N THR D 102 19.93 -26.36 -32.12
CA THR D 102 20.54 -26.40 -33.46
C THR D 102 20.41 -27.80 -34.13
N ASP E 27 -43.35 0.54 -11.49
CA ASP E 27 -44.57 -0.25 -11.36
C ASP E 27 -44.61 -1.04 -10.04
N PHE E 28 -43.45 -1.60 -9.62
CA PHE E 28 -43.32 -2.37 -8.38
C PHE E 28 -42.38 -1.69 -7.38
N LEU E 29 -42.96 -0.79 -6.57
CA LEU E 29 -42.28 0.01 -5.53
C LEU E 29 -43.08 0.01 -4.23
N LYS E 30 -44.42 0.14 -4.36
CA LYS E 30 -45.44 0.21 -3.30
C LYS E 30 -45.30 -0.85 -2.19
N GLY E 31 -45.70 -0.45 -0.98
CA GLY E 31 -45.68 -1.29 0.21
C GLY E 31 -44.35 -1.38 0.91
N LEU E 32 -43.63 -0.24 1.03
CA LEU E 32 -42.32 -0.13 1.67
C LEU E 32 -42.35 -0.46 3.18
N PRO E 33 -41.24 -0.98 3.78
CA PRO E 33 -41.25 -1.34 5.21
C PRO E 33 -41.59 -0.21 6.17
N VAL E 34 -42.44 -0.54 7.16
CA VAL E 34 -42.87 0.41 8.19
C VAL E 34 -42.47 -0.14 9.57
N TYR E 35 -41.40 0.43 10.15
CA TYR E 35 -40.92 0.05 11.49
C TYR E 35 -41.77 0.80 12.52
N ASN E 36 -42.11 2.07 12.20
CA ASN E 36 -42.95 2.98 12.98
C ASN E 36 -43.52 4.05 12.03
N LYS E 37 -44.85 4.23 12.05
CA LYS E 37 -45.56 5.19 11.20
C LYS E 37 -45.16 6.63 11.50
N SER E 38 -45.02 6.95 12.81
CA SER E 38 -44.68 8.27 13.36
C SER E 38 -43.38 8.88 12.84
N ASN E 39 -42.33 8.04 12.67
CA ASN E 39 -40.98 8.39 12.25
C ASN E 39 -40.89 9.46 11.14
N PHE E 40 -41.63 9.32 10.04
CA PHE E 40 -41.54 10.37 9.01
C PHE E 40 -42.91 10.95 8.65
N SER E 41 -43.68 11.33 9.69
CA SER E 41 -44.99 11.96 9.59
C SER E 41 -44.81 13.46 9.82
N ARG E 42 -44.01 13.83 10.85
CA ARG E 42 -43.68 15.21 11.19
C ARG E 42 -42.40 15.56 10.43
N PHE E 43 -42.41 16.67 9.66
CA PHE E 43 -41.26 17.06 8.86
C PHE E 43 -40.25 17.96 9.58
N HIS E 44 -38.99 17.83 9.15
CA HIS E 44 -37.81 18.54 9.64
C HIS E 44 -37.63 19.90 8.92
N ALA E 45 -36.37 20.28 8.57
CA ALA E 45 -36.03 21.54 7.90
C ALA E 45 -36.49 21.55 6.44
N PRO E 56 -24.68 17.49 16.05
CA PRO E 56 -24.55 16.49 17.10
C PRO E 56 -23.48 16.84 18.14
N SER E 57 -23.78 16.58 19.43
CA SER E 57 -22.89 16.84 20.57
C SER E 57 -21.66 15.93 20.53
N VAL E 58 -20.46 16.51 20.73
CA VAL E 58 -19.19 15.78 20.74
C VAL E 58 -19.00 14.96 22.02
N TYR E 59 -18.58 13.70 21.87
CA TYR E 59 -18.36 12.77 22.97
C TYR E 59 -16.89 12.79 23.39
N LEU E 60 -16.63 13.33 24.58
CA LEU E 60 -15.29 13.41 25.18
C LEU E 60 -15.28 12.40 26.34
N PRO E 61 -14.77 11.17 26.13
CA PRO E 61 -14.81 10.16 27.21
C PRO E 61 -13.99 10.52 28.44
N THR E 62 -14.70 10.73 29.56
CA THR E 62 -14.14 11.06 30.87
C THR E 62 -13.40 9.85 31.43
N ARG E 63 -12.48 10.08 32.40
CA ARG E 63 -11.68 9.04 33.04
C ARG E 63 -12.52 7.90 33.67
N GLU E 64 -12.77 6.83 32.87
CA GLU E 64 -13.54 5.63 33.22
C GLU E 64 -13.18 4.54 32.20
N TYR E 65 -12.55 3.45 32.67
CA TYR E 65 -12.08 2.38 31.80
C TYR E 65 -12.51 0.93 32.19
N PRO E 66 -13.81 0.55 32.07
CA PRO E 66 -14.19 -0.84 32.38
C PRO E 66 -14.16 -1.78 31.16
N SER E 67 -13.21 -2.74 31.10
CA SER E 67 -13.05 -3.71 30.00
C SER E 67 -12.44 -5.03 30.47
N GLU E 68 -12.91 -6.18 29.92
CA GLU E 68 -12.42 -7.50 30.31
C GLU E 68 -12.36 -8.53 29.15
N GLN E 69 -11.84 -8.09 27.98
CA GLN E 69 -11.66 -8.93 26.77
C GLN E 69 -10.73 -8.20 25.78
N ILE E 70 -9.78 -8.94 25.18
CA ILE E 70 -8.82 -8.38 24.21
C ILE E 70 -8.74 -9.21 22.93
N ILE E 71 -8.34 -8.59 21.82
CA ILE E 71 -8.19 -9.26 20.51
C ILE E 71 -6.71 -9.45 20.20
N VAL E 72 -6.30 -10.72 19.98
CA VAL E 72 -4.92 -11.11 19.68
C VAL E 72 -4.83 -11.93 18.39
N THR E 73 -3.67 -11.90 17.70
CA THR E 73 -3.45 -12.63 16.44
C THR E 73 -2.54 -13.86 16.68
N GLU E 74 -2.80 -14.95 15.93
CA GLU E 74 -2.07 -16.22 15.92
C GLU E 74 -0.59 -15.97 15.55
N LYS E 75 0.29 -16.08 16.57
CA LYS E 75 1.73 -15.85 16.45
C LYS E 75 2.42 -16.82 15.47
N THR E 76 2.12 -18.13 15.59
CA THR E 76 2.67 -19.22 14.76
C THR E 76 2.28 -19.09 13.28
N ASN E 77 3.24 -19.42 12.38
CA ASN E 77 3.11 -19.42 10.92
C ASN E 77 2.02 -20.40 10.48
N ILE E 78 1.27 -20.05 9.43
CA ILE E 78 0.15 -20.86 8.92
C ILE E 78 0.61 -22.20 8.30
N LEU E 79 1.81 -22.24 7.68
CA LEU E 79 2.36 -23.48 7.11
C LEU E 79 2.79 -24.42 8.22
N LEU E 80 3.46 -23.87 9.27
CA LEU E 80 3.91 -24.61 10.45
C LEU E 80 2.71 -25.16 11.24
N ARG E 81 1.65 -24.33 11.41
CA ARG E 81 0.42 -24.68 12.12
C ARG E 81 -0.24 -25.90 11.48
N TYR E 82 -0.33 -25.91 10.13
CA TYR E 82 -0.91 -27.00 9.33
C TYR E 82 -0.12 -28.30 9.50
N LEU E 83 1.21 -28.25 9.39
CA LEU E 83 2.08 -29.43 9.52
C LEU E 83 2.02 -30.00 10.93
N HIS E 84 1.96 -29.12 11.96
CA HIS E 84 1.83 -29.49 13.37
C HIS E 84 0.48 -30.20 13.57
N GLN E 85 -0.60 -29.64 12.97
CA GLN E 85 -1.97 -30.16 13.01
C GLN E 85 -2.06 -31.56 12.40
N GLN E 86 -1.39 -31.78 11.24
CA GLN E 86 -1.39 -33.05 10.52
C GLN E 86 -0.57 -34.12 11.25
N TRP E 87 0.60 -33.75 11.79
CA TRP E 87 1.47 -34.68 12.51
C TRP E 87 0.91 -35.07 13.88
N ASP E 88 0.15 -34.17 14.54
CA ASP E 88 -0.49 -34.45 15.83
C ASP E 88 -1.65 -35.43 15.65
N LYS E 89 -2.32 -35.38 14.48
CA LYS E 89 -3.41 -36.27 14.10
C LYS E 89 -2.84 -37.65 13.76
N LYS E 90 -1.62 -37.67 13.20
CA LYS E 90 -0.89 -38.90 12.86
C LYS E 90 -0.47 -39.63 14.15
N ASN E 91 -0.15 -38.85 15.21
CA ASN E 91 0.23 -39.36 16.54
C ASN E 91 -0.98 -40.02 17.20
N ALA E 92 -2.20 -39.48 16.96
CA ALA E 92 -3.47 -40.01 17.47
C ALA E 92 -3.82 -41.33 16.75
N ALA E 93 -3.45 -41.43 15.45
CA ALA E 93 -3.66 -42.61 14.60
C ALA E 93 -2.71 -43.75 15.01
N LYS E 94 -1.65 -43.41 15.77
CA LYS E 94 -0.64 -44.33 16.30
C LYS E 94 -1.06 -44.82 17.70
N LYS E 95 -1.70 -43.94 18.50
CA LYS E 95 -2.16 -44.27 19.86
C LYS E 95 -3.39 -45.21 19.86
N ARG E 96 -4.21 -45.18 18.79
CA ARG E 96 -5.42 -46.02 18.67
C ARG E 96 -5.08 -47.51 18.49
N ASP E 97 -4.02 -47.81 17.71
CA ASP E 97 -3.55 -49.19 17.47
C ASP E 97 -2.75 -49.68 18.67
N GLN E 98 -1.80 -48.86 19.16
CA GLN E 98 -0.95 -49.17 20.32
C GLN E 98 -1.68 -48.83 21.61
#